data_2M1U
#
_entry.id   2M1U
#
_entity_poly.entity_id   1
_entity_poly.type   'polypeptide(L)'
_entity_poly.pdbx_seq_one_letter_code
;MGSSHHHHHHSSGLVPRGSHMSDEKTQLIEAFYNFDGDYDGFVSVEEFRGIIRDGLPMTEAEITEFFEAADPNNTGFIDY
KAFAAMLYSVDES
;
_entity_poly.pdbx_strand_id   A
#
# COMPACT_ATOMS: atom_id res chain seq x y z
N MET A 1 12.62 0.63 38.29
CA MET A 1 13.80 -0.26 38.07
C MET A 1 14.95 0.51 37.43
N GLY A 2 16.18 0.11 37.77
CA GLY A 2 17.36 0.76 37.23
C GLY A 2 17.47 0.60 35.71
N SER A 3 17.72 1.72 35.02
CA SER A 3 17.83 1.71 33.56
C SER A 3 16.55 1.20 32.91
N SER A 4 15.42 1.80 33.28
CA SER A 4 14.12 1.41 32.74
C SER A 4 13.88 2.03 31.36
N HIS A 5 14.42 3.23 31.14
CA HIS A 5 14.26 3.93 29.87
C HIS A 5 15.19 3.34 28.80
N HIS A 6 14.90 2.10 28.40
CA HIS A 6 15.69 1.39 27.39
C HIS A 6 15.07 0.04 27.08
N HIS A 7 14.97 -0.82 28.09
CA HIS A 7 14.40 -2.15 27.93
C HIS A 7 13.00 -2.23 28.54
N HIS A 8 12.87 -1.74 29.78
CA HIS A 8 11.58 -1.76 30.48
C HIS A 8 10.54 -0.91 29.73
N HIS A 9 10.71 0.41 29.78
CA HIS A 9 9.79 1.32 29.11
C HIS A 9 10.44 2.65 28.79
N HIS A 10 10.47 3.01 27.50
CA HIS A 10 11.04 4.28 27.05
C HIS A 10 9.97 5.38 27.04
N SER A 11 10.19 6.43 26.25
CA SER A 11 9.23 7.53 26.14
C SER A 11 7.81 6.98 25.94
N SER A 12 7.69 5.95 25.09
CA SER A 12 6.41 5.31 24.81
C SER A 12 6.41 3.90 25.39
N GLY A 13 5.28 3.49 25.98
CA GLY A 13 5.18 2.16 26.57
C GLY A 13 5.10 1.07 25.51
N LEU A 14 6.26 0.67 24.98
CA LEU A 14 6.34 -0.37 23.96
C LEU A 14 5.33 -0.10 22.82
N VAL A 15 5.45 1.07 22.21
CA VAL A 15 4.55 1.47 21.13
C VAL A 15 5.29 1.56 19.79
N PRO A 16 5.23 0.49 18.98
CA PRO A 16 5.88 0.45 17.67
C PRO A 16 5.23 1.42 16.67
N ARG A 17 3.91 1.59 16.79
CA ARG A 17 3.16 2.48 15.91
C ARG A 17 3.54 3.95 16.15
N GLY A 18 3.06 4.84 15.29
CA GLY A 18 3.37 6.25 15.42
C GLY A 18 4.59 6.64 14.60
N SER A 19 5.75 6.09 14.99
CA SER A 19 7.00 6.37 14.27
C SER A 19 7.42 5.15 13.43
N HIS A 20 6.43 4.40 12.95
CA HIS A 20 6.69 3.22 12.12
C HIS A 20 6.68 3.59 10.63
N MET A 21 6.53 2.58 9.76
CA MET A 21 6.51 2.81 8.32
C MET A 21 5.15 3.36 7.88
N SER A 22 4.92 4.64 8.17
CA SER A 22 3.66 5.30 7.79
C SER A 22 3.81 6.11 6.51
N ASP A 23 4.98 6.02 5.88
CA ASP A 23 5.25 6.74 4.64
C ASP A 23 5.00 5.89 3.42
N GLU A 24 4.88 4.60 3.63
CA GLU A 24 4.63 3.64 2.55
C GLU A 24 3.28 3.92 1.89
N LYS A 25 2.45 4.64 2.61
CA LYS A 25 1.12 5.03 2.13
C LYS A 25 1.22 6.36 1.39
N THR A 26 2.00 7.30 1.97
CA THR A 26 2.19 8.62 1.36
C THR A 26 2.96 8.51 0.05
N GLN A 27 3.83 7.50 -0.06
CA GLN A 27 4.59 7.27 -1.28
C GLN A 27 3.63 6.82 -2.38
N LEU A 28 2.59 6.10 -1.98
CA LEU A 28 1.57 5.60 -2.91
C LEU A 28 0.49 6.65 -3.20
N ILE A 29 0.53 7.73 -2.43
CA ILE A 29 -0.42 8.85 -2.58
C ILE A 29 -0.49 9.39 -4.00
N GLU A 30 0.53 9.06 -4.74
CA GLU A 30 0.64 9.45 -6.15
C GLU A 30 -0.40 8.78 -7.04
N ALA A 31 -1.25 7.97 -6.44
CA ALA A 31 -2.31 7.28 -7.16
C ALA A 31 -3.40 8.26 -7.56
N PHE A 32 -3.73 9.18 -6.66
CA PHE A 32 -4.74 10.21 -6.94
C PHE A 32 -4.29 11.09 -8.10
N TYR A 33 -2.97 11.26 -8.23
CA TYR A 33 -2.38 12.09 -9.30
C TYR A 33 -1.56 11.22 -10.25
N ASN A 34 -2.27 10.50 -11.14
CA ASN A 34 -1.68 9.60 -12.16
C ASN A 34 -2.31 8.20 -12.11
N PHE A 35 -3.49 8.10 -11.50
CA PHE A 35 -4.21 6.82 -11.40
C PHE A 35 -5.57 7.02 -10.71
N ASP A 36 -6.25 8.11 -11.06
CA ASP A 36 -7.57 8.42 -10.48
C ASP A 36 -8.34 9.40 -11.36
N GLY A 37 -8.33 9.15 -12.68
CA GLY A 37 -9.04 10.00 -13.60
C GLY A 37 -10.47 9.57 -13.81
N ASP A 38 -10.66 8.39 -14.39
CA ASP A 38 -11.99 7.86 -14.64
C ASP A 38 -11.97 6.32 -14.61
N TYR A 39 -11.68 5.76 -13.43
CA TYR A 39 -11.61 4.31 -13.27
C TYR A 39 -12.43 3.86 -12.06
N ASP A 40 -13.11 2.72 -12.22
CA ASP A 40 -13.95 2.17 -11.14
C ASP A 40 -13.08 1.39 -10.14
N GLY A 41 -13.72 0.54 -9.33
CA GLY A 41 -12.99 -0.24 -8.35
C GLY A 41 -12.44 -1.54 -8.91
N PHE A 42 -11.87 -1.48 -10.12
CA PHE A 42 -11.30 -2.65 -10.77
C PHE A 42 -10.22 -2.24 -11.78
N VAL A 43 -9.02 -2.79 -11.60
CA VAL A 43 -7.90 -2.50 -12.50
C VAL A 43 -7.06 -3.75 -12.72
N SER A 44 -6.79 -4.07 -13.98
CA SER A 44 -5.99 -5.25 -14.32
C SER A 44 -4.52 -5.04 -13.95
N VAL A 45 -3.84 -6.14 -13.63
CA VAL A 45 -2.42 -6.11 -13.26
C VAL A 45 -1.59 -5.49 -14.37
N GLU A 46 -1.90 -5.87 -15.61
CA GLU A 46 -1.19 -5.36 -16.78
C GLU A 46 -1.16 -3.84 -16.79
N GLU A 47 -2.33 -3.22 -16.60
CA GLU A 47 -2.44 -1.76 -16.57
C GLU A 47 -1.78 -1.21 -15.30
N PHE A 48 -2.00 -1.90 -14.18
CA PHE A 48 -1.43 -1.51 -12.90
C PHE A 48 0.09 -1.40 -12.97
N ARG A 49 0.73 -2.37 -13.63
CA ARG A 49 2.19 -2.39 -13.77
C ARG A 49 2.70 -1.08 -14.36
N GLY A 50 2.13 -0.67 -15.50
CA GLY A 50 2.54 0.57 -16.15
C GLY A 50 2.37 1.78 -15.26
N ILE A 51 1.26 1.85 -14.54
CA ILE A 51 0.97 2.96 -13.64
C ILE A 51 1.94 2.97 -12.46
N ILE A 52 2.11 1.80 -11.84
CA ILE A 52 3.00 1.65 -10.68
C ILE A 52 4.46 1.96 -11.04
N ARG A 53 4.87 1.58 -12.24
CA ARG A 53 6.25 1.80 -12.71
C ARG A 53 6.73 3.22 -12.45
N ASP A 54 6.02 4.20 -13.02
CA ASP A 54 6.39 5.61 -12.86
C ASP A 54 5.36 6.37 -12.02
N GLY A 55 4.49 5.65 -11.32
CA GLY A 55 3.48 6.28 -10.49
C GLY A 55 3.72 6.11 -9.01
N LEU A 56 3.54 4.88 -8.53
CA LEU A 56 3.72 4.57 -7.12
C LEU A 56 5.03 3.81 -6.88
N PRO A 57 5.98 4.41 -6.13
CA PRO A 57 7.27 3.79 -5.83
C PRO A 57 7.12 2.57 -4.94
N MET A 58 7.13 1.39 -5.58
CA MET A 58 6.99 0.14 -4.88
C MET A 58 7.94 -0.91 -5.44
N THR A 59 8.46 -1.76 -4.57
CA THR A 59 9.38 -2.83 -4.97
C THR A 59 8.59 -4.07 -5.42
N GLU A 60 9.20 -4.89 -6.28
CA GLU A 60 8.55 -6.11 -6.77
C GLU A 60 7.89 -6.88 -5.65
N ALA A 61 8.65 -7.16 -4.60
CA ALA A 61 8.16 -7.90 -3.44
C ALA A 61 6.86 -7.32 -2.87
N GLU A 62 6.58 -6.05 -3.19
CA GLU A 62 5.36 -5.40 -2.71
C GLU A 62 4.27 -5.50 -3.79
N ILE A 63 4.63 -5.12 -5.02
CA ILE A 63 3.69 -5.17 -6.14
C ILE A 63 3.40 -6.60 -6.58
N THR A 64 4.46 -7.40 -6.70
CA THR A 64 4.33 -8.80 -7.12
C THR A 64 3.65 -9.63 -6.04
N GLU A 65 4.09 -9.44 -4.80
CA GLU A 65 3.50 -10.17 -3.68
C GLU A 65 2.04 -9.76 -3.50
N PHE A 66 1.71 -8.62 -4.06
CA PHE A 66 0.36 -8.10 -4.02
C PHE A 66 -0.39 -8.47 -5.30
N PHE A 67 0.34 -8.57 -6.42
CA PHE A 67 -0.25 -8.91 -7.72
C PHE A 67 -0.84 -10.32 -7.68
N GLU A 68 -0.18 -11.23 -6.95
CA GLU A 68 -0.65 -12.60 -6.82
C GLU A 68 -1.64 -12.74 -5.67
N ALA A 69 -1.40 -11.99 -4.58
CA ALA A 69 -2.26 -12.02 -3.40
C ALA A 69 -3.59 -11.31 -3.65
N ALA A 70 -3.65 -10.55 -4.71
CA ALA A 70 -4.84 -9.80 -5.09
C ALA A 70 -5.68 -10.59 -6.10
N ASP A 71 -5.00 -11.27 -7.03
CA ASP A 71 -5.67 -12.07 -8.05
C ASP A 71 -5.51 -13.57 -7.78
N PRO A 72 -6.59 -14.24 -7.33
CA PRO A 72 -6.56 -15.68 -7.04
C PRO A 72 -6.24 -16.52 -8.29
N ASN A 73 -6.79 -16.10 -9.42
CA ASN A 73 -6.57 -16.82 -10.69
C ASN A 73 -5.18 -16.54 -11.25
N ASN A 74 -4.66 -15.33 -11.01
CA ASN A 74 -3.35 -14.92 -11.51
C ASN A 74 -3.38 -14.75 -13.02
N THR A 75 -4.58 -14.48 -13.55
CA THR A 75 -4.78 -14.28 -14.98
C THR A 75 -4.13 -12.97 -15.43
N GLY A 76 -3.82 -12.09 -14.48
CA GLY A 76 -3.21 -10.82 -14.79
C GLY A 76 -4.13 -9.65 -14.52
N PHE A 77 -5.18 -9.88 -13.73
CA PHE A 77 -6.13 -8.82 -13.38
C PHE A 77 -6.09 -8.57 -11.88
N ILE A 78 -6.65 -7.44 -11.44
CA ILE A 78 -6.65 -7.10 -10.02
C ILE A 78 -7.95 -6.44 -9.59
N ASP A 79 -8.32 -6.69 -8.34
CA ASP A 79 -9.49 -6.09 -7.75
C ASP A 79 -9.03 -4.85 -7.00
N TYR A 80 -9.21 -3.68 -7.62
CA TYR A 80 -8.78 -2.41 -7.03
C TYR A 80 -9.00 -2.35 -5.52
N LYS A 81 -10.13 -2.88 -5.06
CA LYS A 81 -10.44 -2.90 -3.63
C LYS A 81 -9.44 -3.76 -2.86
N ALA A 82 -9.20 -4.98 -3.36
CA ALA A 82 -8.24 -5.89 -2.73
C ALA A 82 -6.88 -5.19 -2.56
N PHE A 83 -6.51 -4.40 -3.57
CA PHE A 83 -5.26 -3.67 -3.55
C PHE A 83 -5.36 -2.45 -2.62
N ALA A 84 -6.50 -1.77 -2.65
CA ALA A 84 -6.72 -0.60 -1.82
C ALA A 84 -6.75 -0.97 -0.33
N ALA A 85 -7.24 -2.17 -0.02
CA ALA A 85 -7.32 -2.65 1.36
C ALA A 85 -5.95 -2.89 1.99
N MET A 86 -4.93 -2.86 1.15
CA MET A 86 -3.55 -3.06 1.59
C MET A 86 -3.02 -1.78 2.23
N LEU A 87 -3.26 -0.64 1.59
CA LEU A 87 -2.82 0.65 2.11
C LEU A 87 -3.83 1.28 3.05
N TYR A 88 -4.98 0.66 3.09
CA TYR A 88 -6.08 1.10 3.95
C TYR A 88 -6.43 0.03 4.98
N SER A 89 -5.48 -0.84 5.28
CA SER A 89 -5.67 -1.91 6.27
C SER A 89 -5.49 -1.39 7.69
N VAL A 90 -6.28 -0.39 8.06
CA VAL A 90 -6.22 0.21 9.39
C VAL A 90 -7.61 0.29 10.03
N ASP A 91 -8.50 -0.62 9.62
CA ASP A 91 -9.86 -0.66 10.14
C ASP A 91 -10.32 -2.11 10.31
N GLU A 92 -10.18 -2.62 11.54
CA GLU A 92 -10.58 -4.00 11.84
C GLU A 92 -12.05 -4.07 12.24
N SER A 93 -12.76 -5.06 11.69
CA SER A 93 -14.18 -5.27 11.98
C SER A 93 -15.05 -4.20 11.31
N MET A 1 14.61 -16.53 14.09
CA MET A 1 13.59 -16.41 15.17
C MET A 1 13.34 -17.76 15.85
N GLY A 2 12.66 -18.65 15.14
CA GLY A 2 12.37 -19.97 15.69
C GLY A 2 13.23 -21.06 15.09
N SER A 3 12.67 -22.27 14.98
CA SER A 3 13.40 -23.39 14.42
C SER A 3 12.46 -24.32 13.66
N SER A 4 11.54 -24.95 14.40
CA SER A 4 10.58 -25.86 13.81
C SER A 4 9.38 -26.07 14.74
N HIS A 5 9.01 -25.02 15.47
CA HIS A 5 7.88 -25.10 16.39
C HIS A 5 6.85 -24.04 16.08
N HIS A 6 5.58 -24.43 16.07
CA HIS A 6 4.49 -23.51 15.78
C HIS A 6 4.17 -22.65 17.00
N HIS A 7 4.97 -21.61 17.20
CA HIS A 7 4.77 -20.70 18.33
C HIS A 7 5.15 -19.28 17.96
N HIS A 8 4.75 -18.32 18.78
CA HIS A 8 5.06 -16.92 18.55
C HIS A 8 4.56 -16.04 19.70
N HIS A 9 5.28 -14.97 19.97
CA HIS A 9 4.90 -14.05 21.04
C HIS A 9 3.52 -13.46 20.80
N HIS A 10 3.37 -12.74 19.68
CA HIS A 10 2.10 -12.12 19.33
C HIS A 10 1.67 -11.13 20.40
N SER A 11 0.76 -10.23 20.03
CA SER A 11 0.25 -9.23 20.97
C SER A 11 1.34 -8.22 21.32
N SER A 12 2.33 -8.67 22.09
CA SER A 12 3.44 -7.81 22.50
C SER A 12 4.75 -8.58 22.52
N GLY A 13 5.54 -8.41 21.46
CA GLY A 13 6.82 -9.11 21.38
C GLY A 13 7.78 -8.67 22.47
N LEU A 14 8.96 -8.22 22.07
CA LEU A 14 9.97 -7.78 23.03
C LEU A 14 10.69 -6.52 22.53
N VAL A 15 9.98 -5.70 21.77
CA VAL A 15 10.54 -4.48 21.22
C VAL A 15 9.44 -3.49 20.86
N PRO A 16 8.90 -2.76 21.85
CA PRO A 16 7.84 -1.77 21.61
C PRO A 16 8.22 -0.77 20.53
N ARG A 17 7.21 -0.05 20.03
CA ARG A 17 7.44 0.94 18.98
C ARG A 17 6.41 2.07 19.07
N GLY A 18 5.15 1.74 18.81
CA GLY A 18 4.10 2.72 18.87
C GLY A 18 4.32 3.88 17.90
N SER A 19 4.05 5.10 18.37
CA SER A 19 4.23 6.28 17.54
C SER A 19 3.39 6.19 16.27
N HIS A 20 3.62 7.11 15.34
CA HIS A 20 2.88 7.15 14.09
C HIS A 20 3.59 6.34 13.01
N MET A 21 2.92 5.30 12.52
CA MET A 21 3.49 4.44 11.49
C MET A 21 2.52 4.27 10.32
N SER A 22 1.77 5.32 10.03
CA SER A 22 0.81 5.29 8.94
C SER A 22 1.34 6.02 7.70
N ASP A 23 2.59 6.43 7.77
CA ASP A 23 3.23 7.15 6.67
C ASP A 23 3.55 6.20 5.52
N GLU A 24 3.49 4.93 5.83
CA GLU A 24 3.77 3.88 4.84
C GLU A 24 2.74 3.87 3.73
N LYS A 25 1.64 4.54 4.00
CA LYS A 25 0.54 4.65 3.05
C LYS A 25 0.71 5.91 2.19
N THR A 26 1.34 6.92 2.75
CA THR A 26 1.55 8.18 2.04
C THR A 26 2.38 7.94 0.77
N GLN A 27 3.22 6.92 0.80
CA GLN A 27 4.03 6.58 -0.36
C GLN A 27 3.13 6.24 -1.54
N LEU A 28 1.90 5.81 -1.22
CA LEU A 28 0.91 5.45 -2.22
C LEU A 28 0.10 6.65 -2.66
N ILE A 29 0.25 7.72 -1.91
CA ILE A 29 -0.44 8.98 -2.18
C ILE A 29 -0.01 9.60 -3.48
N GLU A 30 1.08 9.10 -3.96
CA GLU A 30 1.66 9.55 -5.22
C GLU A 30 0.92 8.99 -6.43
N ALA A 31 -0.13 8.24 -6.14
CA ALA A 31 -0.95 7.63 -7.17
C ALA A 31 -2.13 8.52 -7.53
N PHE A 32 -2.60 9.29 -6.56
CA PHE A 32 -3.73 10.19 -6.77
C PHE A 32 -3.47 11.15 -7.93
N TYR A 33 -2.19 11.37 -8.24
CA TYR A 33 -1.81 12.27 -9.32
C TYR A 33 -1.52 11.50 -10.60
N ASN A 34 -2.19 10.36 -10.77
CA ASN A 34 -2.01 9.53 -11.95
C ASN A 34 -2.91 8.30 -11.89
N PHE A 35 -4.13 8.49 -11.40
CA PHE A 35 -5.09 7.40 -11.30
C PHE A 35 -6.52 7.93 -11.32
N ASP A 36 -6.73 9.02 -12.04
CA ASP A 36 -8.06 9.62 -12.14
C ASP A 36 -8.65 9.40 -13.53
N GLY A 37 -8.30 8.29 -14.15
CA GLY A 37 -8.80 7.98 -15.47
C GLY A 37 -8.44 6.57 -15.92
N ASP A 38 -8.97 5.58 -15.21
CA ASP A 38 -8.70 4.18 -15.54
C ASP A 38 -9.98 3.35 -15.47
N TYR A 39 -11.11 3.98 -15.77
CA TYR A 39 -12.40 3.30 -15.74
C TYR A 39 -12.70 2.78 -14.33
N ASP A 40 -13.24 3.64 -13.48
CA ASP A 40 -13.57 3.27 -12.12
C ASP A 40 -12.33 2.83 -11.35
N GLY A 41 -12.54 2.27 -10.16
CA GLY A 41 -11.43 1.82 -9.35
C GLY A 41 -10.87 0.49 -9.82
N PHE A 42 -11.72 -0.32 -10.45
CA PHE A 42 -11.30 -1.63 -10.95
C PHE A 42 -10.17 -1.48 -11.96
N VAL A 43 -9.06 -2.15 -11.70
CA VAL A 43 -7.91 -2.10 -12.59
C VAL A 43 -7.20 -3.46 -12.64
N SER A 44 -6.76 -3.85 -13.84
CA SER A 44 -6.07 -5.12 -14.02
C SER A 44 -4.56 -4.95 -13.82
N VAL A 45 -3.91 -6.05 -13.46
CA VAL A 45 -2.47 -6.04 -13.24
C VAL A 45 -1.73 -5.58 -14.48
N GLU A 46 -1.97 -6.27 -15.60
CA GLU A 46 -1.33 -5.94 -16.86
C GLU A 46 -1.38 -4.45 -17.14
N GLU A 47 -2.44 -3.80 -16.65
CA GLU A 47 -2.61 -2.37 -16.82
C GLU A 47 -1.99 -1.61 -15.65
N PHE A 48 -1.97 -2.25 -14.50
CA PHE A 48 -1.40 -1.65 -13.29
C PHE A 48 0.12 -1.51 -13.42
N ARG A 49 0.75 -2.51 -14.03
CA ARG A 49 2.20 -2.50 -14.21
C ARG A 49 2.63 -1.26 -14.99
N GLY A 50 1.98 -1.01 -16.12
CA GLY A 50 2.31 0.13 -16.93
C GLY A 50 2.21 1.44 -16.16
N ILE A 51 1.38 1.45 -15.13
CA ILE A 51 1.21 2.64 -14.30
C ILE A 51 2.28 2.73 -13.23
N ILE A 52 2.57 1.61 -12.59
CA ILE A 52 3.58 1.55 -11.53
C ILE A 52 4.98 1.74 -12.12
N ARG A 53 5.16 1.33 -13.37
CA ARG A 53 6.45 1.43 -14.04
C ARG A 53 7.01 2.85 -13.91
N ASP A 54 6.25 3.83 -14.40
CA ASP A 54 6.66 5.23 -14.34
C ASP A 54 5.79 6.03 -13.38
N GLY A 55 5.01 5.33 -12.54
CA GLY A 55 4.15 6.00 -11.60
C GLY A 55 4.75 6.08 -10.21
N LEU A 56 4.54 5.04 -9.42
CA LEU A 56 5.05 5.00 -8.05
C LEU A 56 6.28 4.09 -7.95
N PRO A 57 7.25 4.45 -7.09
CA PRO A 57 8.47 3.66 -6.90
C PRO A 57 8.22 2.40 -6.07
N MET A 58 8.35 1.25 -6.72
CA MET A 58 8.14 -0.03 -6.05
C MET A 58 8.92 -1.13 -6.75
N THR A 59 9.53 -2.01 -5.97
CA THR A 59 10.30 -3.12 -6.51
C THR A 59 9.37 -4.24 -6.95
N GLU A 60 9.75 -4.95 -8.01
CA GLU A 60 8.96 -6.06 -8.55
C GLU A 60 8.37 -6.89 -7.42
N ALA A 61 9.23 -7.33 -6.53
CA ALA A 61 8.83 -8.13 -5.39
C ALA A 61 7.60 -7.53 -4.71
N GLU A 62 7.68 -6.26 -4.36
CA GLU A 62 6.55 -5.58 -3.71
C GLU A 62 5.31 -5.70 -4.58
N ILE A 63 5.39 -5.16 -5.79
CA ILE A 63 4.26 -5.21 -6.73
C ILE A 63 3.87 -6.64 -7.04
N THR A 64 4.80 -7.39 -7.62
CA THR A 64 4.58 -8.78 -7.98
C THR A 64 4.02 -9.57 -6.79
N GLU A 65 4.69 -9.45 -5.65
CA GLU A 65 4.24 -10.16 -4.46
C GLU A 65 2.91 -9.62 -3.98
N PHE A 66 2.59 -8.45 -4.50
CA PHE A 66 1.35 -7.78 -4.18
C PHE A 66 0.30 -8.08 -5.23
N PHE A 67 0.75 -8.40 -6.45
CA PHE A 67 -0.15 -8.70 -7.55
C PHE A 67 -0.78 -10.08 -7.36
N GLU A 68 0.03 -11.06 -7.03
CA GLU A 68 -0.44 -12.42 -6.83
C GLU A 68 -1.15 -12.56 -5.49
N ALA A 69 -0.80 -11.70 -4.54
CA ALA A 69 -1.42 -11.73 -3.21
C ALA A 69 -2.82 -11.16 -3.23
N ALA A 70 -3.16 -10.55 -4.34
CA ALA A 70 -4.47 -9.94 -4.53
C ALA A 70 -5.40 -10.88 -5.27
N ASP A 71 -4.95 -11.40 -6.41
CA ASP A 71 -5.75 -12.31 -7.21
C ASP A 71 -5.25 -13.75 -7.08
N PRO A 72 -6.11 -14.66 -6.56
CA PRO A 72 -5.74 -16.07 -6.37
C PRO A 72 -5.56 -16.80 -7.71
N ASN A 73 -6.40 -16.45 -8.68
CA ASN A 73 -6.33 -17.07 -10.00
C ASN A 73 -5.05 -16.69 -10.73
N ASN A 74 -4.58 -15.46 -10.48
CA ASN A 74 -3.38 -14.95 -11.11
C ASN A 74 -3.64 -14.66 -12.58
N THR A 75 -4.81 -14.10 -12.86
CA THR A 75 -5.20 -13.78 -14.22
C THR A 75 -4.78 -12.34 -14.56
N GLY A 76 -3.69 -11.89 -13.94
CA GLY A 76 -3.20 -10.54 -14.18
C GLY A 76 -4.25 -9.48 -13.92
N PHE A 77 -5.20 -9.79 -13.04
CA PHE A 77 -6.25 -8.86 -12.70
C PHE A 77 -6.28 -8.60 -11.20
N ILE A 78 -6.92 -7.50 -10.81
CA ILE A 78 -7.01 -7.14 -9.40
C ILE A 78 -8.38 -6.61 -9.04
N ASP A 79 -8.79 -6.86 -7.80
CA ASP A 79 -10.04 -6.36 -7.29
C ASP A 79 -9.75 -5.09 -6.51
N TYR A 80 -9.92 -3.94 -7.18
CA TYR A 80 -9.63 -2.64 -6.59
C TYR A 80 -9.83 -2.63 -5.07
N LYS A 81 -10.88 -3.29 -4.61
CA LYS A 81 -11.16 -3.36 -3.18
C LYS A 81 -10.06 -4.15 -2.46
N ALA A 82 -9.82 -5.37 -2.91
CA ALA A 82 -8.79 -6.21 -2.31
C ALA A 82 -7.46 -5.48 -2.27
N PHE A 83 -7.29 -4.55 -3.20
CA PHE A 83 -6.06 -3.77 -3.28
C PHE A 83 -6.19 -2.49 -2.46
N ALA A 84 -7.40 -1.96 -2.37
CA ALA A 84 -7.65 -0.73 -1.61
C ALA A 84 -7.85 -1.02 -0.12
N ALA A 85 -8.18 -2.27 0.20
CA ALA A 85 -8.41 -2.67 1.58
C ALA A 85 -7.10 -2.78 2.35
N MET A 86 -6.02 -2.72 1.63
CA MET A 86 -4.69 -2.80 2.20
C MET A 86 -4.29 -1.46 2.83
N LEU A 87 -4.73 -0.38 2.19
CA LEU A 87 -4.42 0.97 2.69
C LEU A 87 -5.56 1.51 3.52
N TYR A 88 -6.62 0.76 3.54
CA TYR A 88 -7.82 1.11 4.28
C TYR A 88 -8.17 0.03 5.29
N SER A 89 -7.19 -0.77 5.67
CA SER A 89 -7.39 -1.85 6.64
C SER A 89 -7.00 -1.40 8.04
N VAL A 90 -7.14 -0.11 8.31
CA VAL A 90 -6.80 0.43 9.62
C VAL A 90 -7.85 1.45 10.07
N ASP A 91 -9.11 1.18 9.76
CA ASP A 91 -10.21 2.07 10.13
C ASP A 91 -11.52 1.31 10.19
N GLU A 92 -11.46 0.07 10.67
CA GLU A 92 -12.66 -0.76 10.78
C GLU A 92 -12.82 -1.28 12.20
N SER A 93 -14.06 -1.26 12.69
CA SER A 93 -14.35 -1.74 14.04
C SER A 93 -14.08 -3.23 14.16
N MET A 1 17.44 5.24 28.26
CA MET A 1 18.59 6.12 27.90
C MET A 1 18.14 7.31 27.07
N GLY A 2 16.98 7.85 27.40
CA GLY A 2 16.45 8.99 26.68
C GLY A 2 15.45 8.59 25.61
N SER A 3 14.61 7.61 25.92
CA SER A 3 13.61 7.13 24.99
C SER A 3 12.60 8.23 24.65
N SER A 4 11.58 7.89 23.88
CA SER A 4 10.57 8.84 23.48
C SER A 4 9.62 9.13 24.64
N HIS A 5 8.86 8.12 25.05
CA HIS A 5 7.91 8.26 26.15
C HIS A 5 7.31 6.92 26.52
N HIS A 6 6.41 6.93 27.50
CA HIS A 6 5.76 5.71 27.96
C HIS A 6 4.29 5.97 28.29
N HIS A 7 3.53 4.89 28.46
CA HIS A 7 2.11 5.00 28.78
C HIS A 7 1.36 5.73 27.67
N HIS A 8 0.08 5.99 27.90
CA HIS A 8 -0.75 6.68 26.91
C HIS A 8 -1.55 7.79 27.57
N HIS A 9 -2.40 8.45 26.78
CA HIS A 9 -3.22 9.54 27.28
C HIS A 9 -2.34 10.69 27.79
N HIS A 10 -2.33 11.79 27.07
CA HIS A 10 -1.54 12.95 27.44
C HIS A 10 -1.77 14.12 26.48
N SER A 11 -1.85 13.80 25.20
CA SER A 11 -2.07 14.81 24.17
C SER A 11 -2.97 14.28 23.07
N SER A 12 -2.66 13.09 22.58
CA SER A 12 -3.44 12.47 21.52
C SER A 12 -3.48 10.95 21.68
N GLY A 13 -4.66 10.42 21.96
CA GLY A 13 -4.83 8.99 22.14
C GLY A 13 -5.10 8.27 20.84
N LEU A 14 -6.04 8.80 20.07
CA LEU A 14 -6.42 8.20 18.80
C LEU A 14 -5.37 8.50 17.73
N VAL A 15 -4.31 7.70 17.70
CA VAL A 15 -3.23 7.88 16.73
C VAL A 15 -2.57 9.24 16.89
N PRO A 16 -1.55 9.35 17.76
CA PRO A 16 -0.84 10.60 17.99
C PRO A 16 -0.36 11.24 16.69
N ARG A 17 0.34 12.37 16.82
CA ARG A 17 0.86 13.08 15.67
C ARG A 17 1.84 12.22 14.89
N GLY A 18 3.00 11.94 15.51
CA GLY A 18 4.01 11.12 14.86
C GLY A 18 4.47 11.72 13.55
N SER A 19 5.49 11.09 12.96
CA SER A 19 6.04 11.56 11.69
C SER A 19 6.83 10.46 10.99
N HIS A 20 6.41 9.21 11.21
CA HIS A 20 7.08 8.06 10.60
C HIS A 20 6.33 6.77 10.93
N MET A 21 5.01 6.84 10.96
CA MET A 21 4.19 5.68 11.27
C MET A 21 3.23 5.38 10.12
N SER A 22 2.35 6.33 9.81
CA SER A 22 1.39 6.16 8.75
C SER A 22 1.82 6.89 7.47
N ASP A 23 3.02 7.44 7.51
CA ASP A 23 3.57 8.16 6.37
C ASP A 23 3.97 7.22 5.25
N GLU A 24 4.04 5.96 5.59
CA GLU A 24 4.41 4.93 4.64
C GLU A 24 3.36 4.78 3.55
N LYS A 25 2.20 5.33 3.83
CA LYS A 25 1.08 5.30 2.90
C LYS A 25 1.08 6.53 2.01
N THR A 26 1.63 7.63 2.53
CA THR A 26 1.70 8.87 1.77
C THR A 26 2.55 8.71 0.52
N GLN A 27 3.53 7.82 0.59
CA GLN A 27 4.39 7.56 -0.57
C GLN A 27 3.54 7.06 -1.73
N LEU A 28 2.39 6.49 -1.40
CA LEU A 28 1.47 5.96 -2.40
C LEU A 28 0.49 7.03 -2.87
N ILE A 29 0.50 8.13 -2.16
CA ILE A 29 -0.38 9.27 -2.45
C ILE A 29 -0.06 9.89 -3.79
N GLU A 30 1.08 9.52 -4.29
CA GLU A 30 1.57 10.00 -5.57
C GLU A 30 0.87 9.30 -6.73
N ALA A 31 -0.05 8.43 -6.39
CA ALA A 31 -0.81 7.68 -7.38
C ALA A 31 -2.11 8.38 -7.72
N PHE A 32 -2.64 9.14 -6.77
CA PHE A 32 -3.89 9.86 -6.95
C PHE A 32 -3.80 10.81 -8.14
N TYR A 33 -2.57 11.18 -8.53
CA TYR A 33 -2.37 12.08 -9.65
C TYR A 33 -2.14 11.31 -10.95
N ASN A 34 -2.64 10.08 -11.00
CA ASN A 34 -2.49 9.24 -12.18
C ASN A 34 -3.22 7.91 -12.01
N PHE A 35 -4.34 7.95 -11.31
CA PHE A 35 -5.14 6.74 -11.06
C PHE A 35 -6.37 7.07 -10.21
N ASP A 36 -7.38 7.65 -10.85
CA ASP A 36 -8.60 8.01 -10.15
C ASP A 36 -9.69 6.96 -10.36
N GLY A 37 -9.27 5.73 -10.67
CA GLY A 37 -10.22 4.67 -10.88
C GLY A 37 -10.59 4.50 -12.35
N ASP A 38 -10.45 5.57 -13.12
CA ASP A 38 -10.77 5.53 -14.54
C ASP A 38 -12.25 5.24 -14.76
N TYR A 39 -13.09 5.61 -13.77
CA TYR A 39 -14.52 5.39 -13.86
C TYR A 39 -14.83 3.90 -14.06
N ASP A 40 -14.66 3.11 -13.00
CA ASP A 40 -14.92 1.69 -13.06
C ASP A 40 -14.70 1.03 -11.71
N GLY A 41 -13.65 1.46 -11.01
CA GLY A 41 -13.35 0.90 -9.70
C GLY A 41 -12.69 -0.46 -9.78
N PHE A 42 -11.98 -0.71 -10.88
CA PHE A 42 -11.29 -1.98 -11.08
C PHE A 42 -10.08 -1.80 -11.99
N VAL A 43 -8.91 -2.20 -11.48
CA VAL A 43 -7.68 -2.09 -12.24
C VAL A 43 -7.01 -3.45 -12.40
N SER A 44 -6.73 -3.84 -13.64
CA SER A 44 -6.09 -5.12 -13.91
C SER A 44 -4.63 -5.10 -13.47
N VAL A 45 -4.01 -6.28 -13.46
CA VAL A 45 -2.62 -6.39 -13.05
C VAL A 45 -1.69 -5.85 -14.12
N GLU A 46 -2.14 -5.93 -15.37
CA GLU A 46 -1.35 -5.43 -16.51
C GLU A 46 -1.37 -3.90 -16.55
N GLU A 47 -2.57 -3.33 -16.54
CA GLU A 47 -2.73 -1.89 -16.57
C GLU A 47 -2.02 -1.23 -15.40
N PHE A 48 -1.99 -1.94 -14.27
CA PHE A 48 -1.34 -1.45 -13.07
C PHE A 48 0.15 -1.20 -13.32
N ARG A 49 0.75 -2.03 -14.15
CA ARG A 49 2.18 -1.90 -14.48
C ARG A 49 2.46 -0.53 -15.09
N GLY A 50 1.68 -0.16 -16.10
CA GLY A 50 1.87 1.13 -16.74
C GLY A 50 1.81 2.28 -15.76
N ILE A 51 1.11 2.07 -14.64
CA ILE A 51 0.98 3.09 -13.62
C ILE A 51 2.10 2.98 -12.60
N ILE A 52 2.44 1.74 -12.23
CA ILE A 52 3.49 1.50 -11.26
C ILE A 52 4.88 1.74 -11.86
N ARG A 53 4.99 1.58 -13.18
CA ARG A 53 6.25 1.79 -13.87
C ARG A 53 6.87 3.14 -13.51
N ASP A 54 6.13 4.21 -13.76
CA ASP A 54 6.60 5.55 -13.46
C ASP A 54 5.79 6.19 -12.33
N GLY A 55 5.02 5.36 -11.60
CA GLY A 55 4.21 5.87 -10.52
C GLY A 55 4.88 5.71 -9.16
N LEU A 56 4.69 4.54 -8.55
CA LEU A 56 5.27 4.27 -7.24
C LEU A 56 6.52 3.40 -7.38
N PRO A 57 7.60 3.74 -6.65
CA PRO A 57 8.85 3.00 -6.69
C PRO A 57 8.80 1.72 -5.86
N MET A 58 7.85 0.85 -6.19
CA MET A 58 7.69 -0.41 -5.48
C MET A 58 8.58 -1.49 -6.09
N THR A 59 9.15 -2.33 -5.24
CA THR A 59 10.01 -3.41 -5.70
C THR A 59 9.19 -4.58 -6.24
N GLU A 60 9.74 -5.27 -7.23
CA GLU A 60 9.06 -6.42 -7.84
C GLU A 60 8.31 -7.24 -6.80
N ALA A 61 9.00 -7.55 -5.72
CA ALA A 61 8.43 -8.32 -4.63
C ALA A 61 7.10 -7.73 -4.18
N GLU A 62 7.10 -6.44 -3.88
CA GLU A 62 5.87 -5.76 -3.45
C GLU A 62 4.78 -5.97 -4.48
N ILE A 63 5.03 -5.47 -5.70
CA ILE A 63 4.07 -5.60 -6.79
C ILE A 63 3.75 -7.06 -7.08
N THR A 64 4.77 -7.81 -7.45
CA THR A 64 4.62 -9.23 -7.77
C THR A 64 3.92 -9.98 -6.64
N GLU A 65 4.44 -9.82 -5.43
CA GLU A 65 3.85 -10.48 -4.27
C GLU A 65 2.46 -9.97 -4.01
N PHE A 66 2.17 -8.85 -4.63
CA PHE A 66 0.88 -8.21 -4.52
C PHE A 66 -0.02 -8.62 -5.68
N PHE A 67 0.60 -8.93 -6.82
CA PHE A 67 -0.13 -9.34 -8.01
C PHE A 67 -0.53 -10.81 -7.92
N GLU A 68 0.22 -11.57 -7.13
CA GLU A 68 -0.06 -13.00 -6.95
C GLU A 68 -0.93 -13.23 -5.73
N ALA A 69 -0.84 -12.33 -4.76
CA ALA A 69 -1.63 -12.43 -3.52
C ALA A 69 -2.97 -11.74 -3.65
N ALA A 70 -3.09 -10.97 -4.71
CA ALA A 70 -4.31 -10.23 -4.99
C ALA A 70 -5.19 -10.98 -5.99
N ASP A 71 -4.56 -11.79 -6.83
CA ASP A 71 -5.29 -12.56 -7.84
C ASP A 71 -5.05 -14.06 -7.64
N PRO A 72 -5.96 -14.76 -6.94
CA PRO A 72 -5.83 -16.19 -6.69
C PRO A 72 -5.87 -17.01 -7.99
N ASN A 73 -6.58 -16.49 -8.99
CA ASN A 73 -6.69 -17.16 -10.27
C ASN A 73 -5.49 -16.84 -11.16
N ASN A 74 -4.89 -15.69 -10.93
CA ASN A 74 -3.74 -15.24 -11.70
C ASN A 74 -4.17 -14.83 -13.10
N THR A 75 -5.30 -14.15 -13.17
CA THR A 75 -5.84 -13.68 -14.44
C THR A 75 -5.33 -12.27 -14.75
N GLY A 76 -4.14 -11.95 -14.23
CA GLY A 76 -3.56 -10.64 -14.47
C GLY A 76 -4.56 -9.52 -14.21
N PHE A 77 -5.46 -9.76 -13.27
CA PHE A 77 -6.48 -8.76 -12.93
C PHE A 77 -6.59 -8.64 -11.41
N ILE A 78 -6.53 -7.40 -10.92
CA ILE A 78 -6.62 -7.14 -9.49
C ILE A 78 -8.00 -6.62 -9.11
N ASP A 79 -8.39 -6.91 -7.88
CA ASP A 79 -9.65 -6.43 -7.35
C ASP A 79 -9.38 -5.13 -6.61
N TYR A 80 -9.56 -4.00 -7.31
CA TYR A 80 -9.30 -2.68 -6.73
C TYR A 80 -9.50 -2.65 -5.22
N LYS A 81 -10.55 -3.31 -4.75
CA LYS A 81 -10.85 -3.36 -3.33
C LYS A 81 -9.75 -4.12 -2.58
N ALA A 82 -9.50 -5.35 -3.00
CA ALA A 82 -8.47 -6.18 -2.39
C ALA A 82 -7.15 -5.43 -2.34
N PHE A 83 -6.96 -4.52 -3.29
CA PHE A 83 -5.74 -3.73 -3.37
C PHE A 83 -5.88 -2.44 -2.56
N ALA A 84 -7.11 -1.91 -2.51
CA ALA A 84 -7.37 -0.69 -1.77
C ALA A 84 -7.48 -0.95 -0.27
N ALA A 85 -7.82 -2.19 0.08
CA ALA A 85 -7.95 -2.57 1.48
C ALA A 85 -6.59 -2.68 2.16
N MET A 86 -5.57 -2.66 1.35
CA MET A 86 -4.19 -2.74 1.84
C MET A 86 -3.75 -1.42 2.48
N LEU A 87 -4.19 -0.31 1.88
CA LEU A 87 -3.85 1.01 2.39
C LEU A 87 -4.84 1.48 3.43
N TYR A 88 -5.88 0.70 3.57
CA TYR A 88 -6.95 0.97 4.52
C TYR A 88 -7.19 -0.22 5.45
N SER A 89 -6.17 -1.07 5.58
CA SER A 89 -6.26 -2.25 6.43
C SER A 89 -6.22 -1.85 7.91
N VAL A 90 -7.40 -1.76 8.52
CA VAL A 90 -7.49 -1.40 9.93
C VAL A 90 -8.77 -1.96 10.56
N ASP A 91 -9.00 -3.26 10.34
CA ASP A 91 -10.17 -3.92 10.89
C ASP A 91 -10.08 -5.43 10.71
N GLU A 92 -10.78 -6.17 11.56
CA GLU A 92 -10.78 -7.63 11.50
C GLU A 92 -11.87 -8.22 12.38
N SER A 93 -11.84 -7.86 13.66
CA SER A 93 -12.83 -8.35 14.61
C SER A 93 -13.96 -7.34 14.81
N MET A 1 -28.71 -6.80 24.84
CA MET A 1 -28.51 -5.57 24.03
C MET A 1 -27.04 -5.22 23.90
N GLY A 2 -26.25 -5.62 24.91
CA GLY A 2 -24.83 -5.34 24.88
C GLY A 2 -24.52 -3.85 24.93
N SER A 3 -23.54 -3.48 25.76
CA SER A 3 -23.16 -2.08 25.89
C SER A 3 -21.95 -1.76 25.02
N SER A 4 -21.46 -0.53 25.12
CA SER A 4 -20.31 -0.10 24.33
C SER A 4 -19.06 -0.03 25.20
N HIS A 5 -18.98 0.99 26.04
CA HIS A 5 -17.83 1.17 26.93
C HIS A 5 -16.54 1.32 26.12
N HIS A 6 -15.98 2.53 26.16
CA HIS A 6 -14.75 2.81 25.43
C HIS A 6 -13.74 3.52 26.32
N HIS A 7 -12.59 3.87 25.75
CA HIS A 7 -11.54 4.56 26.50
C HIS A 7 -10.43 5.03 25.57
N HIS A 8 -10.82 5.46 24.37
CA HIS A 8 -9.86 5.94 23.39
C HIS A 8 -10.32 7.27 22.78
N HIS A 9 -10.93 8.10 23.62
CA HIS A 9 -11.42 9.40 23.17
C HIS A 9 -12.52 9.25 22.13
N HIS A 10 -12.13 8.98 20.89
CA HIS A 10 -13.09 8.80 19.80
C HIS A 10 -12.66 7.66 18.87
N SER A 11 -11.66 7.93 18.04
CA SER A 11 -11.15 6.94 17.09
C SER A 11 -9.96 7.48 16.31
N SER A 12 -9.12 8.26 16.98
CA SER A 12 -7.94 8.84 16.35
C SER A 12 -8.34 9.74 15.17
N GLY A 13 -7.36 10.15 14.39
CA GLY A 13 -7.63 11.01 13.26
C GLY A 13 -6.61 12.12 13.11
N LEU A 14 -6.84 13.22 13.81
CA LEU A 14 -5.94 14.37 13.75
C LEU A 14 -4.54 13.99 14.22
N VAL A 15 -4.43 13.67 15.51
CA VAL A 15 -3.14 13.29 16.09
C VAL A 15 -3.29 12.05 16.99
N PRO A 16 -3.17 10.85 16.41
CA PRO A 16 -3.28 9.60 17.15
C PRO A 16 -2.38 9.56 18.39
N ARG A 17 -1.07 9.66 18.15
CA ARG A 17 -0.11 9.64 19.24
C ARG A 17 1.31 9.87 18.71
N GLY A 18 1.43 10.72 17.70
CA GLY A 18 2.73 11.00 17.13
C GLY A 18 3.34 9.79 16.44
N SER A 19 2.61 9.23 15.49
CA SER A 19 3.09 8.05 14.75
C SER A 19 3.94 8.46 13.56
N HIS A 20 5.09 7.82 13.40
CA HIS A 20 6.00 8.12 12.30
C HIS A 20 6.39 6.85 11.57
N MET A 21 5.49 5.88 11.54
CA MET A 21 5.75 4.61 10.87
C MET A 21 4.68 4.30 9.82
N SER A 22 3.78 5.26 9.59
CA SER A 22 2.71 5.08 8.60
C SER A 22 3.02 5.81 7.31
N ASP A 23 4.21 6.37 7.23
CA ASP A 23 4.65 7.11 6.04
C ASP A 23 4.93 6.18 4.88
N GLU A 24 5.02 4.92 5.20
CA GLU A 24 5.29 3.88 4.20
C GLU A 24 4.14 3.76 3.21
N LYS A 25 3.02 4.32 3.61
CA LYS A 25 1.82 4.31 2.78
C LYS A 25 1.75 5.56 1.91
N THR A 26 2.28 6.67 2.43
CA THR A 26 2.27 7.93 1.70
C THR A 26 2.96 7.79 0.35
N GLN A 27 3.87 6.83 0.24
CA GLN A 27 4.57 6.59 -1.02
C GLN A 27 3.54 6.15 -2.06
N LEU A 28 2.43 5.60 -1.59
CA LEU A 28 1.35 5.14 -2.45
C LEU A 28 0.37 6.25 -2.77
N ILE A 29 0.51 7.33 -2.04
CA ILE A 29 -0.34 8.51 -2.19
C ILE A 29 -0.16 9.16 -3.56
N GLU A 30 0.89 8.76 -4.20
CA GLU A 30 1.23 9.25 -5.53
C GLU A 30 0.39 8.59 -6.60
N ALA A 31 -0.52 7.74 -6.17
CA ALA A 31 -1.41 7.03 -7.07
C ALA A 31 -2.73 7.78 -7.26
N PHE A 32 -3.23 8.35 -6.17
CA PHE A 32 -4.49 9.09 -6.20
C PHE A 32 -4.39 10.26 -7.17
N TYR A 33 -3.18 10.80 -7.33
CA TYR A 33 -2.97 11.92 -8.24
C TYR A 33 -2.44 11.45 -9.58
N ASN A 34 -2.79 10.23 -9.96
CA ASN A 34 -2.34 9.65 -11.23
C ASN A 34 -2.91 8.25 -11.41
N PHE A 35 -4.18 8.07 -11.05
CA PHE A 35 -4.84 6.79 -11.17
C PHE A 35 -6.30 6.87 -10.73
N ASP A 36 -7.15 7.40 -11.61
CA ASP A 36 -8.56 7.54 -11.30
C ASP A 36 -8.78 8.46 -10.10
N GLY A 37 -8.50 9.75 -10.30
CA GLY A 37 -8.66 10.71 -9.22
C GLY A 37 -10.08 10.78 -8.71
N ASP A 38 -11.04 10.45 -9.57
CA ASP A 38 -12.45 10.47 -9.19
C ASP A 38 -13.28 9.58 -10.12
N TYR A 39 -12.71 8.42 -10.47
CA TYR A 39 -13.39 7.48 -11.34
C TYR A 39 -12.62 6.16 -11.43
N ASP A 40 -12.90 5.26 -10.50
CA ASP A 40 -12.24 3.97 -10.47
C ASP A 40 -13.26 2.83 -10.40
N GLY A 41 -12.76 1.61 -10.32
CA GLY A 41 -13.64 0.45 -10.24
C GLY A 41 -12.88 -0.86 -10.28
N PHE A 42 -12.17 -1.10 -11.38
CA PHE A 42 -11.39 -2.33 -11.54
C PHE A 42 -10.19 -2.11 -12.44
N VAL A 43 -9.00 -2.41 -11.93
CA VAL A 43 -7.77 -2.24 -12.70
C VAL A 43 -7.04 -3.57 -12.84
N SER A 44 -6.54 -3.85 -14.04
CA SER A 44 -5.83 -5.08 -14.31
C SER A 44 -4.33 -4.91 -14.03
N VAL A 45 -3.71 -5.97 -13.53
CA VAL A 45 -2.28 -5.94 -13.23
C VAL A 45 -1.47 -5.43 -14.42
N GLU A 46 -1.64 -6.10 -15.56
CA GLU A 46 -0.92 -5.71 -16.77
C GLU A 46 -1.02 -4.21 -17.01
N GLU A 47 -2.13 -3.62 -16.58
CA GLU A 47 -2.34 -2.18 -16.74
C GLU A 47 -1.75 -1.42 -15.55
N PHE A 48 -1.73 -2.08 -14.39
CA PHE A 48 -1.19 -1.49 -13.18
C PHE A 48 0.32 -1.29 -13.29
N ARG A 49 0.99 -2.26 -13.90
CA ARG A 49 2.43 -2.21 -14.07
C ARG A 49 2.84 -0.94 -14.83
N GLY A 50 2.19 -0.71 -15.97
CA GLY A 50 2.49 0.46 -16.77
C GLY A 50 2.35 1.75 -15.98
N ILE A 51 1.51 1.72 -14.94
CA ILE A 51 1.29 2.89 -14.11
C ILE A 51 2.35 2.99 -13.01
N ILE A 52 2.65 1.85 -12.38
CA ILE A 52 3.65 1.81 -11.32
C ILE A 52 5.06 1.98 -11.87
N ARG A 53 5.25 1.61 -13.14
CA ARG A 53 6.55 1.72 -13.78
C ARG A 53 7.12 3.13 -13.64
N ASP A 54 6.39 4.11 -14.15
CA ASP A 54 6.82 5.50 -14.08
C ASP A 54 5.92 6.31 -13.15
N GLY A 55 5.12 5.62 -12.34
CA GLY A 55 4.22 6.31 -11.42
C GLY A 55 4.78 6.40 -10.02
N LEU A 56 4.54 5.36 -9.22
CA LEU A 56 5.02 5.34 -7.84
C LEU A 56 6.22 4.39 -7.70
N PRO A 57 7.15 4.71 -6.80
CA PRO A 57 8.34 3.89 -6.56
C PRO A 57 8.01 2.61 -5.81
N MET A 58 7.79 1.54 -6.54
CA MET A 58 7.46 0.25 -5.95
C MET A 58 8.33 -0.86 -6.52
N THR A 59 8.74 -1.79 -5.66
CA THR A 59 9.57 -2.91 -6.08
C THR A 59 8.71 -4.09 -6.52
N GLU A 60 9.18 -4.82 -7.52
CA GLU A 60 8.45 -5.99 -8.03
C GLU A 60 8.01 -6.87 -6.88
N ALA A 61 8.96 -7.31 -6.07
CA ALA A 61 8.66 -8.15 -4.93
C ALA A 61 7.54 -7.54 -4.08
N GLU A 62 7.39 -6.23 -4.18
CA GLU A 62 6.36 -5.51 -3.43
C GLU A 62 5.05 -5.52 -4.20
N ILE A 63 5.12 -5.22 -5.50
CA ILE A 63 3.93 -5.19 -6.34
C ILE A 63 3.57 -6.59 -6.82
N THR A 64 4.56 -7.31 -7.32
CA THR A 64 4.36 -8.67 -7.82
C THR A 64 3.82 -9.55 -6.71
N GLU A 65 4.45 -9.46 -5.55
CA GLU A 65 4.01 -10.26 -4.40
C GLU A 65 2.66 -9.78 -3.92
N PHE A 66 2.31 -8.60 -4.36
CA PHE A 66 1.04 -7.99 -4.03
C PHE A 66 0.03 -8.21 -5.15
N PHE A 67 0.54 -8.44 -6.36
CA PHE A 67 -0.30 -8.68 -7.52
C PHE A 67 -0.95 -10.06 -7.44
N GLU A 68 -0.18 -11.05 -7.02
CA GLU A 68 -0.69 -12.41 -6.90
C GLU A 68 -1.49 -12.58 -5.62
N ALA A 69 -1.16 -11.79 -4.60
CA ALA A 69 -1.85 -11.84 -3.32
C ALA A 69 -3.22 -11.19 -3.38
N ALA A 70 -3.45 -10.51 -4.48
CA ALA A 70 -4.71 -9.82 -4.71
C ALA A 70 -5.66 -10.68 -5.54
N ASP A 71 -5.09 -11.52 -6.40
CA ASP A 71 -5.89 -12.40 -7.25
C ASP A 71 -5.54 -13.86 -6.99
N PRO A 72 -6.52 -14.68 -6.56
CA PRO A 72 -6.30 -16.10 -6.29
C PRO A 72 -5.91 -16.88 -7.55
N ASN A 73 -6.35 -16.38 -8.70
CA ASN A 73 -6.05 -17.03 -9.97
C ASN A 73 -4.72 -16.53 -10.53
N ASN A 74 -4.42 -15.26 -10.26
CA ASN A 74 -3.18 -14.64 -10.75
C ASN A 74 -3.27 -14.42 -12.25
N THR A 75 -4.45 -14.02 -12.71
CA THR A 75 -4.67 -13.76 -14.12
C THR A 75 -4.35 -12.31 -14.46
N GLY A 76 -3.24 -11.82 -13.92
CA GLY A 76 -2.83 -10.45 -14.17
C GLY A 76 -3.95 -9.45 -13.92
N PHE A 77 -4.90 -9.82 -13.07
CA PHE A 77 -6.02 -8.95 -12.76
C PHE A 77 -6.08 -8.67 -11.26
N ILE A 78 -6.76 -7.59 -10.89
CA ILE A 78 -6.88 -7.22 -9.48
C ILE A 78 -8.30 -6.77 -9.15
N ASP A 79 -8.67 -6.94 -7.90
CA ASP A 79 -9.96 -6.50 -7.41
C ASP A 79 -9.77 -5.16 -6.72
N TYR A 80 -10.00 -4.08 -7.47
CA TYR A 80 -9.82 -2.71 -6.95
C TYR A 80 -10.04 -2.62 -5.44
N LYS A 81 -11.05 -3.32 -4.95
CA LYS A 81 -11.35 -3.32 -3.52
C LYS A 81 -10.25 -4.02 -2.74
N ALA A 82 -9.98 -5.27 -3.11
CA ALA A 82 -8.95 -6.06 -2.44
C ALA A 82 -7.63 -5.28 -2.40
N PHE A 83 -7.46 -4.39 -3.38
CA PHE A 83 -6.25 -3.58 -3.47
C PHE A 83 -6.44 -2.25 -2.71
N ALA A 84 -7.67 -1.74 -2.73
CA ALA A 84 -7.98 -0.49 -2.06
C ALA A 84 -8.18 -0.69 -0.56
N ALA A 85 -8.41 -1.94 -0.16
CA ALA A 85 -8.63 -2.26 1.26
C ALA A 85 -7.34 -2.15 2.06
N MET A 86 -6.25 -2.02 1.33
CA MET A 86 -4.93 -1.89 1.95
C MET A 86 -4.74 -0.49 2.51
N LEU A 87 -5.23 0.51 1.78
CA LEU A 87 -5.11 1.90 2.20
C LEU A 87 -6.23 2.29 3.14
N TYR A 88 -7.15 1.38 3.27
CA TYR A 88 -8.32 1.56 4.13
C TYR A 88 -8.45 0.42 5.14
N SER A 89 -7.34 -0.25 5.41
CA SER A 89 -7.32 -1.37 6.36
C SER A 89 -6.84 -0.91 7.72
N VAL A 90 -7.11 0.35 8.05
CA VAL A 90 -6.71 0.91 9.34
C VAL A 90 -7.91 1.03 10.29
N ASP A 91 -8.87 0.12 10.13
CA ASP A 91 -10.06 0.12 10.98
C ASP A 91 -10.52 -1.30 11.26
N GLU A 92 -9.57 -2.23 11.33
CA GLU A 92 -9.89 -3.63 11.60
C GLU A 92 -8.70 -4.33 12.25
N SER A 93 -7.51 -4.13 11.69
CA SER A 93 -6.30 -4.75 12.23
C SER A 93 -5.11 -3.81 12.11
N MET A 1 2.58 -1.02 34.06
CA MET A 1 3.17 0.07 34.88
C MET A 1 2.31 0.35 36.11
N GLY A 2 2.72 1.33 36.91
CA GLY A 2 1.99 1.67 38.11
C GLY A 2 2.42 3.01 38.69
N SER A 3 2.84 3.93 37.82
CA SER A 3 3.28 5.24 38.26
C SER A 3 2.93 6.31 37.23
N SER A 4 2.70 7.53 37.70
CA SER A 4 2.37 8.64 36.81
C SER A 4 2.24 9.94 37.59
N HIS A 5 2.00 11.03 36.86
CA HIS A 5 1.85 12.34 37.49
C HIS A 5 3.12 12.74 38.22
N HIS A 6 4.26 12.31 37.70
CA HIS A 6 5.56 12.63 38.29
C HIS A 6 6.70 12.08 37.44
N HIS A 7 6.82 10.76 37.38
CA HIS A 7 7.87 10.13 36.59
C HIS A 7 7.35 8.87 35.90
N HIS A 8 8.06 8.42 34.88
CA HIS A 8 7.67 7.23 34.14
C HIS A 8 8.86 6.67 33.35
N HIS A 9 9.70 5.88 34.03
CA HIS A 9 10.86 5.28 33.41
C HIS A 9 10.66 3.78 33.22
N HIS A 10 10.90 3.30 32.01
CA HIS A 10 10.75 1.88 31.70
C HIS A 10 11.14 1.58 30.26
N SER A 11 10.78 2.49 29.36
CA SER A 11 11.09 2.33 27.94
C SER A 11 10.39 1.10 27.37
N SER A 12 10.03 1.17 26.08
CA SER A 12 9.35 0.08 25.42
C SER A 12 10.20 -1.19 25.45
N GLY A 13 11.45 -1.06 24.98
CA GLY A 13 12.35 -2.20 24.95
C GLY A 13 11.83 -3.33 24.11
N LEU A 14 12.25 -4.55 24.42
CA LEU A 14 11.81 -5.73 23.68
C LEU A 14 12.21 -5.62 22.21
N VAL A 15 11.63 -6.48 21.37
CA VAL A 15 11.91 -6.48 19.94
C VAL A 15 11.72 -5.08 19.34
N PRO A 16 12.33 -4.83 18.17
CA PRO A 16 12.22 -3.54 17.49
C PRO A 16 10.77 -3.06 17.36
N ARG A 17 10.60 -1.79 17.02
CA ARG A 17 9.27 -1.22 16.87
C ARG A 17 8.48 -1.95 15.80
N GLY A 18 7.27 -2.37 16.14
CA GLY A 18 6.43 -3.08 15.20
C GLY A 18 5.27 -2.24 14.70
N SER A 19 5.46 -0.93 14.67
CA SER A 19 4.43 -0.01 14.22
C SER A 19 5.02 1.04 13.27
N HIS A 20 4.98 0.75 11.98
CA HIS A 20 5.51 1.67 10.97
C HIS A 20 4.78 3.00 11.03
N MET A 21 5.47 4.07 10.63
CA MET A 21 4.89 5.41 10.63
C MET A 21 3.67 5.47 9.72
N SER A 22 3.01 6.63 9.70
CA SER A 22 1.83 6.81 8.87
C SER A 22 2.17 7.53 7.57
N ASP A 23 3.45 7.75 7.35
CA ASP A 23 3.91 8.41 6.14
C ASP A 23 4.24 7.43 5.04
N GLU A 24 4.34 6.18 5.44
CA GLU A 24 4.64 5.10 4.51
C GLU A 24 3.52 4.92 3.50
N LYS A 25 2.38 5.48 3.82
CA LYS A 25 1.20 5.43 2.98
C LYS A 25 1.17 6.62 2.02
N THR A 26 1.75 7.73 2.47
CA THR A 26 1.78 8.95 1.66
C THR A 26 2.62 8.74 0.40
N GLN A 27 3.60 7.87 0.48
CA GLN A 27 4.43 7.57 -0.68
C GLN A 27 3.56 7.05 -1.82
N LEU A 28 2.41 6.49 -1.45
CA LEU A 28 1.46 5.96 -2.41
C LEU A 28 0.50 7.03 -2.91
N ILE A 29 0.54 8.15 -2.24
CA ILE A 29 -0.32 9.30 -2.56
C ILE A 29 0.04 9.91 -3.89
N GLU A 30 1.18 9.52 -4.36
CA GLU A 30 1.72 9.98 -5.63
C GLU A 30 1.03 9.31 -6.81
N ALA A 31 0.07 8.47 -6.49
CA ALA A 31 -0.69 7.74 -7.50
C ALA A 31 -1.96 8.50 -7.88
N PHE A 32 -2.54 9.20 -6.92
CA PHE A 32 -3.76 9.96 -7.15
C PHE A 32 -3.52 11.08 -8.16
N TYR A 33 -2.28 11.58 -8.18
CA TYR A 33 -1.92 12.66 -9.10
C TYR A 33 -1.23 12.10 -10.35
N ASN A 34 -1.63 10.90 -10.75
CA ASN A 34 -1.07 10.26 -11.93
C ASN A 34 -1.88 9.04 -12.33
N PHE A 35 -3.19 9.12 -12.13
CA PHE A 35 -4.09 8.02 -12.46
C PHE A 35 -5.52 8.52 -12.62
N ASP A 36 -5.67 9.71 -13.21
CA ASP A 36 -6.98 10.30 -13.43
C ASP A 36 -7.39 10.21 -14.90
N GLY A 37 -7.01 9.10 -15.54
CA GLY A 37 -7.35 8.92 -16.94
C GLY A 37 -7.17 7.49 -17.40
N ASP A 38 -7.79 6.55 -16.69
CA ASP A 38 -7.69 5.15 -17.02
C ASP A 38 -8.56 4.30 -16.09
N TYR A 39 -9.86 4.29 -16.36
CA TYR A 39 -10.80 3.53 -15.55
C TYR A 39 -10.79 4.01 -14.10
N ASP A 40 -11.74 3.52 -13.31
CA ASP A 40 -11.84 3.90 -11.91
C ASP A 40 -12.02 2.67 -11.02
N GLY A 41 -11.35 2.67 -9.87
CA GLY A 41 -11.45 1.55 -8.95
C GLY A 41 -10.85 0.27 -9.52
N PHE A 42 -11.65 -0.46 -10.27
CA PHE A 42 -11.20 -1.71 -10.87
C PHE A 42 -10.02 -1.46 -11.81
N VAL A 43 -8.91 -2.15 -11.55
CA VAL A 43 -7.72 -2.01 -12.37
C VAL A 43 -7.01 -3.35 -12.54
N SER A 44 -6.78 -3.74 -13.79
CA SER A 44 -6.12 -5.01 -14.08
C SER A 44 -4.61 -4.89 -13.87
N VAL A 45 -3.97 -6.03 -13.60
CA VAL A 45 -2.53 -6.06 -13.37
C VAL A 45 -1.78 -5.56 -14.59
N GLU A 46 -2.09 -6.14 -15.75
CA GLU A 46 -1.45 -5.76 -17.00
C GLU A 46 -1.48 -4.24 -17.19
N GLU A 47 -2.53 -3.60 -16.66
CA GLU A 47 -2.68 -2.16 -16.76
C GLU A 47 -2.07 -1.48 -15.55
N PHE A 48 -2.07 -2.19 -14.42
CA PHE A 48 -1.51 -1.66 -13.18
C PHE A 48 0.00 -1.44 -13.31
N ARG A 49 0.65 -2.33 -14.05
CA ARG A 49 2.09 -2.24 -14.26
C ARG A 49 2.47 -0.91 -14.90
N GLY A 50 1.76 -0.56 -15.97
CA GLY A 50 2.04 0.69 -16.67
C GLY A 50 1.91 1.90 -15.75
N ILE A 51 1.09 1.76 -14.71
CA ILE A 51 0.87 2.84 -13.76
C ILE A 51 1.94 2.82 -12.68
N ILE A 52 2.24 1.64 -12.16
CA ILE A 52 3.25 1.48 -11.11
C ILE A 52 4.65 1.79 -11.64
N ARG A 53 4.85 1.57 -12.94
CA ARG A 53 6.14 1.83 -13.56
C ARG A 53 6.61 3.25 -13.26
N ASP A 54 5.78 4.23 -13.63
CA ASP A 54 6.11 5.63 -13.41
C ASP A 54 5.19 6.25 -12.35
N GLY A 55 4.47 5.41 -11.62
CA GLY A 55 3.57 5.91 -10.60
C GLY A 55 4.16 5.84 -9.20
N LEU A 56 4.01 4.70 -8.54
CA LEU A 56 4.53 4.52 -7.19
C LEU A 56 5.86 3.76 -7.22
N PRO A 57 6.83 4.16 -6.40
CA PRO A 57 8.13 3.51 -6.33
C PRO A 57 8.10 2.23 -5.50
N MET A 58 7.26 1.30 -5.92
CA MET A 58 7.13 0.02 -5.22
C MET A 58 8.02 -1.04 -5.86
N THR A 59 8.65 -1.87 -5.02
CA THR A 59 9.52 -2.92 -5.51
C THR A 59 8.72 -4.09 -6.08
N GLU A 60 9.23 -4.69 -7.15
CA GLU A 60 8.58 -5.82 -7.81
C GLU A 60 7.99 -6.78 -6.79
N ALA A 61 8.82 -7.18 -5.84
CA ALA A 61 8.41 -8.10 -4.79
C ALA A 61 7.06 -7.70 -4.21
N GLU A 62 6.96 -6.46 -3.74
CA GLU A 62 5.71 -5.98 -3.16
C GLU A 62 4.57 -6.16 -4.17
N ILE A 63 4.69 -5.51 -5.32
CA ILE A 63 3.67 -5.61 -6.36
C ILE A 63 3.49 -7.05 -6.81
N THR A 64 4.56 -7.63 -7.34
CA THR A 64 4.53 -9.02 -7.81
C THR A 64 3.95 -9.95 -6.76
N GLU A 65 4.48 -9.88 -5.54
CA GLU A 65 3.99 -10.73 -4.46
C GLU A 65 2.58 -10.34 -4.10
N PHE A 66 2.19 -9.18 -4.55
CA PHE A 66 0.86 -8.66 -4.32
C PHE A 66 -0.06 -9.00 -5.49
N PHE A 67 0.55 -9.16 -6.68
CA PHE A 67 -0.21 -9.48 -7.87
C PHE A 67 -0.65 -10.94 -7.86
N GLU A 68 0.15 -11.79 -7.23
CA GLU A 68 -0.15 -13.21 -7.13
C GLU A 68 -0.92 -13.52 -5.85
N ALA A 69 -0.75 -12.68 -4.84
CA ALA A 69 -1.43 -12.87 -3.57
C ALA A 69 -2.79 -12.18 -3.54
N ALA A 70 -3.02 -11.37 -4.54
CA ALA A 70 -4.27 -10.65 -4.69
C ALA A 70 -5.20 -11.34 -5.67
N ASP A 71 -4.63 -12.06 -6.62
CA ASP A 71 -5.40 -12.77 -7.62
C ASP A 71 -5.15 -14.28 -7.54
N PRO A 72 -6.18 -15.07 -7.19
CA PRO A 72 -6.06 -16.53 -7.08
C PRO A 72 -5.76 -17.20 -8.41
N ASN A 73 -6.56 -16.88 -9.42
CA ASN A 73 -6.39 -17.45 -10.75
C ASN A 73 -5.09 -16.95 -11.39
N ASN A 74 -4.72 -15.70 -11.08
CA ASN A 74 -3.52 -15.10 -11.62
C ASN A 74 -3.70 -14.76 -13.10
N THR A 75 -4.94 -14.44 -13.46
CA THR A 75 -5.26 -14.10 -14.84
C THR A 75 -4.64 -12.76 -15.22
N GLY A 76 -4.35 -11.94 -14.22
CA GLY A 76 -3.76 -10.64 -14.48
C GLY A 76 -4.68 -9.49 -14.07
N PHE A 77 -5.64 -9.77 -13.20
CA PHE A 77 -6.58 -8.76 -12.74
C PHE A 77 -6.81 -8.89 -11.24
N ILE A 78 -7.11 -7.77 -10.60
CA ILE A 78 -7.36 -7.76 -9.15
C ILE A 78 -8.60 -6.97 -8.81
N ASP A 79 -9.30 -7.42 -7.76
CA ASP A 79 -10.48 -6.71 -7.30
C ASP A 79 -10.01 -5.47 -6.54
N TYR A 80 -10.15 -4.31 -7.18
CA TYR A 80 -9.72 -3.04 -6.59
C TYR A 80 -9.76 -3.04 -5.07
N LYS A 81 -10.82 -3.65 -4.50
CA LYS A 81 -10.96 -3.70 -3.05
C LYS A 81 -9.84 -4.54 -2.44
N ALA A 82 -9.66 -5.76 -2.92
CA ALA A 82 -8.61 -6.64 -2.42
C ALA A 82 -7.27 -5.94 -2.41
N PHE A 83 -7.12 -4.96 -3.31
CA PHE A 83 -5.89 -4.21 -3.43
C PHE A 83 -5.97 -2.92 -2.62
N ALA A 84 -7.17 -2.35 -2.51
CA ALA A 84 -7.37 -1.13 -1.76
C ALA A 84 -7.44 -1.40 -0.26
N ALA A 85 -7.68 -2.66 0.11
CA ALA A 85 -7.78 -3.04 1.51
C ALA A 85 -6.42 -3.02 2.19
N MET A 86 -5.40 -2.91 1.37
CA MET A 86 -4.02 -2.88 1.85
C MET A 86 -3.71 -1.54 2.51
N LEU A 87 -4.19 -0.46 1.91
CA LEU A 87 -3.96 0.88 2.44
C LEU A 87 -5.02 1.26 3.46
N TYR A 88 -5.98 0.38 3.57
CA TYR A 88 -7.09 0.56 4.50
C TYR A 88 -7.23 -0.65 5.43
N SER A 89 -6.14 -1.39 5.59
CA SER A 89 -6.13 -2.58 6.44
C SER A 89 -6.00 -2.19 7.91
N VAL A 90 -7.06 -1.60 8.46
CA VAL A 90 -7.05 -1.17 9.86
C VAL A 90 -8.42 -1.34 10.49
N ASP A 91 -9.17 -2.33 10.02
CA ASP A 91 -10.51 -2.60 10.53
C ASP A 91 -11.12 -3.83 9.87
N GLU A 92 -11.53 -4.79 10.70
CA GLU A 92 -12.13 -6.02 10.20
C GLU A 92 -13.58 -5.80 9.79
N SER A 93 -13.97 -6.35 8.65
CA SER A 93 -15.34 -6.20 8.16
C SER A 93 -15.86 -7.54 7.62
N MET A 1 37.87 15.07 41.45
CA MET A 1 38.03 15.16 39.98
C MET A 1 36.84 15.90 39.35
N GLY A 2 37.02 16.35 38.11
CA GLY A 2 35.97 17.06 37.42
C GLY A 2 35.88 16.69 35.96
N SER A 3 35.15 15.61 35.67
CA SER A 3 34.98 15.14 34.30
C SER A 3 33.93 14.05 34.22
N SER A 4 32.89 14.17 35.04
CA SER A 4 31.81 13.20 35.06
C SER A 4 30.46 13.89 35.25
N HIS A 5 29.48 13.49 34.44
CA HIS A 5 28.14 14.07 34.52
C HIS A 5 27.17 13.32 33.62
N HIS A 6 27.37 13.45 32.31
CA HIS A 6 26.50 12.79 31.35
C HIS A 6 25.06 13.23 31.50
N HIS A 7 24.22 12.88 30.53
CA HIS A 7 22.81 13.26 30.56
C HIS A 7 22.07 12.67 29.37
N HIS A 8 20.92 12.06 29.64
CA HIS A 8 20.11 11.45 28.58
C HIS A 8 18.63 11.49 28.95
N HIS A 9 18.21 12.57 29.60
CA HIS A 9 16.81 12.72 30.01
C HIS A 9 16.05 13.60 29.03
N HIS A 10 16.44 13.54 27.75
CA HIS A 10 15.79 14.33 26.72
C HIS A 10 15.82 13.59 25.38
N SER A 11 15.76 12.27 25.43
CA SER A 11 15.77 11.45 24.23
C SER A 11 15.62 9.98 24.57
N SER A 12 14.37 9.54 24.75
CA SER A 12 14.09 8.15 25.09
C SER A 12 14.59 7.22 23.98
N GLY A 13 15.64 6.46 24.30
CA GLY A 13 16.20 5.54 23.33
C GLY A 13 15.66 4.13 23.50
N LEU A 14 14.39 4.01 23.83
CA LEU A 14 13.76 2.71 24.03
C LEU A 14 12.96 2.30 22.79
N VAL A 15 13.43 2.74 21.62
CA VAL A 15 12.77 2.41 20.37
C VAL A 15 13.72 2.56 19.18
N PRO A 16 14.72 1.67 19.08
CA PRO A 16 15.71 1.70 18.00
C PRO A 16 15.05 1.72 16.63
N ARG A 17 14.25 0.69 16.35
CA ARG A 17 13.56 0.59 15.07
C ARG A 17 12.60 1.77 14.87
N GLY A 18 12.70 2.39 13.71
CA GLY A 18 11.83 3.52 13.41
C GLY A 18 10.65 3.14 12.53
N SER A 19 10.22 1.89 12.63
CA SER A 19 9.11 1.40 11.84
C SER A 19 7.78 1.68 12.54
N HIS A 20 6.71 1.09 12.03
CA HIS A 20 5.38 1.29 12.61
C HIS A 20 4.97 2.75 12.56
N MET A 21 4.51 3.19 11.39
CA MET A 21 4.09 4.57 11.19
C MET A 21 2.91 4.66 10.22
N SER A 22 2.31 5.84 10.14
CA SER A 22 1.17 6.05 9.25
C SER A 22 1.59 6.76 7.97
N ASP A 23 2.89 6.97 7.83
CA ASP A 23 3.43 7.64 6.65
C ASP A 23 3.78 6.65 5.55
N GLU A 24 3.81 5.40 5.93
CA GLU A 24 4.11 4.31 4.99
C GLU A 24 3.02 4.19 3.93
N LYS A 25 1.90 4.80 4.22
CA LYS A 25 0.76 4.80 3.32
C LYS A 25 0.79 6.02 2.40
N THR A 26 1.42 7.09 2.88
CA THR A 26 1.51 8.32 2.11
C THR A 26 2.40 8.13 0.89
N GLN A 27 3.35 7.20 0.98
CA GLN A 27 4.23 6.91 -0.13
C GLN A 27 3.41 6.45 -1.33
N LEU A 28 2.21 5.94 -1.04
CA LEU A 28 1.30 5.47 -2.06
C LEU A 28 0.39 6.58 -2.57
N ILE A 29 0.43 7.68 -1.86
CA ILE A 29 -0.36 8.87 -2.20
C ILE A 29 0.08 9.49 -3.50
N GLU A 30 1.22 9.06 -3.93
CA GLU A 30 1.82 9.52 -5.18
C GLU A 30 1.17 8.89 -6.39
N ALA A 31 0.16 8.08 -6.13
CA ALA A 31 -0.58 7.40 -7.19
C ALA A 31 -1.81 8.19 -7.59
N PHE A 32 -2.36 8.95 -6.65
CA PHE A 32 -3.54 9.77 -6.93
C PHE A 32 -3.29 10.74 -8.08
N TYR A 33 -2.02 11.09 -8.30
CA TYR A 33 -1.66 12.00 -9.38
C TYR A 33 -1.24 11.22 -10.63
N ASN A 34 -1.99 10.17 -10.94
CA ASN A 34 -1.71 9.35 -12.11
C ASN A 34 -2.83 8.34 -12.36
N PHE A 35 -4.06 8.76 -12.08
CA PHE A 35 -5.22 7.90 -12.27
C PHE A 35 -6.52 8.70 -12.11
N ASP A 36 -6.52 9.91 -12.66
CA ASP A 36 -7.70 10.77 -12.58
C ASP A 36 -8.40 10.85 -13.93
N GLY A 37 -8.32 9.77 -14.70
CA GLY A 37 -8.96 9.74 -16.01
C GLY A 37 -10.46 9.76 -15.91
N ASP A 38 -11.00 9.10 -14.88
CA ASP A 38 -12.44 9.05 -14.68
C ASP A 38 -12.78 8.31 -13.38
N TYR A 39 -11.97 8.53 -12.36
CA TYR A 39 -12.17 7.88 -11.07
C TYR A 39 -12.07 6.37 -11.20
N ASP A 40 -13.16 5.74 -11.63
CA ASP A 40 -13.19 4.29 -11.79
C ASP A 40 -12.80 3.58 -10.50
N GLY A 41 -12.58 2.27 -10.59
CA GLY A 41 -12.20 1.50 -9.41
C GLY A 41 -11.34 0.31 -9.77
N PHE A 42 -11.93 -0.67 -10.45
CA PHE A 42 -11.21 -1.87 -10.85
C PHE A 42 -10.02 -1.53 -11.74
N VAL A 43 -9.13 -2.49 -11.92
CA VAL A 43 -7.94 -2.29 -12.75
C VAL A 43 -7.14 -3.59 -12.88
N SER A 44 -6.89 -4.00 -14.11
CA SER A 44 -6.14 -5.22 -14.37
C SER A 44 -4.65 -5.01 -14.11
N VAL A 45 -4.00 -6.07 -13.66
CA VAL A 45 -2.56 -6.03 -13.37
C VAL A 45 -1.77 -5.59 -14.60
N GLU A 46 -1.98 -6.28 -15.71
CA GLU A 46 -1.30 -5.96 -16.95
C GLU A 46 -1.35 -4.46 -17.25
N GLU A 47 -2.43 -3.82 -16.79
CA GLU A 47 -2.61 -2.39 -17.00
C GLU A 47 -2.05 -1.61 -15.80
N PHE A 48 -2.11 -2.24 -14.63
CA PHE A 48 -1.62 -1.62 -13.40
C PHE A 48 -0.11 -1.38 -13.48
N ARG A 49 0.59 -2.28 -14.17
CA ARG A 49 2.04 -2.19 -14.31
C ARG A 49 2.44 -0.84 -14.90
N GLY A 50 1.81 -0.49 -16.03
CA GLY A 50 2.11 0.78 -16.67
C GLY A 50 1.92 1.96 -15.74
N ILE A 51 1.05 1.79 -14.74
CA ILE A 51 0.77 2.85 -13.78
C ILE A 51 1.84 2.89 -12.69
N ILE A 52 2.43 1.73 -12.41
CA ILE A 52 3.48 1.63 -11.39
C ILE A 52 4.85 1.87 -11.98
N ARG A 53 5.02 1.54 -13.26
CA ARG A 53 6.29 1.72 -13.94
C ARG A 53 6.80 3.15 -13.81
N ASP A 54 5.97 4.11 -14.23
CA ASP A 54 6.35 5.52 -14.17
C ASP A 54 5.52 6.27 -13.13
N GLY A 55 4.84 5.54 -12.26
CA GLY A 55 4.01 6.18 -11.25
C GLY A 55 4.65 6.17 -9.88
N LEU A 56 4.43 5.10 -9.13
CA LEU A 56 4.99 4.97 -7.78
C LEU A 56 6.19 4.03 -7.77
N PRO A 57 7.21 4.34 -6.95
CA PRO A 57 8.41 3.51 -6.85
C PRO A 57 8.18 2.25 -6.04
N MET A 58 8.35 1.10 -6.68
CA MET A 58 8.16 -0.18 -6.04
C MET A 58 8.90 -1.28 -6.78
N THR A 59 9.55 -2.16 -6.03
CA THR A 59 10.29 -3.27 -6.63
C THR A 59 9.34 -4.38 -7.06
N GLU A 60 9.67 -5.06 -8.14
CA GLU A 60 8.85 -6.15 -8.66
C GLU A 60 8.29 -7.00 -7.54
N ALA A 61 9.19 -7.46 -6.68
CA ALA A 61 8.81 -8.29 -5.54
C ALA A 61 7.61 -7.70 -4.81
N GLU A 62 7.70 -6.43 -4.43
CA GLU A 62 6.61 -5.76 -3.73
C GLU A 62 5.33 -5.87 -4.56
N ILE A 63 5.37 -5.28 -5.75
CA ILE A 63 4.22 -5.32 -6.66
C ILE A 63 3.82 -6.74 -7.01
N THR A 64 4.74 -7.46 -7.65
CA THR A 64 4.51 -8.84 -8.05
C THR A 64 3.97 -9.67 -6.89
N GLU A 65 4.67 -9.60 -5.75
CA GLU A 65 4.24 -10.35 -4.58
C GLU A 65 2.90 -9.85 -4.08
N PHE A 66 2.56 -8.67 -4.55
CA PHE A 66 1.30 -8.05 -4.20
C PHE A 66 0.25 -8.32 -5.27
N PHE A 67 0.71 -8.57 -6.49
CA PHE A 67 -0.19 -8.84 -7.62
C PHE A 67 -0.79 -10.25 -7.49
N GLU A 68 -0.02 -11.15 -6.90
CA GLU A 68 -0.47 -12.52 -6.71
C GLU A 68 -1.31 -12.66 -5.44
N ALA A 69 -1.04 -11.80 -4.46
CA ALA A 69 -1.77 -11.82 -3.20
C ALA A 69 -3.11 -11.11 -3.31
N ALA A 70 -3.27 -10.41 -4.41
CA ALA A 70 -4.49 -9.66 -4.68
C ALA A 70 -5.43 -10.45 -5.58
N ASP A 71 -4.86 -11.33 -6.39
CA ASP A 71 -5.64 -12.15 -7.32
C ASP A 71 -5.40 -13.63 -7.05
N PRO A 72 -6.46 -14.38 -6.68
CA PRO A 72 -6.34 -15.82 -6.39
C PRO A 72 -5.90 -16.63 -7.61
N ASN A 73 -6.62 -16.48 -8.71
CA ASN A 73 -6.30 -17.21 -9.94
C ASN A 73 -4.98 -16.71 -10.53
N ASN A 74 -4.70 -15.42 -10.36
CA ASN A 74 -3.49 -14.82 -10.87
C ASN A 74 -3.58 -14.64 -12.39
N THR A 75 -4.73 -14.15 -12.85
CA THR A 75 -4.94 -13.93 -14.26
C THR A 75 -4.61 -12.49 -14.64
N GLY A 76 -3.55 -11.96 -14.01
CA GLY A 76 -3.13 -10.60 -14.27
C GLY A 76 -4.25 -9.60 -14.04
N PHE A 77 -5.22 -9.99 -13.23
CA PHE A 77 -6.34 -9.12 -12.90
C PHE A 77 -6.44 -8.95 -11.39
N ILE A 78 -6.51 -7.72 -10.94
CA ILE A 78 -6.59 -7.43 -9.52
C ILE A 78 -7.95 -6.84 -9.15
N ASP A 79 -8.34 -7.07 -7.90
CA ASP A 79 -9.60 -6.55 -7.39
C ASP A 79 -9.32 -5.28 -6.59
N TYR A 80 -9.50 -4.12 -7.23
CA TYR A 80 -9.25 -2.83 -6.60
C TYR A 80 -9.61 -2.84 -5.12
N LYS A 81 -10.68 -3.55 -4.77
CA LYS A 81 -11.12 -3.64 -3.39
C LYS A 81 -10.09 -4.37 -2.54
N ALA A 82 -9.70 -5.56 -2.99
CA ALA A 82 -8.71 -6.36 -2.28
C ALA A 82 -7.41 -5.56 -2.11
N PHE A 83 -7.21 -4.60 -3.01
CA PHE A 83 -6.03 -3.76 -2.98
C PHE A 83 -6.28 -2.48 -2.18
N ALA A 84 -7.53 -2.03 -2.19
CA ALA A 84 -7.92 -0.83 -1.47
C ALA A 84 -8.11 -1.10 0.02
N ALA A 85 -8.43 -2.35 0.35
CA ALA A 85 -8.66 -2.75 1.73
C ALA A 85 -7.35 -2.82 2.51
N MET A 86 -6.27 -2.75 1.77
CA MET A 86 -4.94 -2.81 2.36
C MET A 86 -4.50 -1.43 2.86
N LEU A 87 -4.90 -0.39 2.14
CA LEU A 87 -4.56 0.98 2.50
C LEU A 87 -5.56 1.55 3.49
N TYR A 88 -6.59 0.78 3.70
CA TYR A 88 -7.66 1.15 4.62
C TYR A 88 -7.89 0.05 5.67
N SER A 89 -6.88 -0.77 5.89
CA SER A 89 -6.97 -1.86 6.86
C SER A 89 -6.68 -1.34 8.27
N VAL A 90 -7.64 -0.64 8.85
CA VAL A 90 -7.49 -0.10 10.19
C VAL A 90 -8.74 -0.36 11.04
N ASP A 91 -9.40 -1.48 10.77
CA ASP A 91 -10.60 -1.84 11.50
C ASP A 91 -10.44 -3.20 12.18
N GLU A 92 -9.85 -3.20 13.37
CA GLU A 92 -9.63 -4.43 14.11
C GLU A 92 -10.96 -5.12 14.42
N SER A 93 -10.99 -6.44 14.25
CA SER A 93 -12.19 -7.22 14.51
C SER A 93 -12.08 -7.97 15.83
N MET A 1 6.24 17.50 54.48
CA MET A 1 6.09 17.31 55.95
C MET A 1 6.82 16.06 56.42
N GLY A 2 7.99 15.81 55.83
CA GLY A 2 8.77 14.65 56.21
C GLY A 2 8.04 13.35 55.99
N SER A 3 7.30 13.27 54.88
CA SER A 3 6.53 12.07 54.56
C SER A 3 6.59 11.78 53.06
N SER A 4 7.73 12.07 52.45
CA SER A 4 7.92 11.84 51.02
C SER A 4 7.72 10.36 50.67
N HIS A 5 6.48 9.98 50.42
CA HIS A 5 6.16 8.59 50.08
C HIS A 5 5.96 8.44 48.58
N HIS A 6 5.45 9.50 47.94
CA HIS A 6 5.20 9.47 46.50
C HIS A 6 4.22 8.37 46.13
N HIS A 7 4.08 8.12 44.83
CA HIS A 7 3.16 7.09 44.36
C HIS A 7 3.41 6.80 42.89
N HIS A 8 4.28 5.82 42.62
CA HIS A 8 4.61 5.44 41.25
C HIS A 8 3.51 4.56 40.66
N HIS A 9 3.28 4.71 39.36
CA HIS A 9 2.25 3.93 38.67
C HIS A 9 2.88 2.91 37.73
N HIS A 10 3.55 3.41 36.70
CA HIS A 10 4.21 2.55 35.72
C HIS A 10 4.97 3.37 34.68
N SER A 11 6.16 3.81 35.06
CA SER A 11 7.00 4.61 34.17
C SER A 11 7.75 3.73 33.18
N SER A 12 7.07 3.36 32.10
CA SER A 12 7.67 2.51 31.08
C SER A 12 8.48 3.33 30.08
N GLY A 13 7.77 4.08 29.23
CA GLY A 13 8.44 4.91 28.25
C GLY A 13 9.30 4.10 27.30
N LEU A 14 8.72 3.69 26.17
CA LEU A 14 9.45 2.90 25.18
C LEU A 14 9.80 3.76 23.97
N VAL A 15 8.78 4.18 23.23
CA VAL A 15 8.97 4.99 22.03
C VAL A 15 7.70 5.76 21.68
N PRO A 16 7.85 6.95 21.08
CA PRO A 16 6.70 7.78 20.68
C PRO A 16 5.68 7.02 19.84
N ARG A 17 6.12 6.53 18.69
CA ARG A 17 5.25 5.78 17.79
C ARG A 17 5.06 4.35 18.30
N GLY A 18 6.09 3.53 18.13
CA GLY A 18 6.02 2.14 18.57
C GLY A 18 6.88 1.22 17.73
N SER A 19 6.46 1.00 16.49
CA SER A 19 7.19 0.13 15.57
C SER A 19 6.77 0.37 14.13
N HIS A 20 5.47 0.27 13.87
CA HIS A 20 4.94 0.48 12.53
C HIS A 20 4.71 1.96 12.26
N MET A 21 5.25 2.45 11.15
CA MET A 21 5.10 3.85 10.78
C MET A 21 3.84 4.06 9.96
N SER A 22 3.26 5.26 10.06
CA SER A 22 2.04 5.59 9.32
C SER A 22 2.35 6.41 8.07
N ASP A 23 3.64 6.58 7.81
CA ASP A 23 4.08 7.34 6.64
C ASP A 23 4.39 6.43 5.47
N GLU A 24 4.51 5.17 5.77
CA GLU A 24 4.82 4.15 4.76
C GLU A 24 3.69 4.02 3.76
N LYS A 25 2.55 4.56 4.15
CA LYS A 25 1.35 4.54 3.31
C LYS A 25 1.28 5.80 2.46
N THR A 26 1.88 6.87 2.96
CA THR A 26 1.87 8.15 2.24
C THR A 26 2.71 8.05 0.96
N GLN A 27 3.71 7.19 0.98
CA GLN A 27 4.56 6.99 -0.19
C GLN A 27 3.70 6.53 -1.37
N LEU A 28 2.55 5.93 -1.04
CA LEU A 28 1.62 5.44 -2.04
C LEU A 28 0.63 6.51 -2.46
N ILE A 29 0.64 7.58 -1.70
CA ILE A 29 -0.25 8.73 -1.94
C ILE A 29 0.08 9.43 -3.23
N GLU A 30 1.23 9.11 -3.73
CA GLU A 30 1.73 9.66 -4.99
C GLU A 30 1.08 9.00 -6.20
N ALA A 31 0.16 8.10 -5.92
CA ALA A 31 -0.56 7.38 -6.96
C ALA A 31 -1.86 8.08 -7.30
N PHE A 32 -2.47 8.71 -6.30
CA PHE A 32 -3.73 9.41 -6.49
C PHE A 32 -3.59 10.52 -7.54
N TYR A 33 -2.39 11.08 -7.64
CA TYR A 33 -2.12 12.14 -8.60
C TYR A 33 -1.48 11.58 -9.87
N ASN A 34 -1.91 10.39 -10.27
CA ASN A 34 -1.39 9.75 -11.47
C ASN A 34 -2.27 8.58 -11.89
N PHE A 35 -3.57 8.70 -11.64
CA PHE A 35 -4.52 7.66 -12.00
C PHE A 35 -5.95 8.08 -11.66
N ASP A 36 -6.25 9.35 -11.92
CA ASP A 36 -7.58 9.88 -11.65
C ASP A 36 -8.10 10.68 -12.83
N GLY A 37 -8.17 10.04 -14.00
CA GLY A 37 -8.64 10.70 -15.20
C GLY A 37 -10.10 10.43 -15.46
N ASP A 38 -10.86 10.16 -14.39
CA ASP A 38 -12.29 9.89 -14.52
C ASP A 38 -12.52 8.65 -15.39
N TYR A 39 -12.13 7.49 -14.87
CA TYR A 39 -12.30 6.23 -15.60
C TYR A 39 -13.12 5.24 -14.79
N ASP A 40 -12.48 4.63 -13.79
CA ASP A 40 -13.16 3.66 -12.94
C ASP A 40 -12.22 3.15 -11.85
N GLY A 41 -12.71 2.22 -11.04
CA GLY A 41 -11.89 1.66 -9.96
C GLY A 41 -11.23 0.36 -10.37
N PHE A 42 -11.95 -0.46 -11.12
CA PHE A 42 -11.42 -1.74 -11.57
C PHE A 42 -10.19 -1.55 -12.45
N VAL A 43 -9.09 -2.17 -12.05
CA VAL A 43 -7.85 -2.07 -12.81
C VAL A 43 -7.06 -3.38 -12.75
N SER A 44 -6.98 -4.06 -13.89
CA SER A 44 -6.28 -5.34 -13.97
C SER A 44 -4.78 -5.13 -13.74
N VAL A 45 -4.09 -6.23 -13.39
CA VAL A 45 -2.66 -6.19 -13.16
C VAL A 45 -1.91 -5.67 -14.38
N GLU A 46 -2.13 -6.33 -15.51
CA GLU A 46 -1.48 -5.95 -16.76
C GLU A 46 -1.59 -4.44 -17.00
N GLU A 47 -2.76 -3.90 -16.71
CA GLU A 47 -2.99 -2.46 -16.87
C GLU A 47 -2.38 -1.68 -15.72
N PHE A 48 -2.29 -2.33 -14.56
CA PHE A 48 -1.73 -1.72 -13.37
C PHE A 48 -0.23 -1.46 -13.54
N ARG A 49 0.43 -2.30 -14.33
CA ARG A 49 1.85 -2.16 -14.58
C ARG A 49 2.19 -0.77 -15.12
N GLY A 50 1.55 -0.40 -16.22
CA GLY A 50 1.81 0.90 -16.81
C GLY A 50 1.59 2.04 -15.83
N ILE A 51 0.78 1.79 -14.80
CA ILE A 51 0.50 2.80 -13.79
C ILE A 51 1.58 2.83 -12.72
N ILE A 52 2.27 1.71 -12.55
CA ILE A 52 3.33 1.60 -11.54
C ILE A 52 4.69 1.94 -12.15
N ARG A 53 4.90 1.54 -13.39
CA ARG A 53 6.16 1.79 -14.08
C ARG A 53 6.52 3.28 -14.03
N ASP A 54 5.55 4.13 -14.34
CA ASP A 54 5.76 5.57 -14.34
C ASP A 54 4.99 6.25 -13.21
N GLY A 55 4.52 5.46 -12.25
CA GLY A 55 3.77 6.03 -11.13
C GLY A 55 4.54 5.97 -9.83
N LEU A 56 4.38 4.86 -9.10
CA LEU A 56 5.06 4.70 -7.83
C LEU A 56 6.30 3.81 -7.98
N PRO A 57 7.42 4.20 -7.34
CA PRO A 57 8.67 3.44 -7.41
C PRO A 57 8.68 2.24 -6.47
N MET A 58 7.71 1.35 -6.66
CA MET A 58 7.61 0.16 -5.84
C MET A 58 8.47 -0.97 -6.42
N THR A 59 9.10 -1.73 -5.53
CA THR A 59 9.94 -2.84 -5.96
C THR A 59 9.10 -4.03 -6.41
N GLU A 60 9.59 -4.75 -7.41
CA GLU A 60 8.87 -5.92 -7.94
C GLU A 60 8.23 -6.71 -6.83
N ALA A 61 9.03 -7.06 -5.84
CA ALA A 61 8.55 -7.82 -4.69
C ALA A 61 7.26 -7.25 -4.16
N GLU A 62 7.25 -5.95 -3.86
CA GLU A 62 6.05 -5.30 -3.35
C GLU A 62 4.88 -5.52 -4.29
N ILE A 63 5.03 -5.04 -5.52
CA ILE A 63 3.99 -5.19 -6.54
C ILE A 63 3.69 -6.65 -6.82
N THR A 64 4.71 -7.37 -7.27
CA THR A 64 4.57 -8.80 -7.57
C THR A 64 3.96 -9.56 -6.40
N GLU A 65 4.54 -9.37 -5.22
CA GLU A 65 4.03 -10.05 -4.02
C GLU A 65 2.65 -9.54 -3.68
N PHE A 66 2.32 -8.43 -4.28
CA PHE A 66 1.02 -7.81 -4.09
C PHE A 66 0.05 -8.23 -5.19
N PHE A 67 0.61 -8.60 -6.35
CA PHE A 67 -0.20 -9.03 -7.48
C PHE A 67 -0.64 -10.48 -7.32
N GLU A 68 0.18 -11.26 -6.61
CA GLU A 68 -0.13 -12.67 -6.38
C GLU A 68 -1.01 -12.84 -5.14
N ALA A 69 -0.83 -11.94 -4.18
CA ALA A 69 -1.61 -11.98 -2.94
C ALA A 69 -2.98 -11.36 -3.12
N ALA A 70 -3.15 -10.70 -4.24
CA ALA A 70 -4.40 -10.03 -4.57
C ALA A 70 -5.19 -10.85 -5.58
N ASP A 71 -4.49 -11.64 -6.39
CA ASP A 71 -5.14 -12.47 -7.39
C ASP A 71 -4.76 -13.95 -7.20
N PRO A 72 -5.70 -14.78 -6.73
CA PRO A 72 -5.46 -16.20 -6.50
C PRO A 72 -5.20 -16.96 -7.80
N ASN A 73 -6.02 -16.67 -8.81
CA ASN A 73 -5.89 -17.33 -10.11
C ASN A 73 -4.61 -16.90 -10.80
N ASN A 74 -4.20 -15.66 -10.57
CA ASN A 74 -2.98 -15.11 -11.17
C ASN A 74 -3.22 -14.80 -12.64
N THR A 75 -4.49 -14.65 -13.01
CA THR A 75 -4.85 -14.36 -14.39
C THR A 75 -4.30 -12.99 -14.82
N GLY A 76 -4.02 -12.15 -13.84
CA GLY A 76 -3.49 -10.82 -14.13
C GLY A 76 -4.50 -9.72 -13.87
N PHE A 77 -5.52 -10.02 -13.06
CA PHE A 77 -6.55 -9.05 -12.74
C PHE A 77 -6.82 -9.03 -11.23
N ILE A 78 -7.16 -7.85 -10.72
CA ILE A 78 -7.45 -7.71 -9.29
C ILE A 78 -8.71 -6.90 -9.06
N ASP A 79 -9.44 -7.25 -8.02
CA ASP A 79 -10.65 -6.51 -7.66
C ASP A 79 -10.22 -5.22 -6.97
N TYR A 80 -10.39 -4.10 -7.67
CA TYR A 80 -9.98 -2.79 -7.16
C TYR A 80 -10.05 -2.71 -5.63
N LYS A 81 -11.08 -3.30 -5.05
CA LYS A 81 -11.24 -3.30 -3.60
C LYS A 81 -10.12 -4.07 -2.93
N ALA A 82 -9.92 -5.32 -3.35
CA ALA A 82 -8.86 -6.16 -2.79
C ALA A 82 -7.53 -5.42 -2.78
N PHE A 83 -7.37 -4.49 -3.71
CA PHE A 83 -6.16 -3.71 -3.82
C PHE A 83 -6.27 -2.39 -3.05
N ALA A 84 -7.48 -1.82 -3.06
CA ALA A 84 -7.72 -0.56 -2.35
C ALA A 84 -7.83 -0.78 -0.85
N ALA A 85 -8.15 -2.00 -0.45
CA ALA A 85 -8.28 -2.32 0.97
C ALA A 85 -6.94 -2.39 1.66
N MET A 86 -5.90 -2.38 0.86
CA MET A 86 -4.53 -2.42 1.36
C MET A 86 -4.14 -1.09 1.99
N LEU A 87 -4.70 -0.01 1.47
CA LEU A 87 -4.42 1.33 1.98
C LEU A 87 -5.52 1.81 2.91
N TYR A 88 -6.55 1.03 2.97
CA TYR A 88 -7.71 1.32 3.80
C TYR A 88 -8.03 0.14 4.73
N SER A 89 -7.03 -0.69 4.98
CA SER A 89 -7.21 -1.86 5.84
C SER A 89 -7.08 -1.46 7.31
N VAL A 90 -8.21 -1.20 7.95
CA VAL A 90 -8.23 -0.81 9.36
C VAL A 90 -9.32 -1.56 10.12
N ASP A 91 -9.59 -2.80 9.70
CA ASP A 91 -10.61 -3.62 10.34
C ASP A 91 -10.26 -3.88 11.80
N GLU A 92 -11.15 -3.48 12.70
CA GLU A 92 -10.93 -3.67 14.13
C GLU A 92 -11.08 -5.14 14.51
N SER A 93 -12.31 -5.64 14.44
CA SER A 93 -12.59 -7.03 14.78
C SER A 93 -12.38 -7.94 13.57
N MET A 1 10.76 10.06 16.97
CA MET A 1 9.77 11.03 17.51
C MET A 1 10.20 12.47 17.23
N GLY A 2 11.51 12.72 17.28
CA GLY A 2 12.03 14.04 17.02
C GLY A 2 12.76 14.14 15.70
N SER A 3 14.08 14.31 15.77
CA SER A 3 14.89 14.42 14.57
C SER A 3 15.50 13.07 14.21
N SER A 4 14.70 12.02 14.30
CA SER A 4 15.16 10.67 13.97
C SER A 4 15.65 10.58 12.53
N HIS A 5 16.72 9.83 12.32
CA HIS A 5 17.29 9.67 10.98
C HIS A 5 16.77 8.39 10.33
N HIS A 6 17.34 8.05 9.18
CA HIS A 6 16.95 6.84 8.46
C HIS A 6 18.17 6.00 8.12
N HIS A 7 18.20 4.78 8.68
CA HIS A 7 19.31 3.86 8.45
C HIS A 7 19.07 2.53 9.13
N HIS A 8 18.53 2.58 10.34
CA HIS A 8 18.25 1.36 11.10
C HIS A 8 16.92 0.75 10.66
N HIS A 9 16.46 -0.26 11.41
CA HIS A 9 15.21 -0.93 11.10
C HIS A 9 15.26 -1.56 9.71
N HIS A 10 15.29 -2.90 9.69
CA HIS A 10 15.34 -3.63 8.42
C HIS A 10 14.71 -5.01 8.57
N SER A 11 15.38 -5.87 9.34
CA SER A 11 14.88 -7.23 9.57
C SER A 11 15.78 -7.97 10.55
N SER A 12 15.28 -9.08 11.08
CA SER A 12 16.03 -9.89 12.04
C SER A 12 16.38 -9.08 13.28
N GLY A 13 16.88 -9.76 14.30
CA GLY A 13 17.25 -9.08 15.54
C GLY A 13 16.27 -9.36 16.66
N LEU A 14 15.62 -8.31 17.14
CA LEU A 14 14.65 -8.44 18.22
C LEU A 14 13.69 -7.26 18.24
N VAL A 15 13.23 -6.85 17.06
CA VAL A 15 12.30 -5.74 16.94
C VAL A 15 10.95 -6.20 16.43
N PRO A 16 10.05 -6.60 17.35
CA PRO A 16 8.71 -7.07 16.97
C PRO A 16 7.97 -6.09 16.07
N ARG A 17 8.24 -4.80 16.27
CA ARG A 17 7.60 -3.76 15.47
C ARG A 17 8.54 -3.28 14.36
N GLY A 18 8.07 -3.36 13.12
CA GLY A 18 8.87 -2.94 11.99
C GLY A 18 8.45 -1.58 11.45
N SER A 19 7.33 -1.54 10.75
CA SER A 19 6.82 -0.30 10.19
C SER A 19 5.64 0.23 11.01
N HIS A 20 5.93 1.12 11.95
CA HIS A 20 4.90 1.70 12.80
C HIS A 20 4.69 3.17 12.47
N MET A 21 4.91 3.53 11.21
CA MET A 21 4.75 4.92 10.77
C MET A 21 3.55 5.06 9.85
N SER A 22 2.99 6.26 9.79
CA SER A 22 1.83 6.53 8.93
C SER A 22 2.23 7.22 7.65
N ASP A 23 3.53 7.35 7.45
CA ASP A 23 4.07 8.00 6.25
C ASP A 23 4.34 6.98 5.15
N GLU A 24 4.35 5.73 5.55
CA GLU A 24 4.60 4.63 4.62
C GLU A 24 3.49 4.52 3.59
N LYS A 25 2.39 5.16 3.89
CA LYS A 25 1.23 5.16 3.02
C LYS A 25 1.27 6.36 2.07
N THR A 26 1.87 7.46 2.53
CA THR A 26 1.98 8.67 1.72
C THR A 26 2.70 8.38 0.42
N GLN A 27 3.57 7.38 0.41
CA GLN A 27 4.29 7.00 -0.79
C GLN A 27 3.30 6.53 -1.85
N LEU A 28 2.13 6.08 -1.38
CA LEU A 28 1.07 5.60 -2.27
C LEU A 28 0.16 6.73 -2.70
N ILE A 29 0.34 7.86 -2.04
CA ILE A 29 -0.45 9.06 -2.32
C ILE A 29 -0.18 9.60 -3.71
N GLU A 30 0.87 9.11 -4.26
CA GLU A 30 1.31 9.48 -5.60
C GLU A 30 0.48 8.79 -6.68
N ALA A 31 -0.50 8.02 -6.23
CA ALA A 31 -1.39 7.29 -7.13
C ALA A 31 -2.65 8.10 -7.43
N PHE A 32 -3.07 8.90 -6.46
CA PHE A 32 -4.26 9.72 -6.62
C PHE A 32 -4.11 10.68 -7.80
N TYR A 33 -2.88 11.10 -8.07
CA TYR A 33 -2.60 12.01 -9.17
C TYR A 33 -2.14 11.25 -10.40
N ASN A 34 -2.75 10.09 -10.64
CA ASN A 34 -2.40 9.27 -11.79
C ASN A 34 -3.29 8.04 -11.88
N PHE A 35 -4.57 8.23 -11.56
CA PHE A 35 -5.53 7.13 -11.60
C PHE A 35 -6.94 7.64 -11.26
N ASP A 36 -7.58 8.26 -12.24
CA ASP A 36 -8.93 8.79 -12.05
C ASP A 36 -9.60 9.05 -13.40
N GLY A 37 -9.95 7.98 -14.09
CA GLY A 37 -10.60 8.12 -15.39
C GLY A 37 -12.08 7.77 -15.33
N ASP A 38 -12.69 7.95 -14.18
CA ASP A 38 -14.11 7.65 -13.99
C ASP A 38 -14.38 6.17 -14.28
N TYR A 39 -13.45 5.32 -13.89
CA TYR A 39 -13.59 3.88 -14.10
C TYR A 39 -14.63 3.30 -13.14
N ASP A 40 -14.78 1.97 -13.17
CA ASP A 40 -15.73 1.29 -12.30
C ASP A 40 -15.03 0.71 -11.08
N GLY A 41 -14.01 1.40 -10.61
CA GLY A 41 -13.27 0.94 -9.44
C GLY A 41 -12.64 -0.42 -9.66
N PHE A 42 -12.03 -0.61 -10.84
CA PHE A 42 -11.38 -1.87 -11.16
C PHE A 42 -10.21 -1.65 -12.11
N VAL A 43 -9.03 -2.12 -11.72
CA VAL A 43 -7.83 -1.97 -12.53
C VAL A 43 -7.09 -3.30 -12.64
N SER A 44 -6.79 -3.71 -13.87
CA SER A 44 -6.08 -4.95 -14.11
C SER A 44 -4.59 -4.79 -13.88
N VAL A 45 -3.90 -5.90 -13.69
CA VAL A 45 -2.46 -5.88 -13.46
C VAL A 45 -1.72 -5.33 -14.67
N GLU A 46 -1.97 -5.92 -15.83
CA GLU A 46 -1.32 -5.49 -17.07
C GLU A 46 -1.38 -3.97 -17.22
N GLU A 47 -2.42 -3.37 -16.66
CA GLU A 47 -2.59 -1.92 -16.73
C GLU A 47 -2.00 -1.25 -15.49
N PHE A 48 -2.01 -1.98 -14.38
CA PHE A 48 -1.47 -1.46 -13.12
C PHE A 48 0.04 -1.26 -13.22
N ARG A 49 0.71 -2.18 -13.90
CA ARG A 49 2.16 -2.12 -14.07
C ARG A 49 2.57 -0.77 -14.67
N GLY A 50 1.95 -0.40 -15.77
CA GLY A 50 2.27 0.86 -16.42
C GLY A 50 2.10 2.05 -15.50
N ILE A 51 1.30 1.88 -14.45
CA ILE A 51 1.04 2.94 -13.49
C ILE A 51 2.00 2.86 -12.31
N ILE A 52 2.51 1.65 -12.04
CA ILE A 52 3.44 1.44 -10.94
C ILE A 52 4.89 1.55 -11.40
N ARG A 53 5.21 0.84 -12.49
CA ARG A 53 6.56 0.84 -13.04
C ARG A 53 7.13 2.26 -13.14
N ASP A 54 6.56 3.05 -14.05
CA ASP A 54 7.02 4.42 -14.26
C ASP A 54 6.23 5.41 -13.41
N GLY A 55 5.50 4.91 -12.42
CA GLY A 55 4.71 5.78 -11.57
C GLY A 55 5.09 5.68 -10.10
N LEU A 56 4.43 4.76 -9.39
CA LEU A 56 4.70 4.57 -7.97
C LEU A 56 5.94 3.71 -7.76
N PRO A 57 6.85 4.15 -6.86
CA PRO A 57 8.07 3.40 -6.56
C PRO A 57 7.82 2.18 -5.70
N MET A 58 8.04 1.00 -6.27
CA MET A 58 7.83 -0.25 -5.56
C MET A 58 8.68 -1.37 -6.15
N THR A 59 9.28 -2.18 -5.29
CA THR A 59 10.12 -3.28 -5.72
C THR A 59 9.26 -4.43 -6.27
N GLU A 60 9.77 -5.12 -7.28
CA GLU A 60 9.06 -6.25 -7.89
C GLU A 60 8.33 -7.07 -6.85
N ALA A 61 9.04 -7.41 -5.79
CA ALA A 61 8.49 -8.19 -4.70
C ALA A 61 7.17 -7.60 -4.23
N GLU A 62 7.18 -6.32 -3.86
CA GLU A 62 5.96 -5.65 -3.41
C GLU A 62 4.85 -5.85 -4.44
N ILE A 63 5.08 -5.32 -5.65
CA ILE A 63 4.10 -5.45 -6.72
C ILE A 63 3.78 -6.91 -7.02
N THR A 64 4.79 -7.65 -7.44
CA THR A 64 4.64 -9.07 -7.76
C THR A 64 3.95 -9.82 -6.64
N GLU A 65 4.47 -9.68 -5.42
CA GLU A 65 3.88 -10.36 -4.28
C GLU A 65 2.49 -9.83 -3.99
N PHE A 66 2.23 -8.68 -4.58
CA PHE A 66 0.94 -8.03 -4.44
C PHE A 66 0.03 -8.41 -5.60
N PHE A 67 0.63 -8.74 -6.73
CA PHE A 67 -0.13 -9.13 -7.92
C PHE A 67 -0.64 -10.57 -7.80
N GLU A 68 0.07 -11.37 -7.02
CA GLU A 68 -0.30 -12.77 -6.82
C GLU A 68 -1.21 -12.91 -5.60
N ALA A 69 -1.05 -12.03 -4.64
CA ALA A 69 -1.85 -12.05 -3.42
C ALA A 69 -3.14 -11.26 -3.58
N ALA A 70 -3.20 -10.52 -4.65
CA ALA A 70 -4.36 -9.69 -4.97
C ALA A 70 -5.35 -10.46 -5.85
N ASP A 71 -4.83 -11.39 -6.65
CA ASP A 71 -5.67 -12.19 -7.54
C ASP A 71 -5.43 -13.68 -7.31
N PRO A 72 -6.48 -14.43 -6.92
CA PRO A 72 -6.36 -15.87 -6.67
C PRO A 72 -6.05 -16.65 -7.95
N ASN A 73 -6.70 -16.26 -9.05
CA ASN A 73 -6.48 -16.92 -10.33
C ASN A 73 -5.17 -16.48 -10.96
N ASN A 74 -4.76 -15.25 -10.67
CA ASN A 74 -3.52 -14.70 -11.21
C ASN A 74 -3.68 -14.41 -12.69
N THR A 75 -4.85 -13.91 -13.05
CA THR A 75 -5.14 -13.58 -14.44
C THR A 75 -4.75 -12.14 -14.76
N GLY A 76 -3.59 -11.73 -14.23
CA GLY A 76 -3.12 -10.37 -14.46
C GLY A 76 -4.18 -9.33 -14.19
N PHE A 77 -5.13 -9.67 -13.33
CA PHE A 77 -6.22 -8.77 -12.99
C PHE A 77 -6.33 -8.60 -11.47
N ILE A 78 -6.37 -7.36 -11.01
CA ILE A 78 -6.48 -7.08 -9.59
C ILE A 78 -7.89 -6.68 -9.19
N ASP A 79 -8.22 -6.93 -7.94
CA ASP A 79 -9.51 -6.54 -7.40
C ASP A 79 -9.33 -5.25 -6.62
N TYR A 80 -9.60 -4.13 -7.30
CA TYR A 80 -9.43 -2.79 -6.72
C TYR A 80 -9.61 -2.80 -5.20
N LYS A 81 -10.61 -3.54 -4.72
CA LYS A 81 -10.87 -3.62 -3.29
C LYS A 81 -9.72 -4.31 -2.57
N ALA A 82 -9.40 -5.53 -3.00
CA ALA A 82 -8.30 -6.28 -2.40
C ALA A 82 -7.03 -5.44 -2.37
N PHE A 83 -6.92 -4.51 -3.31
CA PHE A 83 -5.76 -3.64 -3.41
C PHE A 83 -5.97 -2.37 -2.59
N ALA A 84 -7.23 -1.93 -2.51
CA ALA A 84 -7.56 -0.72 -1.76
C ALA A 84 -7.62 -1.00 -0.26
N ALA A 85 -7.94 -2.24 0.09
CA ALA A 85 -8.02 -2.63 1.50
C ALA A 85 -6.64 -2.77 2.12
N MET A 86 -5.64 -2.75 1.27
CA MET A 86 -4.26 -2.87 1.70
C MET A 86 -3.81 -1.62 2.46
N LEU A 87 -4.32 -0.47 2.03
CA LEU A 87 -3.98 0.80 2.66
C LEU A 87 -5.06 1.26 3.62
N TYR A 88 -6.13 0.53 3.60
CA TYR A 88 -7.29 0.80 4.43
C TYR A 88 -7.67 -0.41 5.27
N SER A 89 -6.72 -1.30 5.48
CA SER A 89 -6.95 -2.51 6.27
C SER A 89 -7.24 -2.16 7.72
N VAL A 90 -8.48 -1.75 7.98
CA VAL A 90 -8.89 -1.40 9.33
C VAL A 90 -10.33 -1.83 9.61
N ASP A 91 -10.71 -2.97 9.05
CA ASP A 91 -12.06 -3.50 9.23
C ASP A 91 -12.01 -4.91 9.82
N GLU A 92 -13.19 -5.46 10.11
CA GLU A 92 -13.29 -6.80 10.68
C GLU A 92 -12.75 -6.84 12.10
N SER A 93 -11.44 -6.68 12.23
CA SER A 93 -10.80 -6.70 13.54
C SER A 93 -11.03 -8.04 14.25
N MET A 1 31.33 -6.36 18.89
CA MET A 1 31.52 -6.38 17.42
C MET A 1 30.91 -7.63 16.80
N GLY A 2 29.76 -8.04 17.32
CA GLY A 2 29.09 -9.22 16.81
C GLY A 2 27.61 -9.24 17.14
N SER A 3 26.79 -8.77 16.21
CA SER A 3 25.34 -8.74 16.41
C SER A 3 24.71 -10.09 16.05
N SER A 4 24.76 -10.44 14.77
CA SER A 4 24.19 -11.70 14.30
C SER A 4 22.70 -11.76 14.59
N HIS A 5 21.90 -11.19 13.69
CA HIS A 5 20.45 -11.18 13.84
C HIS A 5 19.77 -11.76 12.61
N HIS A 6 20.39 -12.76 12.01
CA HIS A 6 19.84 -13.40 10.82
C HIS A 6 19.76 -14.91 11.00
N HIS A 7 19.48 -15.62 9.91
CA HIS A 7 19.39 -17.07 9.95
C HIS A 7 18.27 -17.52 10.87
N HIS A 8 17.25 -18.15 10.30
CA HIS A 8 16.11 -18.62 11.09
C HIS A 8 15.41 -17.47 11.79
N HIS A 9 14.51 -16.80 11.08
CA HIS A 9 13.77 -15.67 11.64
C HIS A 9 12.50 -16.15 12.33
N HIS A 10 11.77 -15.20 12.91
CA HIS A 10 10.53 -15.52 13.61
C HIS A 10 9.32 -15.04 12.81
N SER A 11 9.40 -13.80 12.33
CA SER A 11 8.31 -13.22 11.56
C SER A 11 7.03 -13.14 12.37
N SER A 12 6.04 -12.42 11.86
CA SER A 12 4.77 -12.27 12.55
C SER A 12 3.69 -13.13 11.89
N GLY A 13 3.34 -14.22 12.55
CA GLY A 13 2.32 -15.12 12.01
C GLY A 13 2.00 -16.27 12.95
N LEU A 14 3.03 -16.79 13.60
CA LEU A 14 2.86 -17.91 14.53
C LEU A 14 2.41 -17.41 15.90
N VAL A 15 2.85 -16.21 16.25
CA VAL A 15 2.48 -15.62 17.54
C VAL A 15 1.72 -14.31 17.35
N PRO A 16 0.84 -13.96 18.30
CA PRO A 16 0.04 -12.73 18.23
C PRO A 16 0.91 -11.49 18.04
N ARG A 17 0.28 -10.33 18.11
CA ARG A 17 1.00 -9.06 17.94
C ARG A 17 1.64 -8.98 16.55
N GLY A 18 1.86 -7.75 16.08
CA GLY A 18 2.47 -7.56 14.78
C GLY A 18 1.96 -6.31 14.09
N SER A 19 2.61 -5.18 14.35
CA SER A 19 2.21 -3.92 13.74
C SER A 19 3.32 -3.37 12.85
N HIS A 20 3.09 -2.20 12.27
CA HIS A 20 4.07 -1.57 11.40
C HIS A 20 3.76 -0.09 11.19
N MET A 21 4.65 0.61 10.51
CA MET A 21 4.46 2.04 10.25
C MET A 21 3.28 2.27 9.31
N SER A 22 2.62 3.41 9.47
CA SER A 22 1.48 3.75 8.62
C SER A 22 1.86 4.75 7.54
N ASP A 23 3.15 5.04 7.45
CA ASP A 23 3.65 5.99 6.46
C ASP A 23 3.94 5.28 5.15
N GLU A 24 3.97 3.98 5.20
CA GLU A 24 4.23 3.16 4.02
C GLU A 24 3.11 3.29 3.01
N LYS A 25 2.00 3.80 3.48
CA LYS A 25 0.82 4.01 2.65
C LYS A 25 0.83 5.42 2.06
N THR A 26 1.48 6.36 2.76
CA THR A 26 1.56 7.73 2.28
C THR A 26 2.41 7.84 1.03
N GLN A 27 3.36 6.92 0.87
CA GLN A 27 4.21 6.91 -0.31
C GLN A 27 3.33 6.73 -1.56
N LEU A 28 2.16 6.12 -1.35
CA LEU A 28 1.20 5.87 -2.43
C LEU A 28 0.27 7.05 -2.62
N ILE A 29 0.32 7.96 -1.68
CA ILE A 29 -0.53 9.16 -1.70
C ILE A 29 -0.20 10.06 -2.87
N GLU A 30 0.92 9.77 -3.44
CA GLU A 30 1.43 10.52 -4.60
C GLU A 30 0.77 10.03 -5.88
N ALA A 31 -0.13 9.09 -5.73
CA ALA A 31 -0.86 8.51 -6.87
C ALA A 31 -2.18 9.24 -7.10
N PHE A 32 -2.76 9.76 -6.02
CA PHE A 32 -4.03 10.47 -6.11
C PHE A 32 -3.95 11.64 -7.08
N TYR A 33 -2.74 12.18 -7.24
CA TYR A 33 -2.53 13.30 -8.16
C TYR A 33 -1.99 12.82 -9.51
N ASN A 34 -2.33 11.58 -9.87
CA ASN A 34 -1.88 11.00 -11.13
C ASN A 34 -2.46 9.60 -11.32
N PHE A 35 -3.70 9.41 -10.89
CA PHE A 35 -4.36 8.11 -11.01
C PHE A 35 -5.80 8.19 -10.51
N ASP A 36 -6.46 9.30 -10.80
CA ASP A 36 -7.85 9.50 -10.38
C ASP A 36 -8.63 10.29 -11.41
N GLY A 37 -8.46 9.93 -12.69
CA GLY A 37 -9.15 10.63 -13.75
C GLY A 37 -10.57 10.13 -13.94
N ASP A 38 -10.72 9.01 -14.63
CA ASP A 38 -12.03 8.42 -14.89
C ASP A 38 -11.91 7.11 -15.65
N TYR A 39 -11.55 6.05 -14.94
CA TYR A 39 -11.41 4.73 -15.55
C TYR A 39 -11.82 3.63 -14.57
N ASP A 40 -12.83 3.91 -13.76
CA ASP A 40 -13.32 2.95 -12.80
C ASP A 40 -12.23 2.56 -11.81
N GLY A 41 -12.54 1.61 -10.93
CA GLY A 41 -11.57 1.16 -9.94
C GLY A 41 -10.90 -0.15 -10.34
N PHE A 42 -11.67 -1.04 -10.95
CA PHE A 42 -11.14 -2.33 -11.39
C PHE A 42 -9.99 -2.14 -12.38
N VAL A 43 -8.84 -2.71 -12.06
CA VAL A 43 -7.67 -2.61 -12.91
C VAL A 43 -6.92 -3.94 -12.98
N SER A 44 -6.67 -4.41 -14.19
CA SER A 44 -5.97 -5.67 -14.39
C SER A 44 -4.51 -5.57 -13.93
N VAL A 45 -3.94 -6.71 -13.57
CA VAL A 45 -2.55 -6.75 -13.11
C VAL A 45 -1.60 -6.31 -14.23
N GLU A 46 -2.03 -6.51 -15.47
CA GLU A 46 -1.22 -6.13 -16.63
C GLU A 46 -1.19 -4.62 -16.79
N GLU A 47 -2.35 -4.01 -16.94
CA GLU A 47 -2.45 -2.56 -17.10
C GLU A 47 -1.82 -1.84 -15.91
N PHE A 48 -1.86 -2.50 -14.75
CA PHE A 48 -1.30 -1.93 -13.53
C PHE A 48 0.21 -1.70 -13.68
N ARG A 49 0.87 -2.62 -14.37
CA ARG A 49 2.31 -2.52 -14.60
C ARG A 49 2.66 -1.21 -15.30
N GLY A 50 1.97 -0.93 -16.40
CA GLY A 50 2.23 0.29 -17.14
C GLY A 50 2.06 1.53 -16.29
N ILE A 51 1.24 1.44 -15.26
CA ILE A 51 0.99 2.56 -14.37
C ILE A 51 2.11 2.69 -13.34
N ILE A 52 2.58 1.56 -12.83
CA ILE A 52 3.64 1.55 -11.83
C ILE A 52 5.00 1.83 -12.47
N ARG A 53 5.14 1.47 -13.75
CA ARG A 53 6.39 1.69 -14.47
C ARG A 53 6.85 3.14 -14.34
N ASP A 54 5.97 4.07 -14.70
CA ASP A 54 6.28 5.50 -14.63
C ASP A 54 5.45 6.19 -13.56
N GLY A 55 4.82 5.40 -12.68
CA GLY A 55 4.00 5.97 -11.63
C GLY A 55 4.72 6.03 -10.29
N LEU A 56 4.63 4.93 -9.54
CA LEU A 56 5.26 4.86 -8.23
C LEU A 56 6.52 3.99 -8.28
N PRO A 57 7.59 4.41 -7.58
CA PRO A 57 8.85 3.66 -7.54
C PRO A 57 8.81 2.50 -6.55
N MET A 58 7.83 1.63 -6.71
CA MET A 58 7.68 0.48 -5.82
C MET A 58 8.48 -0.71 -6.35
N THR A 59 9.13 -1.42 -5.43
CA THR A 59 9.94 -2.59 -5.81
C THR A 59 9.06 -3.73 -6.29
N GLU A 60 9.53 -4.41 -7.34
CA GLU A 60 8.81 -5.55 -7.92
C GLU A 60 8.17 -6.41 -6.85
N ALA A 61 8.98 -6.79 -5.86
CA ALA A 61 8.53 -7.62 -4.76
C ALA A 61 7.19 -7.14 -4.21
N GLU A 62 7.12 -5.86 -3.86
CA GLU A 62 5.88 -5.31 -3.32
C GLU A 62 4.75 -5.50 -4.33
N ILE A 63 4.90 -4.90 -5.51
CA ILE A 63 3.90 -5.01 -6.56
C ILE A 63 3.63 -6.48 -6.91
N THR A 64 4.67 -7.17 -7.35
CA THR A 64 4.57 -8.57 -7.72
C THR A 64 3.94 -9.38 -6.58
N GLU A 65 4.49 -9.22 -5.38
CA GLU A 65 3.96 -9.93 -4.21
C GLU A 65 2.56 -9.46 -3.90
N PHE A 66 2.23 -8.31 -4.46
CA PHE A 66 0.92 -7.72 -4.28
C PHE A 66 0.01 -8.09 -5.44
N PHE A 67 0.60 -8.39 -6.59
CA PHE A 67 -0.15 -8.76 -7.78
C PHE A 67 -0.75 -10.16 -7.61
N GLU A 68 0.03 -11.07 -7.04
CA GLU A 68 -0.42 -12.43 -6.82
C GLU A 68 -1.23 -12.53 -5.53
N ALA A 69 -0.90 -11.67 -4.56
CA ALA A 69 -1.59 -11.66 -3.28
C ALA A 69 -2.92 -10.94 -3.35
N ALA A 70 -3.11 -10.26 -4.45
CA ALA A 70 -4.33 -9.49 -4.69
C ALA A 70 -5.37 -10.34 -5.42
N ASP A 71 -4.90 -11.26 -6.25
CA ASP A 71 -5.79 -12.14 -7.00
C ASP A 71 -5.58 -13.60 -6.59
N PRO A 72 -6.65 -14.26 -6.10
CA PRO A 72 -6.59 -15.66 -5.66
C PRO A 72 -6.24 -16.60 -6.81
N ASN A 73 -6.74 -16.29 -8.01
CA ASN A 73 -6.49 -17.10 -9.19
C ASN A 73 -5.16 -16.73 -9.83
N ASN A 74 -4.79 -15.45 -9.72
CA ASN A 74 -3.55 -14.95 -10.29
C ASN A 74 -3.67 -14.87 -11.80
N THR A 75 -4.85 -14.50 -12.27
CA THR A 75 -5.11 -14.37 -13.69
C THR A 75 -4.77 -12.97 -14.18
N GLY A 76 -3.64 -12.45 -13.70
CA GLY A 76 -3.21 -11.12 -14.08
C GLY A 76 -4.30 -10.08 -13.93
N PHE A 77 -5.25 -10.34 -13.04
CA PHE A 77 -6.34 -9.41 -12.80
C PHE A 77 -6.46 -9.11 -11.31
N ILE A 78 -6.52 -7.82 -10.98
CA ILE A 78 -6.63 -7.39 -9.58
C ILE A 78 -8.06 -7.00 -9.23
N ASP A 79 -8.40 -7.15 -7.96
CA ASP A 79 -9.70 -6.76 -7.46
C ASP A 79 -9.54 -5.42 -6.75
N TYR A 80 -9.82 -4.34 -7.48
CA TYR A 80 -9.67 -2.98 -6.96
C TYR A 80 -9.86 -2.91 -5.44
N LYS A 81 -10.85 -3.65 -4.93
CA LYS A 81 -11.11 -3.66 -3.50
C LYS A 81 -9.94 -4.28 -2.75
N ALA A 82 -9.57 -5.51 -3.12
CA ALA A 82 -8.45 -6.20 -2.49
C ALA A 82 -7.20 -5.32 -2.52
N PHE A 83 -7.13 -4.46 -3.52
CA PHE A 83 -6.00 -3.56 -3.68
C PHE A 83 -6.23 -2.25 -2.92
N ALA A 84 -7.50 -1.85 -2.83
CA ALA A 84 -7.86 -0.62 -2.14
C ALA A 84 -7.87 -0.82 -0.63
N ALA A 85 -8.20 -2.04 -0.20
CA ALA A 85 -8.26 -2.36 1.22
C ALA A 85 -6.87 -2.51 1.81
N MET A 86 -5.89 -2.55 0.94
CA MET A 86 -4.49 -2.68 1.33
C MET A 86 -3.96 -1.36 1.90
N LEU A 87 -4.48 -0.26 1.39
CA LEU A 87 -4.07 1.06 1.84
C LEU A 87 -5.02 1.63 2.88
N TYR A 88 -6.09 0.90 3.06
CA TYR A 88 -7.13 1.27 4.01
C TYR A 88 -7.42 0.12 4.98
N SER A 89 -6.45 -0.77 5.13
CA SER A 89 -6.59 -1.91 6.03
C SER A 89 -6.63 -1.46 7.49
N VAL A 90 -7.83 -1.28 8.01
CA VAL A 90 -8.00 -0.84 9.39
C VAL A 90 -9.00 -1.73 10.13
N ASP A 91 -9.05 -3.01 9.75
CA ASP A 91 -9.95 -3.96 10.37
C ASP A 91 -9.35 -5.36 10.38
N GLU A 92 -9.12 -5.88 11.58
CA GLU A 92 -8.54 -7.22 11.74
C GLU A 92 -9.23 -7.98 12.87
N SER A 93 -8.94 -9.27 12.95
CA SER A 93 -9.53 -10.12 13.98
C SER A 93 -11.05 -10.12 13.89
N MET A 1 -11.52 18.87 24.45
CA MET A 1 -10.07 18.89 24.78
C MET A 1 -9.62 17.56 25.36
N GLY A 2 -8.53 17.02 24.80
CA GLY A 2 -8.01 15.74 25.28
C GLY A 2 -6.51 15.75 25.43
N SER A 3 -5.98 16.74 26.14
CA SER A 3 -4.55 16.86 26.35
C SER A 3 -4.16 16.33 27.73
N SER A 4 -5.03 16.56 28.72
CA SER A 4 -4.78 16.11 30.08
C SER A 4 -4.64 14.59 30.14
N HIS A 5 -3.57 14.13 30.78
CA HIS A 5 -3.32 12.70 30.90
C HIS A 5 -3.86 12.17 32.23
N HIS A 6 -5.13 11.79 32.24
CA HIS A 6 -5.76 11.27 33.44
C HIS A 6 -5.15 9.92 33.84
N HIS A 7 -5.23 9.60 35.13
CA HIS A 7 -4.69 8.36 35.64
C HIS A 7 -5.71 7.64 36.52
N HIS A 8 -6.65 6.94 35.89
CA HIS A 8 -7.67 6.21 36.61
C HIS A 8 -7.85 4.81 36.04
N HIS A 9 -6.77 4.25 35.52
CA HIS A 9 -6.80 2.91 34.93
C HIS A 9 -5.44 2.24 34.99
N HIS A 10 -5.30 1.10 34.33
CA HIS A 10 -4.04 0.37 34.31
C HIS A 10 -2.93 1.22 33.71
N SER A 11 -3.16 1.72 32.50
CA SER A 11 -2.17 2.54 31.81
C SER A 11 -2.72 3.06 30.48
N SER A 12 -2.80 2.17 29.50
CA SER A 12 -3.31 2.54 28.19
C SER A 12 -3.41 1.31 27.28
N GLY A 13 -2.28 0.64 27.08
CA GLY A 13 -2.25 -0.54 26.24
C GLY A 13 -1.65 -0.26 24.87
N LEU A 14 -0.38 -0.63 24.70
CA LEU A 14 0.32 -0.43 23.44
C LEU A 14 -0.21 -1.38 22.38
N VAL A 15 -0.36 -2.66 22.74
CA VAL A 15 -0.84 -3.67 21.82
C VAL A 15 0.12 -3.84 20.64
N PRO A 16 1.12 -4.73 20.79
CA PRO A 16 2.11 -4.99 19.75
C PRO A 16 1.46 -5.43 18.43
N ARG A 17 2.26 -5.97 17.53
CA ARG A 17 1.77 -6.43 16.23
C ARG A 17 1.35 -5.24 15.36
N GLY A 18 0.30 -4.55 15.77
CA GLY A 18 -0.18 -3.40 15.01
C GLY A 18 0.88 -2.33 14.87
N SER A 19 1.09 -1.86 13.63
CA SER A 19 2.08 -0.83 13.36
C SER A 19 1.49 0.56 13.58
N HIS A 20 2.35 1.54 13.80
CA HIS A 20 1.92 2.91 14.02
C HIS A 20 2.25 3.79 12.82
N MET A 21 3.45 3.61 12.28
CA MET A 21 3.89 4.38 11.13
C MET A 21 2.96 4.18 9.93
N SER A 22 2.09 5.15 9.69
CA SER A 22 1.15 5.07 8.59
C SER A 22 1.60 5.91 7.39
N ASP A 23 2.80 6.47 7.50
CA ASP A 23 3.36 7.30 6.45
C ASP A 23 3.76 6.47 5.24
N GLU A 24 3.82 5.18 5.46
CA GLU A 24 4.20 4.24 4.41
C GLU A 24 3.15 4.20 3.31
N LYS A 25 1.99 4.74 3.64
CA LYS A 25 0.88 4.81 2.70
C LYS A 25 0.90 6.13 1.93
N THR A 26 1.51 7.15 2.53
CA THR A 26 1.60 8.45 1.90
C THR A 26 2.48 8.40 0.66
N GLN A 27 3.44 7.48 0.66
CA GLN A 27 4.33 7.33 -0.49
C GLN A 27 3.50 6.96 -1.72
N LEU A 28 2.33 6.38 -1.48
CA LEU A 28 1.42 5.97 -2.54
C LEU A 28 0.48 7.11 -2.94
N ILE A 29 0.49 8.13 -2.12
CA ILE A 29 -0.35 9.31 -2.33
C ILE A 29 0.03 10.07 -3.57
N GLU A 30 1.18 9.72 -4.07
CA GLU A 30 1.74 10.33 -5.27
C GLU A 30 1.08 9.77 -6.53
N ALA A 31 0.12 8.89 -6.32
CA ALA A 31 -0.61 8.28 -7.41
C ALA A 31 -1.89 9.05 -7.73
N PHE A 32 -2.46 9.68 -6.71
CA PHE A 32 -3.69 10.45 -6.88
C PHE A 32 -3.50 11.55 -7.93
N TYR A 33 -2.25 11.97 -8.12
CA TYR A 33 -1.95 13.01 -9.10
C TYR A 33 -1.49 12.41 -10.42
N ASN A 34 -2.01 11.22 -10.74
CA ASN A 34 -1.66 10.54 -11.98
C ASN A 34 -2.51 9.29 -12.17
N PHE A 35 -3.77 9.36 -11.74
CA PHE A 35 -4.69 8.24 -11.86
C PHE A 35 -6.08 8.62 -11.37
N ASP A 36 -6.82 9.33 -12.20
CA ASP A 36 -8.17 9.77 -11.85
C ASP A 36 -9.22 8.92 -12.57
N GLY A 37 -8.97 7.62 -12.64
CA GLY A 37 -9.90 6.72 -13.31
C GLY A 37 -10.96 6.19 -12.37
N ASP A 38 -10.63 5.13 -11.63
CA ASP A 38 -11.56 4.50 -10.69
C ASP A 38 -12.95 4.36 -11.30
N TYR A 39 -13.00 4.17 -12.61
CA TYR A 39 -14.28 4.02 -13.32
C TYR A 39 -15.15 2.95 -12.66
N ASP A 40 -15.19 1.74 -13.22
CA ASP A 40 -16.00 0.67 -12.67
C ASP A 40 -15.54 0.30 -11.26
N GLY A 41 -14.26 0.52 -10.98
CA GLY A 41 -13.72 0.20 -9.67
C GLY A 41 -12.87 -1.05 -9.68
N PHE A 42 -12.30 -1.36 -10.84
CA PHE A 42 -11.45 -2.54 -10.98
C PHE A 42 -10.30 -2.28 -11.94
N VAL A 43 -9.07 -2.48 -11.45
CA VAL A 43 -7.88 -2.26 -12.27
C VAL A 43 -7.12 -3.56 -12.47
N SER A 44 -6.92 -3.93 -13.74
CA SER A 44 -6.21 -5.15 -14.07
C SER A 44 -4.70 -4.98 -13.84
N VAL A 45 -4.02 -6.10 -13.60
CA VAL A 45 -2.58 -6.07 -13.37
C VAL A 45 -1.85 -5.48 -14.57
N GLU A 46 -2.13 -6.04 -15.75
CA GLU A 46 -1.49 -5.57 -16.98
C GLU A 46 -1.58 -4.05 -17.10
N GLU A 47 -2.67 -3.50 -16.58
CA GLU A 47 -2.88 -2.05 -16.62
C GLU A 47 -2.21 -1.39 -15.42
N PHE A 48 -2.13 -2.12 -14.33
CA PHE A 48 -1.50 -1.61 -13.11
C PHE A 48 0.00 -1.43 -13.29
N ARG A 49 0.63 -2.41 -13.95
CA ARG A 49 2.07 -2.36 -14.19
C ARG A 49 2.45 -1.08 -14.93
N GLY A 50 1.78 -0.82 -16.05
CA GLY A 50 2.06 0.37 -16.82
C GLY A 50 1.99 1.64 -15.99
N ILE A 51 1.22 1.58 -14.91
CA ILE A 51 1.07 2.73 -14.02
C ILE A 51 2.13 2.71 -12.93
N ILE A 52 2.30 1.55 -12.30
CA ILE A 52 3.29 1.40 -11.24
C ILE A 52 4.71 1.55 -11.76
N ARG A 53 4.91 1.24 -13.05
CA ARG A 53 6.23 1.34 -13.67
C ARG A 53 6.84 2.72 -13.42
N ASP A 54 6.16 3.75 -13.92
CA ASP A 54 6.63 5.12 -13.75
C ASP A 54 5.72 5.91 -12.82
N GLY A 55 4.86 5.22 -12.09
CA GLY A 55 3.95 5.89 -11.18
C GLY A 55 4.46 5.92 -9.75
N LEU A 56 4.17 4.85 -9.01
CA LEU A 56 4.61 4.76 -7.62
C LEU A 56 5.83 3.86 -7.48
N PRO A 57 6.77 4.22 -6.58
CA PRO A 57 7.99 3.45 -6.36
C PRO A 57 7.74 2.19 -5.55
N MET A 58 7.92 1.04 -6.19
CA MET A 58 7.71 -0.24 -5.52
C MET A 58 8.58 -1.32 -6.14
N THR A 59 9.16 -2.15 -5.30
CA THR A 59 10.01 -3.24 -5.78
C THR A 59 9.18 -4.40 -6.30
N GLU A 60 9.69 -5.11 -7.30
CA GLU A 60 8.99 -6.25 -7.90
C GLU A 60 8.28 -7.07 -6.83
N ALA A 61 9.02 -7.43 -5.81
CA ALA A 61 8.48 -8.21 -4.70
C ALA A 61 7.17 -7.63 -4.22
N GLU A 62 7.16 -6.34 -3.89
CA GLU A 62 5.94 -5.69 -3.42
C GLU A 62 4.82 -5.89 -4.44
N ILE A 63 5.04 -5.38 -5.65
CA ILE A 63 4.05 -5.50 -6.72
C ILE A 63 3.74 -6.96 -7.02
N THR A 64 4.76 -7.69 -7.45
CA THR A 64 4.62 -9.10 -7.78
C THR A 64 3.97 -9.88 -6.65
N GLU A 65 4.49 -9.73 -5.44
CA GLU A 65 3.94 -10.42 -4.28
C GLU A 65 2.54 -9.91 -3.99
N PHE A 66 2.23 -8.79 -4.58
CA PHE A 66 0.94 -8.17 -4.42
C PHE A 66 0.02 -8.55 -5.58
N PHE A 67 0.63 -8.88 -6.71
CA PHE A 67 -0.13 -9.26 -7.91
C PHE A 67 -0.60 -10.71 -7.80
N GLU A 68 0.15 -11.52 -7.04
CA GLU A 68 -0.20 -12.92 -6.86
C GLU A 68 -1.10 -13.10 -5.64
N ALA A 69 -0.97 -12.20 -4.66
CA ALA A 69 -1.77 -12.27 -3.45
C ALA A 69 -3.07 -11.51 -3.59
N ALA A 70 -3.16 -10.75 -4.65
CA ALA A 70 -4.35 -9.95 -4.95
C ALA A 70 -5.34 -10.74 -5.80
N ASP A 71 -4.82 -11.67 -6.59
CA ASP A 71 -5.66 -12.48 -7.46
C ASP A 71 -5.38 -13.97 -7.24
N PRO A 72 -6.40 -14.74 -6.81
CA PRO A 72 -6.25 -16.18 -6.57
C PRO A 72 -5.95 -16.96 -7.84
N ASN A 73 -6.53 -16.51 -8.96
CA ASN A 73 -6.32 -17.16 -10.23
C ASN A 73 -5.02 -16.69 -10.88
N ASN A 74 -4.65 -15.44 -10.61
CA ASN A 74 -3.44 -14.86 -11.16
C ASN A 74 -3.62 -14.57 -12.65
N THR A 75 -4.81 -14.13 -13.01
CA THR A 75 -5.12 -13.82 -14.38
C THR A 75 -4.78 -12.36 -14.70
N GLY A 76 -3.63 -11.92 -14.21
CA GLY A 76 -3.20 -10.55 -14.44
C GLY A 76 -4.28 -9.53 -14.10
N PHE A 77 -5.19 -9.92 -13.20
CA PHE A 77 -6.26 -9.03 -12.80
C PHE A 77 -6.24 -8.82 -11.28
N ILE A 78 -6.64 -7.63 -10.85
CA ILE A 78 -6.67 -7.29 -9.43
C ILE A 78 -8.06 -6.86 -8.99
N ASP A 79 -8.34 -7.07 -7.71
CA ASP A 79 -9.60 -6.64 -7.13
C ASP A 79 -9.35 -5.32 -6.42
N TYR A 80 -9.64 -4.22 -7.11
CA TYR A 80 -9.42 -2.87 -6.59
C TYR A 80 -9.55 -2.82 -5.06
N LYS A 81 -10.54 -3.53 -4.52
CA LYS A 81 -10.74 -3.57 -3.09
C LYS A 81 -9.57 -4.25 -2.39
N ALA A 82 -9.28 -5.49 -2.79
CA ALA A 82 -8.18 -6.24 -2.21
C ALA A 82 -6.89 -5.42 -2.27
N PHE A 83 -6.81 -4.52 -3.24
CA PHE A 83 -5.65 -3.67 -3.42
C PHE A 83 -5.81 -2.37 -2.63
N ALA A 84 -7.05 -1.92 -2.50
CA ALA A 84 -7.35 -0.69 -1.78
C ALA A 84 -7.37 -0.91 -0.26
N ALA A 85 -7.65 -2.16 0.13
CA ALA A 85 -7.71 -2.50 1.55
C ALA A 85 -6.33 -2.54 2.19
N MET A 86 -5.33 -2.48 1.34
CA MET A 86 -3.94 -2.50 1.78
C MET A 86 -3.51 -1.12 2.27
N LEU A 87 -4.10 -0.08 1.69
CA LEU A 87 -3.77 1.30 2.07
C LEU A 87 -4.82 1.87 3.00
N TYR A 88 -5.85 1.11 3.18
CA TYR A 88 -6.97 1.48 4.04
C TYR A 88 -7.25 0.41 5.09
N SER A 89 -6.24 -0.40 5.38
CA SER A 89 -6.37 -1.48 6.35
C SER A 89 -6.63 -0.91 7.75
N VAL A 90 -7.90 -0.57 8.02
CA VAL A 90 -8.29 -0.02 9.31
C VAL A 90 -7.30 1.04 9.80
N ASP A 91 -6.70 1.76 8.86
CA ASP A 91 -5.73 2.80 9.20
C ASP A 91 -6.42 4.01 9.79
N GLU A 92 -5.63 4.98 10.25
CA GLU A 92 -6.17 6.20 10.84
C GLU A 92 -6.02 7.38 9.90
N SER A 93 -4.93 7.36 9.12
CA SER A 93 -4.67 8.43 8.16
C SER A 93 -4.54 9.78 8.86
N MET A 1 20.22 -20.82 45.26
CA MET A 1 20.44 -19.43 44.77
C MET A 1 21.18 -19.43 43.43
N GLY A 2 20.83 -20.38 42.58
CA GLY A 2 21.47 -20.47 41.27
C GLY A 2 20.47 -20.43 40.13
N SER A 3 19.60 -19.43 40.16
CA SER A 3 18.58 -19.28 39.11
C SER A 3 18.01 -17.86 39.12
N SER A 4 18.03 -17.23 37.94
CA SER A 4 17.52 -15.87 37.81
C SER A 4 16.17 -15.86 37.09
N HIS A 5 15.40 -16.93 37.30
CA HIS A 5 14.08 -17.06 36.68
C HIS A 5 14.20 -17.24 35.16
N HIS A 6 14.66 -16.19 34.48
CA HIS A 6 14.82 -16.24 33.03
C HIS A 6 15.78 -15.15 32.55
N HIS A 7 15.54 -13.92 32.98
CA HIS A 7 16.38 -12.80 32.60
C HIS A 7 16.38 -12.60 31.09
N HIS A 8 15.24 -12.86 30.46
CA HIS A 8 15.11 -12.72 29.02
C HIS A 8 14.82 -11.26 28.64
N HIS A 9 15.19 -10.90 27.41
CA HIS A 9 14.96 -9.54 26.93
C HIS A 9 15.69 -8.52 27.80
N HIS A 10 16.73 -7.90 27.23
CA HIS A 10 17.51 -6.91 27.95
C HIS A 10 16.72 -5.62 28.13
N SER A 11 16.37 -4.98 27.02
CA SER A 11 15.61 -3.73 27.06
C SER A 11 15.27 -3.27 25.64
N SER A 12 16.23 -3.40 24.73
CA SER A 12 16.02 -2.99 23.35
C SER A 12 15.73 -1.51 23.26
N GLY A 13 15.32 -1.05 22.07
CA GLY A 13 15.01 0.35 21.88
C GLY A 13 13.70 0.56 21.14
N LEU A 14 13.63 0.03 19.92
CA LEU A 14 12.42 0.16 19.11
C LEU A 14 11.22 -0.48 19.80
N VAL A 15 10.04 0.09 19.58
CA VAL A 15 8.82 -0.43 20.18
C VAL A 15 8.57 -1.88 19.75
N PRO A 16 8.12 -2.73 20.69
CA PRO A 16 7.85 -4.13 20.40
C PRO A 16 6.93 -4.32 19.20
N ARG A 17 5.72 -3.77 19.30
CA ARG A 17 4.75 -3.86 18.22
C ARG A 17 4.16 -2.50 17.88
N GLY A 18 3.25 -2.46 16.92
CA GLY A 18 2.63 -1.22 16.53
C GLY A 18 3.63 -0.20 16.01
N SER A 19 3.91 -0.26 14.72
CA SER A 19 4.86 0.66 14.10
C SER A 19 4.40 2.11 14.27
N HIS A 20 5.36 3.00 14.52
CA HIS A 20 5.06 4.42 14.70
C HIS A 20 5.40 5.21 13.44
N MET A 21 5.25 4.58 12.29
CA MET A 21 5.53 5.22 11.01
C MET A 21 4.45 4.90 9.99
N SER A 22 3.45 5.77 9.91
CA SER A 22 2.34 5.58 8.97
C SER A 22 2.64 6.23 7.63
N ASP A 23 3.85 6.75 7.49
CA ASP A 23 4.27 7.41 6.26
C ASP A 23 4.48 6.42 5.14
N GLU A 24 4.54 5.17 5.52
CA GLU A 24 4.73 4.08 4.56
C GLU A 24 3.54 3.97 3.62
N LYS A 25 2.46 4.58 4.03
CA LYS A 25 1.23 4.60 3.25
C LYS A 25 1.18 5.81 2.33
N THR A 26 1.87 6.88 2.73
CA THR A 26 1.90 8.10 1.94
C THR A 26 2.68 7.89 0.66
N GLN A 27 3.62 6.96 0.67
CA GLN A 27 4.40 6.65 -0.53
C GLN A 27 3.46 6.21 -1.64
N LEU A 28 2.29 5.71 -1.25
CA LEU A 28 1.28 5.25 -2.19
C LEU A 28 0.35 6.38 -2.62
N ILE A 29 0.47 7.48 -1.91
CA ILE A 29 -0.33 8.68 -2.17
C ILE A 29 0.00 9.31 -3.50
N GLU A 30 1.11 8.87 -4.03
CA GLU A 30 1.61 9.33 -5.32
C GLU A 30 0.86 8.67 -6.48
N ALA A 31 -0.10 7.84 -6.13
CA ALA A 31 -0.90 7.14 -7.12
C ALA A 31 -2.17 7.91 -7.46
N PHE A 32 -2.69 8.65 -6.48
CA PHE A 32 -3.90 9.43 -6.68
C PHE A 32 -3.70 10.49 -7.76
N TYR A 33 -2.45 10.94 -7.92
CA TYR A 33 -2.13 11.95 -8.92
C TYR A 33 -1.59 11.30 -10.18
N ASN A 34 -2.15 10.15 -10.55
CA ASN A 34 -1.72 9.42 -11.74
C ASN A 34 -2.79 8.44 -12.19
N PHE A 35 -4.05 8.77 -11.92
CA PHE A 35 -5.17 7.90 -12.29
C PHE A 35 -6.50 8.56 -11.94
N ASP A 36 -6.57 9.87 -12.13
CA ASP A 36 -7.79 10.61 -11.82
C ASP A 36 -8.44 11.13 -13.11
N GLY A 37 -8.39 10.32 -14.16
CA GLY A 37 -8.97 10.71 -15.43
C GLY A 37 -10.37 10.17 -15.62
N ASP A 38 -11.13 10.10 -14.53
CA ASP A 38 -12.50 9.60 -14.58
C ASP A 38 -12.53 8.14 -15.04
N TYR A 39 -12.02 7.24 -14.19
CA TYR A 39 -11.98 5.82 -14.51
C TYR A 39 -12.44 4.99 -13.32
N ASP A 40 -13.02 3.83 -13.61
CA ASP A 40 -13.51 2.94 -12.57
C ASP A 40 -12.36 2.47 -11.67
N GLY A 41 -12.70 2.03 -10.47
CA GLY A 41 -11.68 1.55 -9.54
C GLY A 41 -11.06 0.25 -9.99
N PHE A 42 -11.84 -0.58 -10.69
CA PHE A 42 -11.34 -1.85 -11.17
C PHE A 42 -10.22 -1.66 -12.18
N VAL A 43 -9.07 -2.27 -11.91
CA VAL A 43 -7.92 -2.17 -12.79
C VAL A 43 -7.18 -3.49 -12.87
N SER A 44 -6.77 -3.86 -14.08
CA SER A 44 -6.05 -5.11 -14.30
C SER A 44 -4.55 -4.93 -14.06
N VAL A 45 -3.90 -6.00 -13.62
CA VAL A 45 -2.47 -5.98 -13.34
C VAL A 45 -1.69 -5.49 -14.56
N GLU A 46 -1.89 -6.16 -15.68
CA GLU A 46 -1.21 -5.82 -16.93
C GLU A 46 -1.27 -4.32 -17.19
N GLU A 47 -2.34 -3.68 -16.72
CA GLU A 47 -2.51 -2.25 -16.89
C GLU A 47 -1.94 -1.50 -15.69
N PHE A 48 -1.93 -2.14 -14.53
CA PHE A 48 -1.40 -1.54 -13.31
C PHE A 48 0.10 -1.36 -13.42
N ARG A 49 0.78 -2.32 -14.03
CA ARG A 49 2.23 -2.26 -14.18
C ARG A 49 2.64 -0.98 -14.92
N GLY A 50 2.00 -0.73 -16.05
CA GLY A 50 2.31 0.46 -16.83
C GLY A 50 2.16 1.73 -16.03
N ILE A 51 1.32 1.69 -15.00
CA ILE A 51 1.08 2.84 -14.15
C ILE A 51 2.13 2.92 -13.04
N ILE A 52 2.44 1.78 -12.43
CA ILE A 52 3.42 1.72 -11.36
C ILE A 52 4.82 1.94 -11.90
N ARG A 53 5.09 1.43 -13.10
CA ARG A 53 6.39 1.58 -13.73
C ARG A 53 6.82 3.05 -13.79
N ASP A 54 5.90 3.90 -14.24
CA ASP A 54 6.17 5.33 -14.35
C ASP A 54 5.35 6.13 -13.34
N GLY A 55 4.77 5.45 -12.36
CA GLY A 55 3.96 6.12 -11.36
C GLY A 55 4.63 6.18 -10.00
N LEU A 56 4.40 5.15 -9.19
CA LEU A 56 4.98 5.08 -7.85
C LEU A 56 6.19 4.14 -7.82
N PRO A 57 7.23 4.50 -7.06
CA PRO A 57 8.43 3.68 -6.95
C PRO A 57 8.22 2.46 -6.05
N MET A 58 8.23 1.29 -6.65
CA MET A 58 8.04 0.05 -5.92
C MET A 58 8.82 -1.09 -6.56
N THR A 59 9.46 -1.90 -5.72
CA THR A 59 10.24 -3.04 -6.22
C THR A 59 9.32 -4.17 -6.67
N GLU A 60 9.73 -4.88 -7.72
CA GLU A 60 8.95 -6.00 -8.26
C GLU A 60 8.29 -6.80 -7.14
N ALA A 61 9.08 -7.15 -6.15
CA ALA A 61 8.60 -7.91 -5.01
C ALA A 61 7.34 -7.29 -4.44
N GLU A 62 7.41 -6.01 -4.08
CA GLU A 62 6.25 -5.31 -3.54
C GLU A 62 5.06 -5.49 -4.47
N ILE A 63 5.19 -4.98 -5.69
CA ILE A 63 4.13 -5.08 -6.69
C ILE A 63 3.76 -6.54 -6.96
N THR A 64 4.73 -7.29 -7.47
CA THR A 64 4.53 -8.70 -7.79
C THR A 64 3.90 -9.45 -6.62
N GLU A 65 4.51 -9.32 -5.44
CA GLU A 65 3.99 -10.01 -4.26
C GLU A 65 2.64 -9.44 -3.88
N PHE A 66 2.36 -8.28 -4.44
CA PHE A 66 1.10 -7.62 -4.19
C PHE A 66 0.09 -7.94 -5.30
N PHE A 67 0.61 -8.32 -6.47
CA PHE A 67 -0.24 -8.67 -7.60
C PHE A 67 -0.84 -10.06 -7.42
N GLU A 68 -0.10 -10.93 -6.76
CA GLU A 68 -0.56 -12.30 -6.51
C GLU A 68 -1.43 -12.37 -5.26
N ALA A 69 -1.15 -11.48 -4.30
CA ALA A 69 -1.89 -11.44 -3.05
C ALA A 69 -3.27 -10.84 -3.24
N ALA A 70 -3.47 -10.25 -4.40
CA ALA A 70 -4.73 -9.62 -4.75
C ALA A 70 -5.57 -10.54 -5.63
N ASP A 71 -4.90 -11.37 -6.42
CA ASP A 71 -5.59 -12.29 -7.31
C ASP A 71 -5.19 -13.74 -7.01
N PRO A 72 -6.15 -14.58 -6.58
CA PRO A 72 -5.87 -15.99 -6.26
C PRO A 72 -5.44 -16.79 -7.48
N ASN A 73 -6.22 -16.69 -8.55
CA ASN A 73 -5.91 -17.40 -9.78
C ASN A 73 -4.66 -16.83 -10.45
N ASN A 74 -4.45 -15.53 -10.28
CA ASN A 74 -3.29 -14.86 -10.86
C ASN A 74 -3.47 -14.66 -12.35
N THR A 75 -4.58 -14.04 -12.73
CA THR A 75 -4.86 -13.79 -14.14
C THR A 75 -4.49 -12.38 -14.53
N GLY A 76 -3.50 -11.82 -13.84
CA GLY A 76 -3.06 -10.47 -14.12
C GLY A 76 -4.18 -9.46 -13.95
N PHE A 77 -5.14 -9.79 -13.09
CA PHE A 77 -6.27 -8.90 -12.83
C PHE A 77 -6.46 -8.69 -11.33
N ILE A 78 -6.60 -7.43 -10.93
CA ILE A 78 -6.79 -7.10 -9.52
C ILE A 78 -8.22 -6.69 -9.23
N ASP A 79 -8.63 -6.92 -7.99
CA ASP A 79 -9.95 -6.53 -7.52
C ASP A 79 -9.80 -5.25 -6.72
N TYR A 80 -10.03 -4.11 -7.39
CA TYR A 80 -9.88 -2.80 -6.77
C TYR A 80 -10.15 -2.83 -5.26
N LYS A 81 -11.17 -3.58 -4.86
CA LYS A 81 -11.52 -3.69 -3.45
C LYS A 81 -10.40 -4.40 -2.68
N ALA A 82 -10.06 -5.60 -3.14
CA ALA A 82 -8.99 -6.38 -2.50
C ALA A 82 -7.72 -5.54 -2.40
N PHE A 83 -7.57 -4.60 -3.32
CA PHE A 83 -6.40 -3.73 -3.33
C PHE A 83 -6.65 -2.48 -2.50
N ALA A 84 -7.90 -2.04 -2.46
CA ALA A 84 -8.27 -0.85 -1.68
C ALA A 84 -8.40 -1.18 -0.21
N ALA A 85 -8.77 -2.42 0.10
CA ALA A 85 -8.93 -2.85 1.49
C ALA A 85 -7.58 -3.05 2.16
N MET A 86 -6.55 -3.04 1.36
CA MET A 86 -5.19 -3.21 1.84
C MET A 86 -4.75 -2.00 2.67
N LEU A 87 -5.00 -0.81 2.13
CA LEU A 87 -4.64 0.42 2.81
C LEU A 87 -5.71 0.82 3.82
N TYR A 88 -6.78 0.07 3.77
CA TYR A 88 -7.91 0.28 4.66
C TYR A 88 -8.18 -0.95 5.52
N SER A 89 -7.15 -1.78 5.68
CA SER A 89 -7.27 -2.99 6.49
C SER A 89 -6.78 -2.75 7.92
N VAL A 90 -6.80 -1.49 8.35
CA VAL A 90 -6.36 -1.13 9.69
C VAL A 90 -4.96 -1.66 9.97
N ASP A 91 -4.15 -1.79 8.91
CA ASP A 91 -2.79 -2.29 9.06
C ASP A 91 -1.84 -1.18 9.48
N GLU A 92 -0.66 -1.56 9.95
CA GLU A 92 0.34 -0.60 10.40
C GLU A 92 1.74 -1.21 10.36
N SER A 93 1.86 -2.43 10.88
CA SER A 93 3.14 -3.12 10.91
C SER A 93 3.06 -4.44 10.15
N MET A 1 -7.78 -22.60 21.63
CA MET A 1 -7.24 -21.54 22.53
C MET A 1 -8.11 -20.29 22.50
N GLY A 2 -8.31 -19.70 23.68
CA GLY A 2 -9.12 -18.49 23.77
C GLY A 2 -8.58 -17.36 22.92
N SER A 3 -7.48 -16.77 23.36
CA SER A 3 -6.86 -15.66 22.64
C SER A 3 -5.95 -16.17 21.54
N SER A 4 -5.93 -15.47 20.41
CA SER A 4 -5.09 -15.85 19.29
C SER A 4 -4.30 -14.65 18.77
N HIS A 5 -3.88 -13.78 19.67
CA HIS A 5 -3.11 -12.60 19.30
C HIS A 5 -1.63 -12.79 19.61
N HIS A 6 -1.35 -13.43 20.74
CA HIS A 6 0.03 -13.68 21.15
C HIS A 6 0.40 -15.15 20.96
N HIS A 7 1.66 -15.48 21.24
CA HIS A 7 2.12 -16.86 21.10
C HIS A 7 2.32 -17.50 22.47
N HIS A 8 2.86 -18.71 22.48
CA HIS A 8 3.10 -19.44 23.71
C HIS A 8 4.56 -19.32 24.14
N HIS A 9 5.16 -18.16 23.87
CA HIS A 9 6.54 -17.91 24.22
C HIS A 9 6.72 -16.54 24.86
N HIS A 10 7.91 -16.28 25.39
CA HIS A 10 8.19 -15.01 26.03
C HIS A 10 8.31 -13.89 25.00
N SER A 11 8.45 -12.66 25.48
CA SER A 11 8.56 -11.50 24.60
C SER A 11 9.50 -10.46 25.20
N SER A 12 10.77 -10.50 24.79
CA SER A 12 11.77 -9.56 25.28
C SER A 12 12.13 -8.54 24.20
N GLY A 13 12.15 -7.27 24.59
CA GLY A 13 12.48 -6.21 23.65
C GLY A 13 13.98 -6.02 23.50
N LEU A 14 14.39 -5.44 22.38
CA LEU A 14 15.79 -5.19 22.11
C LEU A 14 16.02 -3.76 21.64
N VAL A 15 17.24 -3.47 21.20
CA VAL A 15 17.58 -2.13 20.73
C VAL A 15 17.10 -1.91 19.28
N PRO A 16 17.33 -2.89 18.39
CA PRO A 16 16.90 -2.77 16.98
C PRO A 16 15.44 -2.38 16.86
N ARG A 17 14.98 -2.26 15.61
CA ARG A 17 13.59 -1.89 15.35
C ARG A 17 13.27 -0.53 15.94
N GLY A 18 13.35 0.51 15.11
CA GLY A 18 13.07 1.86 15.57
C GLY A 18 11.59 2.07 15.86
N SER A 19 10.99 3.03 15.16
CA SER A 19 9.57 3.33 15.35
C SER A 19 8.89 3.64 14.02
N HIS A 20 8.28 2.62 13.42
CA HIS A 20 7.60 2.80 12.15
C HIS A 20 6.48 3.83 12.25
N MET A 21 5.76 4.02 11.16
CA MET A 21 4.66 4.98 11.14
C MET A 21 3.67 4.64 10.02
N SER A 22 2.66 5.50 9.85
CA SER A 22 1.66 5.30 8.82
C SER A 22 2.02 6.03 7.53
N ASP A 23 3.20 6.63 7.52
CA ASP A 23 3.68 7.37 6.35
C ASP A 23 4.04 6.45 5.22
N GLU A 24 4.17 5.18 5.54
CA GLU A 24 4.51 4.15 4.58
C GLU A 24 3.41 4.00 3.53
N LYS A 25 2.26 4.52 3.87
CA LYS A 25 1.10 4.48 2.99
C LYS A 25 1.04 5.72 2.11
N THR A 26 1.60 6.82 2.61
CA THR A 26 1.61 8.08 1.87
C THR A 26 2.48 7.97 0.62
N GLN A 27 3.48 7.10 0.67
CA GLN A 27 4.35 6.89 -0.48
C GLN A 27 3.51 6.42 -1.67
N LEU A 28 2.36 5.83 -1.37
CA LEU A 28 1.44 5.33 -2.40
C LEU A 28 0.48 6.42 -2.85
N ILE A 29 0.47 7.49 -2.09
CA ILE A 29 -0.40 8.63 -2.37
C ILE A 29 -0.02 9.34 -3.64
N GLU A 30 1.15 9.00 -4.11
CA GLU A 30 1.69 9.55 -5.34
C GLU A 30 1.08 8.92 -6.57
N ALA A 31 0.14 8.03 -6.33
CA ALA A 31 -0.56 7.33 -7.40
C ALA A 31 -1.84 8.05 -7.79
N PHE A 32 -2.59 8.50 -6.78
CA PHE A 32 -3.85 9.21 -7.02
C PHE A 32 -3.61 10.48 -7.84
N TYR A 33 -2.42 11.05 -7.70
CA TYR A 33 -2.08 12.27 -8.42
C TYR A 33 -1.32 11.94 -9.71
N ASN A 34 -1.74 10.88 -10.39
CA ASN A 34 -1.11 10.46 -11.63
C ASN A 34 -2.02 9.54 -12.44
N PHE A 35 -3.33 9.74 -12.28
CA PHE A 35 -4.31 8.92 -13.00
C PHE A 35 -5.73 9.40 -12.70
N ASP A 36 -6.12 10.51 -13.32
CA ASP A 36 -7.45 11.07 -13.13
C ASP A 36 -8.22 11.13 -14.45
N GLY A 37 -8.20 10.02 -15.18
CA GLY A 37 -8.91 9.97 -16.46
C GLY A 37 -10.29 9.37 -16.34
N ASP A 38 -10.89 9.50 -15.16
CA ASP A 38 -12.22 8.96 -14.91
C ASP A 38 -12.24 7.45 -15.10
N TYR A 39 -11.57 6.74 -14.20
CA TYR A 39 -11.51 5.28 -14.26
C TYR A 39 -12.41 4.66 -13.20
N ASP A 40 -12.97 3.50 -13.53
CA ASP A 40 -13.86 2.79 -12.60
C ASP A 40 -13.08 2.28 -11.39
N GLY A 41 -13.75 1.51 -10.54
CA GLY A 41 -13.11 0.97 -9.36
C GLY A 41 -12.53 -0.41 -9.58
N PHE A 42 -11.90 -0.61 -10.74
CA PHE A 42 -11.31 -1.89 -11.07
C PHE A 42 -10.16 -1.72 -12.07
N VAL A 43 -8.98 -2.21 -11.70
CA VAL A 43 -7.80 -2.11 -12.55
C VAL A 43 -7.13 -3.47 -12.72
N SER A 44 -6.70 -3.76 -13.94
CA SER A 44 -6.04 -5.03 -14.24
C SER A 44 -4.54 -4.93 -13.99
N VAL A 45 -3.92 -6.05 -13.65
CA VAL A 45 -2.48 -6.08 -13.39
C VAL A 45 -1.70 -5.61 -14.61
N GLU A 46 -2.02 -6.18 -15.77
CA GLU A 46 -1.36 -5.82 -17.01
C GLU A 46 -1.36 -4.31 -17.23
N GLU A 47 -2.39 -3.65 -16.70
CA GLU A 47 -2.51 -2.21 -16.82
C GLU A 47 -1.86 -1.51 -15.63
N PHE A 48 -1.90 -2.16 -14.47
CA PHE A 48 -1.31 -1.62 -13.26
C PHE A 48 0.19 -1.41 -13.43
N ARG A 49 0.86 -2.38 -14.05
CA ARG A 49 2.30 -2.30 -14.26
C ARG A 49 2.66 -1.04 -15.04
N GLY A 50 1.95 -0.80 -16.14
CA GLY A 50 2.20 0.37 -16.94
C GLY A 50 2.04 1.66 -16.16
N ILE A 51 1.20 1.63 -15.14
CA ILE A 51 0.95 2.80 -14.30
C ILE A 51 1.99 2.90 -13.18
N ILE A 52 2.17 1.80 -12.47
CA ILE A 52 3.12 1.74 -11.36
C ILE A 52 4.53 2.11 -11.82
N ARG A 53 4.90 1.61 -13.00
CA ARG A 53 6.23 1.87 -13.56
C ARG A 53 6.58 3.35 -13.49
N ASP A 54 5.87 4.16 -14.28
CA ASP A 54 6.10 5.60 -14.29
C ASP A 54 5.17 6.32 -13.32
N GLY A 55 4.55 5.56 -12.43
CA GLY A 55 3.64 6.15 -11.45
C GLY A 55 4.20 6.13 -10.05
N LEU A 56 4.50 4.93 -9.54
CA LEU A 56 5.04 4.80 -8.19
C LEU A 56 6.30 3.93 -8.19
N PRO A 57 7.32 4.32 -7.40
CA PRO A 57 8.57 3.56 -7.31
C PRO A 57 8.45 2.34 -6.41
N MET A 58 7.52 1.47 -6.74
CA MET A 58 7.29 0.26 -5.96
C MET A 58 8.21 -0.87 -6.42
N THR A 59 8.75 -1.62 -5.46
CA THR A 59 9.65 -2.74 -5.77
C THR A 59 8.85 -3.95 -6.21
N GLU A 60 9.38 -4.66 -7.20
CA GLU A 60 8.75 -5.85 -7.75
C GLU A 60 8.09 -6.67 -6.66
N ALA A 61 8.83 -6.91 -5.60
CA ALA A 61 8.35 -7.68 -4.46
C ALA A 61 6.98 -7.19 -4.00
N GLU A 62 6.87 -5.91 -3.70
CA GLU A 62 5.60 -5.34 -3.25
C GLU A 62 4.52 -5.61 -4.30
N ILE A 63 4.73 -5.10 -5.50
CA ILE A 63 3.77 -5.29 -6.59
C ILE A 63 3.53 -6.77 -6.86
N THR A 64 4.59 -7.47 -7.24
CA THR A 64 4.52 -8.89 -7.54
C THR A 64 3.89 -9.65 -6.38
N GLU A 65 4.40 -9.44 -5.18
CA GLU A 65 3.87 -10.12 -4.00
C GLU A 65 2.45 -9.68 -3.73
N PHE A 66 2.08 -8.59 -4.37
CA PHE A 66 0.76 -8.04 -4.24
C PHE A 66 -0.12 -8.50 -5.40
N PHE A 67 0.52 -8.77 -6.53
CA PHE A 67 -0.19 -9.23 -7.73
C PHE A 67 -0.66 -10.67 -7.56
N GLU A 68 0.09 -11.44 -6.79
CA GLU A 68 -0.25 -12.84 -6.55
C GLU A 68 -1.15 -12.97 -5.32
N ALA A 69 -1.03 -12.02 -4.40
CA ALA A 69 -1.83 -12.03 -3.18
C ALA A 69 -3.15 -11.33 -3.38
N ALA A 70 -3.26 -10.64 -4.48
CA ALA A 70 -4.46 -9.89 -4.84
C ALA A 70 -5.35 -10.71 -5.77
N ASP A 71 -4.73 -11.56 -6.57
CA ASP A 71 -5.46 -12.41 -7.52
C ASP A 71 -5.28 -13.88 -7.17
N PRO A 72 -6.39 -14.61 -6.91
CA PRO A 72 -6.33 -16.03 -6.57
C PRO A 72 -5.84 -16.89 -7.74
N ASN A 73 -6.44 -16.69 -8.90
CA ASN A 73 -6.06 -17.43 -10.09
C ASN A 73 -4.80 -16.85 -10.74
N ASN A 74 -4.59 -15.56 -10.54
CA ASN A 74 -3.44 -14.86 -11.10
C ASN A 74 -3.61 -14.64 -12.60
N THR A 75 -4.75 -14.04 -12.95
CA THR A 75 -5.05 -13.77 -14.35
C THR A 75 -4.68 -12.33 -14.71
N GLY A 76 -3.65 -11.80 -14.05
CA GLY A 76 -3.22 -10.43 -14.31
C GLY A 76 -4.32 -9.43 -14.05
N PHE A 77 -5.21 -9.75 -13.12
CA PHE A 77 -6.31 -8.86 -12.78
C PHE A 77 -6.42 -8.71 -11.26
N ILE A 78 -6.48 -7.46 -10.80
CA ILE A 78 -6.59 -7.18 -9.37
C ILE A 78 -7.99 -6.75 -8.99
N ASP A 79 -8.35 -7.02 -7.74
CA ASP A 79 -9.63 -6.61 -7.21
C ASP A 79 -9.43 -5.31 -6.45
N TYR A 80 -9.68 -4.19 -7.13
CA TYR A 80 -9.50 -2.86 -6.55
C TYR A 80 -9.70 -2.86 -5.03
N LYS A 81 -10.71 -3.58 -4.57
CA LYS A 81 -10.99 -3.66 -3.13
C LYS A 81 -9.85 -4.37 -2.40
N ALA A 82 -9.55 -5.59 -2.83
CA ALA A 82 -8.48 -6.37 -2.22
C ALA A 82 -7.18 -5.56 -2.19
N PHE A 83 -7.05 -4.63 -3.13
CA PHE A 83 -5.88 -3.79 -3.22
C PHE A 83 -6.06 -2.52 -2.39
N ALA A 84 -7.31 -2.05 -2.32
CA ALA A 84 -7.63 -0.84 -1.57
C ALA A 84 -7.70 -1.13 -0.07
N ALA A 85 -8.04 -2.36 0.28
CA ALA A 85 -8.14 -2.76 1.68
C ALA A 85 -6.78 -2.91 2.32
N MET A 86 -5.77 -2.89 1.50
CA MET A 86 -4.39 -3.02 1.94
C MET A 86 -3.88 -1.71 2.52
N LEU A 87 -4.31 -0.60 1.92
CA LEU A 87 -3.90 0.72 2.38
C LEU A 87 -4.80 1.24 3.48
N TYR A 88 -5.84 0.49 3.71
CA TYR A 88 -6.83 0.80 4.72
C TYR A 88 -7.04 -0.37 5.68
N SER A 89 -6.04 -1.24 5.76
CA SER A 89 -6.10 -2.41 6.64
C SER A 89 -5.93 -1.99 8.09
N VAL A 90 -7.02 -1.56 8.71
CA VAL A 90 -6.99 -1.13 10.11
C VAL A 90 -8.17 -1.71 10.88
N ASP A 91 -8.61 -2.90 10.48
CA ASP A 91 -9.74 -3.56 11.14
C ASP A 91 -9.82 -5.02 10.74
N GLU A 92 -10.44 -5.83 11.59
CA GLU A 92 -10.59 -7.25 11.32
C GLU A 92 -11.81 -7.52 10.45
N SER A 93 -12.98 -7.17 10.95
CA SER A 93 -14.23 -7.36 10.22
C SER A 93 -15.41 -6.79 10.98
N MET A 1 13.96 31.16 32.10
CA MET A 1 15.43 31.34 32.03
C MET A 1 16.00 30.80 30.72
N GLY A 2 16.57 31.67 29.90
CA GLY A 2 17.14 31.25 28.64
C GLY A 2 18.64 31.17 28.68
N SER A 3 19.18 29.95 28.60
CA SER A 3 20.62 29.74 28.62
C SER A 3 21.23 30.05 27.26
N SER A 4 21.77 31.25 27.11
CA SER A 4 22.40 31.66 25.86
C SER A 4 21.39 31.63 24.71
N HIS A 5 21.77 32.22 23.59
CA HIS A 5 20.90 32.25 22.42
C HIS A 5 20.62 30.84 21.91
N HIS A 6 19.34 30.46 21.92
CA HIS A 6 18.94 29.13 21.46
C HIS A 6 17.48 29.13 21.00
N HIS A 7 16.57 29.38 21.95
CA HIS A 7 15.15 29.40 21.64
C HIS A 7 14.36 29.96 22.82
N HIS A 8 13.23 30.61 22.51
CA HIS A 8 12.38 31.19 23.54
C HIS A 8 11.56 30.11 24.25
N HIS A 9 11.25 30.34 25.52
CA HIS A 9 10.47 29.40 26.31
C HIS A 9 11.20 28.06 26.41
N HIS A 10 10.51 27.06 26.97
CA HIS A 10 11.08 25.73 27.12
C HIS A 10 11.32 25.08 25.76
N SER A 11 12.30 24.18 25.70
CA SER A 11 12.62 23.48 24.46
C SER A 11 12.16 22.03 24.51
N SER A 12 12.83 21.23 25.32
CA SER A 12 12.49 19.82 25.46
C SER A 12 12.35 19.14 24.10
N GLY A 13 13.18 19.56 23.15
CA GLY A 13 13.14 18.98 21.82
C GLY A 13 14.18 17.90 21.62
N LEU A 14 13.82 16.66 21.95
CA LEU A 14 14.73 15.53 21.81
C LEU A 14 13.97 14.21 21.86
N VAL A 15 12.76 14.21 21.32
CA VAL A 15 11.93 13.01 21.31
C VAL A 15 12.61 11.88 20.53
N PRO A 16 12.21 10.62 20.80
CA PRO A 16 12.78 9.46 20.12
C PRO A 16 12.74 9.59 18.61
N ARG A 17 11.57 9.92 18.06
CA ARG A 17 11.40 10.07 16.63
C ARG A 17 10.53 11.29 16.31
N GLY A 18 9.28 11.24 16.76
CA GLY A 18 8.37 12.35 16.53
C GLY A 18 7.48 12.11 15.31
N SER A 19 8.02 11.43 14.31
CA SER A 19 7.27 11.13 13.10
C SER A 19 6.62 9.75 13.18
N HIS A 20 5.30 9.73 13.11
CA HIS A 20 4.55 8.47 13.16
C HIS A 20 4.93 7.56 12.01
N MET A 21 4.42 6.33 12.04
CA MET A 21 4.70 5.36 11.00
C MET A 21 3.56 5.28 9.99
N SER A 22 2.86 6.41 9.81
CA SER A 22 1.74 6.46 8.88
C SER A 22 2.14 7.12 7.57
N ASP A 23 3.42 7.42 7.44
CA ASP A 23 3.94 8.05 6.23
C ASP A 23 4.20 7.03 5.12
N GLU A 24 4.20 5.79 5.53
CA GLU A 24 4.42 4.68 4.60
C GLU A 24 3.29 4.57 3.58
N LYS A 25 2.20 5.23 3.90
CA LYS A 25 1.03 5.26 3.04
C LYS A 25 1.08 6.45 2.09
N THR A 26 1.78 7.51 2.50
CA THR A 26 1.91 8.70 1.69
C THR A 26 2.68 8.41 0.41
N GLN A 27 3.58 7.43 0.47
CA GLN A 27 4.34 7.05 -0.70
C GLN A 27 3.40 6.60 -1.82
N LEU A 28 2.21 6.17 -1.41
CA LEU A 28 1.19 5.71 -2.35
C LEU A 28 0.32 6.86 -2.83
N ILE A 29 0.47 7.98 -2.16
CA ILE A 29 -0.28 9.19 -2.48
C ILE A 29 0.08 9.75 -3.83
N GLU A 30 1.15 9.24 -4.34
CA GLU A 30 1.66 9.63 -5.64
C GLU A 30 0.90 8.95 -6.77
N ALA A 31 -0.10 8.20 -6.39
CA ALA A 31 -0.95 7.47 -7.34
C ALA A 31 -2.18 8.29 -7.70
N PHE A 32 -2.62 9.13 -6.78
CA PHE A 32 -3.80 9.97 -7.01
C PHE A 32 -3.62 10.83 -8.26
N TYR A 33 -2.38 11.17 -8.57
CA TYR A 33 -2.08 11.99 -9.74
C TYR A 33 -1.66 11.11 -10.92
N ASN A 34 -2.18 9.89 -10.97
CA ASN A 34 -1.84 8.97 -12.05
C ASN A 34 -2.61 7.66 -11.89
N PHE A 35 -3.94 7.77 -11.83
CA PHE A 35 -4.79 6.59 -11.69
C PHE A 35 -6.12 6.78 -12.43
N ASP A 36 -6.05 7.46 -13.58
CA ASP A 36 -7.23 7.70 -14.39
C ASP A 36 -8.27 8.50 -13.60
N GLY A 37 -7.80 9.32 -12.67
CA GLY A 37 -8.70 10.14 -11.87
C GLY A 37 -9.71 9.30 -11.11
N ASP A 38 -9.36 8.04 -10.84
CA ASP A 38 -10.25 7.14 -10.12
C ASP A 38 -11.59 6.99 -10.85
N TYR A 39 -11.52 6.80 -12.16
CA TYR A 39 -12.71 6.64 -12.99
C TYR A 39 -13.53 5.43 -12.52
N ASP A 40 -12.97 4.24 -12.68
CA ASP A 40 -13.65 3.02 -12.28
C ASP A 40 -13.04 2.45 -11.01
N GLY A 41 -13.75 1.52 -10.38
CA GLY A 41 -13.26 0.91 -9.17
C GLY A 41 -12.62 -0.45 -9.39
N PHE A 42 -12.03 -0.62 -10.58
CA PHE A 42 -11.38 -1.88 -10.92
C PHE A 42 -10.22 -1.64 -11.89
N VAL A 43 -9.03 -2.10 -11.49
CA VAL A 43 -7.85 -1.94 -12.32
C VAL A 43 -7.11 -3.27 -12.49
N SER A 44 -6.91 -3.67 -13.74
CA SER A 44 -6.21 -4.92 -14.03
C SER A 44 -4.72 -4.79 -13.80
N VAL A 45 -4.05 -5.93 -13.64
CA VAL A 45 -2.61 -5.93 -13.42
C VAL A 45 -1.87 -5.38 -14.63
N GLU A 46 -2.19 -5.90 -15.80
CA GLU A 46 -1.56 -5.46 -17.04
C GLU A 46 -1.60 -3.94 -17.16
N GLU A 47 -2.66 -3.34 -16.61
CA GLU A 47 -2.83 -1.89 -16.65
C GLU A 47 -2.15 -1.25 -15.44
N PHE A 48 -2.09 -1.99 -14.35
CA PHE A 48 -1.48 -1.49 -13.12
C PHE A 48 0.03 -1.33 -13.29
N ARG A 49 0.65 -2.28 -13.98
CA ARG A 49 2.09 -2.25 -14.22
C ARG A 49 2.48 -0.96 -14.93
N GLY A 50 1.76 -0.62 -15.98
CA GLY A 50 2.05 0.60 -16.73
C GLY A 50 1.99 1.83 -15.85
N ILE A 51 1.19 1.78 -14.81
CA ILE A 51 1.04 2.89 -13.89
C ILE A 51 2.11 2.84 -12.80
N ILE A 52 2.35 1.65 -12.26
CA ILE A 52 3.34 1.47 -11.22
C ILE A 52 4.75 1.69 -11.76
N ARG A 53 4.95 1.40 -13.04
CA ARG A 53 6.25 1.57 -13.67
C ARG A 53 6.80 2.97 -13.43
N ASP A 54 6.02 3.97 -13.80
CA ASP A 54 6.41 5.36 -13.62
C ASP A 54 5.54 6.06 -12.57
N GLY A 55 4.80 5.27 -11.79
CA GLY A 55 3.94 5.84 -10.78
C GLY A 55 4.56 5.78 -9.39
N LEU A 56 4.36 4.66 -8.70
CA LEU A 56 4.90 4.49 -7.36
C LEU A 56 6.16 3.65 -7.38
N PRO A 57 7.20 4.04 -6.62
CA PRO A 57 8.46 3.31 -6.55
C PRO A 57 8.36 2.06 -5.69
N MET A 58 7.70 1.03 -6.23
CA MET A 58 7.54 -0.22 -5.52
C MET A 58 8.44 -1.31 -6.10
N THR A 59 8.99 -2.14 -5.22
CA THR A 59 9.88 -3.22 -5.65
C THR A 59 9.06 -4.40 -6.18
N GLU A 60 9.63 -5.12 -7.14
CA GLU A 60 8.97 -6.29 -7.74
C GLU A 60 8.21 -7.09 -6.68
N ALA A 61 8.90 -7.36 -5.58
CA ALA A 61 8.31 -8.11 -4.48
C ALA A 61 6.97 -7.52 -4.07
N GLU A 62 6.96 -6.21 -3.81
CA GLU A 62 5.72 -5.55 -3.41
C GLU A 62 4.65 -5.78 -4.46
N ILE A 63 4.91 -5.32 -5.68
CA ILE A 63 3.96 -5.48 -6.78
C ILE A 63 3.66 -6.95 -7.03
N THR A 64 4.69 -7.71 -7.38
CA THR A 64 4.55 -9.14 -7.65
C THR A 64 3.85 -9.86 -6.51
N GLU A 65 4.35 -9.66 -5.29
CA GLU A 65 3.76 -10.31 -4.13
C GLU A 65 2.35 -9.80 -3.90
N PHE A 66 2.07 -8.70 -4.55
CA PHE A 66 0.76 -8.07 -4.45
C PHE A 66 -0.11 -8.51 -5.62
N PHE A 67 0.53 -8.84 -6.74
CA PHE A 67 -0.20 -9.27 -7.94
C PHE A 67 -0.64 -10.73 -7.80
N GLU A 68 0.09 -11.49 -6.99
CA GLU A 68 -0.24 -12.89 -6.77
C GLU A 68 -1.19 -13.06 -5.59
N ALA A 69 -1.12 -12.12 -4.65
CA ALA A 69 -1.97 -12.16 -3.47
C ALA A 69 -3.26 -11.41 -3.68
N ALA A 70 -3.31 -10.67 -4.77
CA ALA A 70 -4.48 -9.89 -5.14
C ALA A 70 -5.39 -10.67 -6.08
N ASP A 71 -4.78 -11.53 -6.90
CA ASP A 71 -5.52 -12.34 -7.85
C ASP A 71 -5.29 -13.82 -7.61
N PRO A 72 -6.36 -14.59 -7.31
CA PRO A 72 -6.25 -16.02 -7.04
C PRO A 72 -5.75 -16.81 -8.26
N ASN A 73 -6.43 -16.64 -9.39
CA ASN A 73 -6.05 -17.32 -10.61
C ASN A 73 -4.78 -16.70 -11.22
N ASN A 74 -4.60 -15.41 -10.98
CA ASN A 74 -3.44 -14.69 -11.50
C ASN A 74 -3.59 -14.43 -12.99
N THR A 75 -4.73 -13.87 -13.37
CA THR A 75 -5.01 -13.58 -14.76
C THR A 75 -4.67 -12.11 -15.08
N GLY A 76 -3.67 -11.58 -14.38
CA GLY A 76 -3.28 -10.21 -14.59
C GLY A 76 -4.38 -9.23 -14.27
N PHE A 77 -5.23 -9.59 -13.31
CA PHE A 77 -6.33 -8.74 -12.90
C PHE A 77 -6.38 -8.60 -11.39
N ILE A 78 -6.47 -7.36 -10.91
CA ILE A 78 -6.53 -7.09 -9.48
C ILE A 78 -7.93 -6.69 -9.04
N ASP A 79 -8.22 -6.96 -7.77
CA ASP A 79 -9.49 -6.58 -7.19
C ASP A 79 -9.28 -5.28 -6.43
N TYR A 80 -9.58 -4.16 -7.08
CA TYR A 80 -9.39 -2.83 -6.50
C TYR A 80 -9.57 -2.85 -4.98
N LYS A 81 -10.56 -3.60 -4.51
CA LYS A 81 -10.82 -3.70 -3.07
C LYS A 81 -9.68 -4.40 -2.36
N ALA A 82 -9.35 -5.61 -2.82
CA ALA A 82 -8.26 -6.38 -2.23
C ALA A 82 -6.97 -5.55 -2.22
N PHE A 83 -6.87 -4.62 -3.16
CA PHE A 83 -5.71 -3.75 -3.28
C PHE A 83 -5.90 -2.49 -2.43
N ALA A 84 -7.15 -2.06 -2.31
CA ALA A 84 -7.47 -0.87 -1.54
C ALA A 84 -7.53 -1.18 -0.03
N ALA A 85 -7.76 -2.44 0.30
CA ALA A 85 -7.84 -2.87 1.69
C ALA A 85 -6.48 -2.86 2.37
N MET A 86 -5.46 -2.72 1.55
CA MET A 86 -4.09 -2.69 2.03
C MET A 86 -3.81 -1.39 2.79
N LEU A 87 -4.34 -0.28 2.28
CA LEU A 87 -4.15 1.01 2.91
C LEU A 87 -5.27 1.32 3.88
N TYR A 88 -6.24 0.45 3.89
CA TYR A 88 -7.41 0.56 4.75
C TYR A 88 -7.59 -0.69 5.60
N SER A 89 -6.50 -1.43 5.78
CA SER A 89 -6.53 -2.65 6.58
C SER A 89 -6.31 -2.34 8.06
N VAL A 90 -7.40 -2.06 8.77
CA VAL A 90 -7.33 -1.74 10.20
C VAL A 90 -6.17 -0.81 10.52
N ASP A 91 -5.84 0.07 9.57
CA ASP A 91 -4.75 1.01 9.75
C ASP A 91 -5.13 2.09 10.76
N GLU A 92 -4.12 2.78 11.30
CA GLU A 92 -4.36 3.83 12.27
C GLU A 92 -3.05 4.51 12.67
N SER A 93 -2.10 3.71 13.15
CA SER A 93 -0.80 4.23 13.56
C SER A 93 0.19 4.21 12.40
N MET A 1 22.78 37.44 -1.31
CA MET A 1 24.18 37.90 -1.29
C MET A 1 24.29 39.33 -1.84
N GLY A 2 24.16 39.46 -3.15
CA GLY A 2 24.26 40.77 -3.77
C GLY A 2 22.92 41.49 -3.81
N SER A 3 22.04 41.04 -4.71
CA SER A 3 20.72 41.65 -4.85
C SER A 3 19.76 41.12 -3.79
N SER A 4 19.89 39.83 -3.47
CA SER A 4 19.04 39.21 -2.48
C SER A 4 19.55 39.49 -1.07
N HIS A 5 18.62 39.78 -0.16
CA HIS A 5 18.97 40.08 1.23
C HIS A 5 18.06 39.34 2.19
N HIS A 6 18.32 39.47 3.48
CA HIS A 6 17.52 38.82 4.51
C HIS A 6 17.56 37.30 4.34
N HIS A 7 18.72 36.79 3.95
CA HIS A 7 18.89 35.35 3.76
C HIS A 7 18.62 34.59 5.05
N HIS A 8 19.52 34.75 6.03
CA HIS A 8 19.37 34.07 7.31
C HIS A 8 19.36 32.56 7.13
N HIS A 9 19.05 31.85 8.21
CA HIS A 9 18.98 30.39 8.17
C HIS A 9 17.55 29.90 8.27
N HIS A 10 17.24 28.81 7.57
CA HIS A 10 15.90 28.24 7.58
C HIS A 10 15.83 27.05 8.52
N SER A 11 14.64 26.79 9.06
CA SER A 11 14.44 25.67 9.98
C SER A 11 12.96 25.56 10.37
N SER A 12 12.49 24.32 10.49
CA SER A 12 11.11 24.07 10.86
C SER A 12 11.01 22.96 11.90
N GLY A 13 10.36 23.24 13.02
CA GLY A 13 10.22 22.25 14.08
C GLY A 13 8.93 21.46 13.95
N LEU A 14 8.82 20.67 12.88
CA LEU A 14 7.63 19.86 12.66
C LEU A 14 7.66 18.60 13.51
N VAL A 15 6.59 18.40 14.29
CA VAL A 15 6.50 17.23 15.16
C VAL A 15 5.04 16.76 15.28
N PRO A 16 4.59 15.95 14.32
CA PRO A 16 3.21 15.42 14.31
C PRO A 16 2.85 14.75 15.63
N ARG A 17 1.89 15.33 16.34
CA ARG A 17 1.44 14.78 17.62
C ARG A 17 0.15 14.01 17.47
N GLY A 18 0.03 12.91 18.21
CA GLY A 18 -1.17 12.09 18.14
C GLY A 18 -0.86 10.62 18.03
N SER A 19 0.33 10.30 17.51
CA SER A 19 0.74 8.91 17.35
C SER A 19 -0.18 8.17 16.39
N HIS A 20 0.29 7.97 15.16
CA HIS A 20 -0.49 7.27 14.14
C HIS A 20 0.37 6.34 13.33
N MET A 21 1.53 6.83 12.89
CA MET A 21 2.45 6.03 12.09
C MET A 21 1.78 5.53 10.81
N SER A 22 0.83 6.31 10.31
CA SER A 22 0.11 5.95 9.10
C SER A 22 0.65 6.70 7.87
N ASP A 23 1.72 7.45 8.09
CA ASP A 23 2.35 8.22 7.02
C ASP A 23 2.99 7.33 5.98
N GLU A 24 3.14 6.07 6.35
CA GLU A 24 3.73 5.08 5.46
C GLU A 24 2.85 4.83 4.24
N LYS A 25 1.62 5.27 4.36
CA LYS A 25 0.64 5.12 3.29
C LYS A 25 0.63 6.35 2.39
N THR A 26 0.92 7.51 2.98
CA THR A 26 0.95 8.76 2.22
C THR A 26 1.91 8.67 1.05
N GLN A 27 2.92 7.81 1.17
CA GLN A 27 3.87 7.62 0.08
C GLN A 27 3.14 7.10 -1.16
N LEU A 28 1.98 6.47 -0.92
CA LEU A 28 1.14 5.92 -1.98
C LEU A 28 0.17 6.96 -2.51
N ILE A 29 0.08 8.05 -1.79
CA ILE A 29 -0.80 9.15 -2.15
C ILE A 29 -0.38 9.83 -3.44
N GLU A 30 0.82 9.51 -3.82
CA GLU A 30 1.41 10.03 -5.05
C GLU A 30 0.84 9.37 -6.29
N ALA A 31 -0.11 8.48 -6.06
CA ALA A 31 -0.77 7.75 -7.15
C ALA A 31 -2.04 8.47 -7.58
N PHE A 32 -2.67 9.17 -6.65
CA PHE A 32 -3.90 9.90 -6.94
C PHE A 32 -3.69 10.89 -8.08
N TYR A 33 -2.45 11.32 -8.28
CA TYR A 33 -2.13 12.27 -9.34
C TYR A 33 -1.62 11.54 -10.59
N ASN A 34 -2.10 10.33 -10.79
CA ASN A 34 -1.70 9.53 -11.95
C ASN A 34 -2.44 8.20 -11.97
N PHE A 35 -3.72 8.23 -11.60
CA PHE A 35 -4.54 7.02 -11.58
C PHE A 35 -6.00 7.36 -11.29
N ASP A 36 -6.48 8.45 -11.90
CA ASP A 36 -7.86 8.87 -11.71
C ASP A 36 -8.24 9.94 -12.74
N GLY A 37 -8.43 9.51 -13.99
CA GLY A 37 -8.80 10.43 -15.04
C GLY A 37 -10.30 10.66 -15.11
N ASP A 38 -11.06 9.59 -15.31
CA ASP A 38 -12.51 9.69 -15.39
C ASP A 38 -13.18 8.77 -14.38
N TYR A 39 -12.60 8.70 -13.18
CA TYR A 39 -13.14 7.86 -12.12
C TYR A 39 -13.11 6.38 -12.51
N ASP A 40 -12.80 5.52 -11.55
CA ASP A 40 -12.74 4.09 -11.80
C ASP A 40 -12.40 3.33 -10.52
N GLY A 41 -13.22 2.33 -10.19
CA GLY A 41 -12.99 1.54 -9.00
C GLY A 41 -12.55 0.12 -9.31
N PHE A 42 -11.99 -0.08 -10.50
CA PHE A 42 -11.53 -1.40 -10.91
C PHE A 42 -10.42 -1.29 -11.95
N VAL A 43 -9.27 -1.89 -11.66
CA VAL A 43 -8.14 -1.86 -12.56
C VAL A 43 -7.55 -3.26 -12.76
N SER A 44 -6.84 -3.45 -13.86
CA SER A 44 -6.22 -4.74 -14.16
C SER A 44 -4.71 -4.67 -14.00
N VAL A 45 -4.10 -5.80 -13.65
CA VAL A 45 -2.66 -5.86 -13.47
C VAL A 45 -1.93 -5.42 -14.73
N GLU A 46 -2.31 -6.02 -15.86
CA GLU A 46 -1.69 -5.70 -17.14
C GLU A 46 -1.61 -4.19 -17.36
N GLU A 47 -2.57 -3.47 -16.79
CA GLU A 47 -2.62 -2.02 -16.89
C GLU A 47 -1.98 -1.37 -15.68
N PHE A 48 -2.09 -2.05 -14.53
CA PHE A 48 -1.55 -1.54 -13.28
C PHE A 48 -0.03 -1.44 -13.36
N ARG A 49 0.59 -2.37 -14.07
CA ARG A 49 2.05 -2.38 -14.23
C ARG A 49 2.55 -1.06 -14.79
N GLY A 50 1.97 -0.63 -15.90
CA GLY A 50 2.37 0.61 -16.52
C GLY A 50 2.24 1.79 -15.58
N ILE A 51 1.33 1.70 -14.63
CA ILE A 51 1.12 2.76 -13.65
C ILE A 51 2.14 2.68 -12.52
N ILE A 52 2.67 1.49 -12.29
CA ILE A 52 3.66 1.29 -11.24
C ILE A 52 5.08 1.40 -11.79
N ARG A 53 5.39 0.62 -12.82
CA ARG A 53 6.70 0.63 -13.44
C ARG A 53 7.07 2.03 -13.93
N ASP A 54 6.08 2.77 -14.39
CA ASP A 54 6.30 4.12 -14.90
C ASP A 54 5.68 5.18 -13.99
N GLY A 55 5.32 4.79 -12.77
CA GLY A 55 4.72 5.72 -11.85
C GLY A 55 5.36 5.68 -10.46
N LEU A 56 4.82 4.83 -9.60
CA LEU A 56 5.35 4.70 -8.25
C LEU A 56 6.49 3.69 -8.18
N PRO A 57 7.55 3.99 -7.38
CA PRO A 57 8.69 3.11 -7.25
C PRO A 57 8.41 1.93 -6.32
N MET A 58 8.57 0.72 -6.85
CA MET A 58 8.33 -0.49 -6.07
C MET A 58 9.13 -1.66 -6.65
N THR A 59 9.73 -2.44 -5.76
CA THR A 59 10.52 -3.60 -6.16
C THR A 59 9.62 -4.73 -6.66
N GLU A 60 10.10 -5.47 -7.66
CA GLU A 60 9.36 -6.58 -8.24
C GLU A 60 8.58 -7.33 -7.18
N ALA A 61 9.28 -7.72 -6.13
CA ALA A 61 8.69 -8.44 -5.02
C ALA A 61 7.40 -7.76 -4.56
N GLU A 62 7.48 -6.49 -4.22
CA GLU A 62 6.29 -5.75 -3.79
C GLU A 62 5.17 -5.93 -4.79
N ILE A 63 5.41 -5.45 -6.01
CA ILE A 63 4.43 -5.56 -7.09
C ILE A 63 4.02 -7.01 -7.33
N THR A 64 4.98 -7.82 -7.75
CA THR A 64 4.75 -9.23 -8.03
C THR A 64 4.05 -9.91 -6.87
N GLU A 65 4.62 -9.77 -5.66
CA GLU A 65 4.03 -10.39 -4.48
C GLU A 65 2.67 -9.78 -4.18
N PHE A 66 2.45 -8.65 -4.80
CA PHE A 66 1.19 -7.93 -4.65
C PHE A 66 0.21 -8.35 -5.74
N PHE A 67 0.75 -8.77 -6.89
CA PHE A 67 -0.08 -9.20 -8.01
C PHE A 67 -0.46 -10.68 -7.88
N GLU A 68 0.37 -11.43 -7.16
CA GLU A 68 0.11 -12.85 -6.95
C GLU A 68 -0.64 -13.09 -5.63
N ALA A 69 -0.44 -12.18 -4.68
CA ALA A 69 -1.09 -12.30 -3.38
C ALA A 69 -2.45 -11.61 -3.37
N ALA A 70 -2.69 -10.86 -4.41
CA ALA A 70 -3.95 -10.13 -4.56
C ALA A 70 -4.91 -10.87 -5.49
N ASP A 71 -4.34 -11.64 -6.42
CA ASP A 71 -5.14 -12.41 -7.37
C ASP A 71 -4.82 -13.89 -7.27
N PRO A 72 -5.77 -14.72 -6.79
CA PRO A 72 -5.56 -16.17 -6.65
C PRO A 72 -5.40 -16.86 -8.00
N ASN A 73 -6.30 -16.55 -8.94
CA ASN A 73 -6.25 -17.15 -10.26
C ASN A 73 -5.03 -16.66 -11.05
N ASN A 74 -4.63 -15.42 -10.77
CA ASN A 74 -3.47 -14.83 -11.45
C ASN A 74 -3.82 -14.51 -12.90
N THR A 75 -5.08 -14.19 -13.15
CA THR A 75 -5.54 -13.86 -14.49
C THR A 75 -4.93 -12.55 -14.97
N GLY A 76 -4.58 -11.69 -14.02
CA GLY A 76 -4.00 -10.41 -14.37
C GLY A 76 -4.89 -9.24 -14.00
N PHE A 77 -5.84 -9.47 -13.10
CA PHE A 77 -6.76 -8.44 -12.66
C PHE A 77 -7.03 -8.54 -11.17
N ILE A 78 -6.92 -7.42 -10.46
CA ILE A 78 -7.15 -7.39 -9.02
C ILE A 78 -8.44 -6.65 -8.69
N ASP A 79 -9.09 -7.08 -7.62
CA ASP A 79 -10.29 -6.41 -7.15
C ASP A 79 -9.87 -5.14 -6.42
N TYR A 80 -10.04 -4.00 -7.08
CA TYR A 80 -9.63 -2.70 -6.52
C TYR A 80 -9.70 -2.68 -4.99
N LYS A 81 -10.73 -3.29 -4.43
CA LYS A 81 -10.89 -3.34 -2.98
C LYS A 81 -9.74 -4.10 -2.34
N ALA A 82 -9.51 -5.33 -2.79
CA ALA A 82 -8.44 -6.15 -2.25
C ALA A 82 -7.11 -5.39 -2.29
N PHE A 83 -7.01 -4.45 -3.22
CA PHE A 83 -5.81 -3.64 -3.38
C PHE A 83 -5.90 -2.34 -2.58
N ALA A 84 -7.13 -1.85 -2.42
CA ALA A 84 -7.35 -0.61 -1.68
C ALA A 84 -7.40 -0.87 -0.17
N ALA A 85 -7.79 -2.08 0.21
CA ALA A 85 -7.87 -2.46 1.62
C ALA A 85 -6.50 -2.66 2.22
N MET A 86 -5.51 -2.71 1.37
CA MET A 86 -4.13 -2.90 1.77
C MET A 86 -3.56 -1.63 2.39
N LEU A 87 -3.95 -0.49 1.82
CA LEU A 87 -3.49 0.81 2.31
C LEU A 87 -4.40 1.35 3.38
N TYR A 88 -5.48 0.65 3.57
CA TYR A 88 -6.48 1.00 4.56
C TYR A 88 -6.76 -0.16 5.50
N SER A 89 -5.80 -1.07 5.61
CA SER A 89 -5.96 -2.24 6.48
C SER A 89 -5.90 -1.83 7.95
N VAL A 90 -6.90 -1.08 8.39
CA VAL A 90 -6.99 -0.63 9.77
C VAL A 90 -5.75 0.19 10.14
N ASP A 91 -5.18 0.89 9.16
CA ASP A 91 -4.00 1.70 9.39
C ASP A 91 -2.85 0.86 9.92
N GLU A 92 -2.80 -0.40 9.51
CA GLU A 92 -1.75 -1.31 9.95
C GLU A 92 -1.78 -1.48 11.47
N SER A 93 -1.26 -2.61 11.93
CA SER A 93 -1.22 -2.91 13.36
C SER A 93 -2.64 -2.95 13.94
N MET A 1 -17.10 31.92 10.09
CA MET A 1 -15.85 31.22 9.70
C MET A 1 -14.79 31.33 10.78
N GLY A 2 -13.71 30.56 10.62
CA GLY A 2 -12.64 30.59 11.60
C GLY A 2 -11.40 29.84 11.12
N SER A 3 -10.76 29.11 12.03
CA SER A 3 -9.56 28.36 11.69
C SER A 3 -9.85 27.34 10.60
N SER A 4 -8.91 27.18 9.67
CA SER A 4 -9.06 26.24 8.57
C SER A 4 -8.13 25.04 8.75
N HIS A 5 -6.91 25.31 9.19
CA HIS A 5 -5.93 24.25 9.40
C HIS A 5 -6.39 23.28 10.49
N HIS A 6 -6.31 23.73 11.74
CA HIS A 6 -6.71 22.91 12.88
C HIS A 6 -5.90 21.63 12.94
N HIS A 7 -6.14 20.84 13.99
CA HIS A 7 -5.42 19.57 14.16
C HIS A 7 -3.92 19.81 14.29
N HIS A 8 -3.41 19.67 15.49
CA HIS A 8 -1.98 19.87 15.75
C HIS A 8 -1.63 19.56 17.19
N HIS A 9 -0.92 18.46 17.42
CA HIS A 9 -0.53 18.05 18.75
C HIS A 9 0.51 19.01 19.33
N HIS A 10 0.05 20.11 19.89
CA HIS A 10 0.94 21.11 20.47
C HIS A 10 0.33 21.71 21.74
N SER A 11 -0.92 22.18 21.62
CA SER A 11 -1.62 22.79 22.75
C SER A 11 -3.03 22.20 22.88
N SER A 12 -3.81 22.32 21.82
CA SER A 12 -5.17 21.81 21.83
C SER A 12 -5.55 21.25 20.45
N GLY A 13 -5.39 19.94 20.29
CA GLY A 13 -5.71 19.29 19.04
C GLY A 13 -5.77 17.79 19.16
N LEU A 14 -5.06 17.10 18.26
CA LEU A 14 -5.03 15.64 18.26
C LEU A 14 -4.23 15.12 19.46
N VAL A 15 -4.93 14.90 20.57
CA VAL A 15 -4.29 14.39 21.79
C VAL A 15 -4.03 12.89 21.69
N PRO A 16 -5.03 12.10 21.23
CA PRO A 16 -4.89 10.65 21.11
C PRO A 16 -3.61 10.25 20.38
N ARG A 17 -3.39 8.94 20.25
CA ARG A 17 -2.21 8.43 19.57
C ARG A 17 -2.59 7.77 18.25
N GLY A 18 -1.80 8.06 17.21
CA GLY A 18 -2.08 7.49 15.90
C GLY A 18 -1.48 8.31 14.78
N SER A 19 -0.19 8.58 14.86
CA SER A 19 0.49 9.36 13.84
C SER A 19 1.98 9.02 13.80
N HIS A 20 2.30 7.76 14.03
CA HIS A 20 3.69 7.30 14.02
C HIS A 20 3.99 6.53 12.74
N MET A 21 3.35 5.37 12.58
CA MET A 21 3.56 4.54 11.39
C MET A 21 2.39 4.69 10.42
N SER A 22 1.79 5.87 10.40
CA SER A 22 0.66 6.14 9.51
C SER A 22 1.10 6.94 8.28
N ASP A 23 2.40 7.16 8.17
CA ASP A 23 2.96 7.91 7.05
C ASP A 23 3.40 6.99 5.93
N GLU A 24 3.50 5.73 6.26
CA GLU A 24 3.91 4.71 5.30
C GLU A 24 2.89 4.55 4.19
N LYS A 25 1.72 5.07 4.46
CA LYS A 25 0.62 5.04 3.50
C LYS A 25 0.62 6.29 2.62
N THR A 26 1.16 7.38 3.16
CA THR A 26 1.22 8.64 2.43
C THR A 26 2.16 8.53 1.24
N GLN A 27 3.16 7.68 1.36
CA GLN A 27 4.11 7.48 0.27
C GLN A 27 3.36 6.99 -0.98
N LEU A 28 2.21 6.38 -0.74
CA LEU A 28 1.37 5.85 -1.82
C LEU A 28 0.41 6.91 -2.34
N ILE A 29 0.33 7.99 -1.60
CA ILE A 29 -0.55 9.11 -1.93
C ILE A 29 -0.13 9.80 -3.20
N GLU A 30 1.07 9.48 -3.61
CA GLU A 30 1.66 10.02 -4.83
C GLU A 30 1.10 9.35 -6.07
N ALA A 31 0.17 8.44 -5.85
CA ALA A 31 -0.47 7.70 -6.93
C ALA A 31 -1.75 8.39 -7.39
N PHE A 32 -2.41 9.06 -6.45
CA PHE A 32 -3.65 9.76 -6.75
C PHE A 32 -3.44 10.80 -7.85
N TYR A 33 -2.22 11.28 -7.98
CA TYR A 33 -1.89 12.28 -9.00
C TYR A 33 -1.31 11.62 -10.25
N ASN A 34 -1.87 10.47 -10.61
CA ASN A 34 -1.41 9.74 -11.79
C ASN A 34 -2.25 8.49 -12.00
N PHE A 35 -3.55 8.59 -11.75
CA PHE A 35 -4.46 7.46 -11.92
C PHE A 35 -5.87 7.94 -12.23
N ASP A 36 -6.00 8.75 -13.29
CA ASP A 36 -7.30 9.28 -13.68
C ASP A 36 -7.91 10.13 -12.57
N GLY A 37 -7.06 10.75 -11.77
CA GLY A 37 -7.54 11.58 -10.68
C GLY A 37 -8.39 10.80 -9.70
N ASP A 38 -7.88 9.66 -9.24
CA ASP A 38 -8.60 8.82 -8.29
C ASP A 38 -9.93 8.36 -8.87
N TYR A 39 -9.93 8.08 -10.17
CA TYR A 39 -11.15 7.63 -10.85
C TYR A 39 -10.96 6.22 -11.42
N ASP A 40 -11.29 5.21 -10.62
CA ASP A 40 -11.16 3.82 -11.04
C ASP A 40 -11.71 2.87 -9.99
N GLY A 41 -12.62 2.00 -10.40
CA GLY A 41 -13.20 1.05 -9.47
C GLY A 41 -12.68 -0.36 -9.67
N PHE A 42 -12.11 -0.62 -10.85
CA PHE A 42 -11.57 -1.94 -11.16
C PHE A 42 -10.42 -1.84 -12.14
N VAL A 43 -9.27 -2.37 -11.75
CA VAL A 43 -8.08 -2.34 -12.60
C VAL A 43 -7.45 -3.72 -12.70
N SER A 44 -6.85 -4.02 -13.85
CA SER A 44 -6.21 -5.30 -14.09
C SER A 44 -4.73 -5.24 -13.72
N VAL A 45 -4.13 -6.41 -13.48
CA VAL A 45 -2.73 -6.50 -13.13
C VAL A 45 -1.85 -5.95 -14.26
N GLU A 46 -2.31 -6.13 -15.50
CA GLU A 46 -1.57 -5.66 -16.66
C GLU A 46 -1.52 -4.14 -16.70
N GLU A 47 -2.69 -3.52 -16.70
CA GLU A 47 -2.78 -2.06 -16.73
C GLU A 47 -2.08 -1.44 -15.52
N PHE A 48 -2.10 -2.18 -14.40
CA PHE A 48 -1.47 -1.71 -13.17
C PHE A 48 0.04 -1.56 -13.36
N ARG A 49 0.64 -2.53 -14.06
CA ARG A 49 2.08 -2.50 -14.31
C ARG A 49 2.49 -1.23 -15.03
N GLY A 50 1.82 -0.94 -16.14
CA GLY A 50 2.12 0.25 -16.91
C GLY A 50 2.05 1.52 -16.07
N ILE A 51 1.26 1.48 -15.01
CA ILE A 51 1.10 2.62 -14.13
C ILE A 51 2.24 2.68 -13.10
N ILE A 52 2.53 1.54 -12.49
CA ILE A 52 3.59 1.46 -11.49
C ILE A 52 4.96 1.64 -12.12
N ARG A 53 5.09 1.27 -13.39
CA ARG A 53 6.35 1.40 -14.10
C ARG A 53 6.93 2.81 -13.96
N ASP A 54 6.16 3.81 -14.40
CA ASP A 54 6.59 5.19 -14.31
C ASP A 54 5.74 5.98 -13.31
N GLY A 55 5.00 5.25 -12.47
CA GLY A 55 4.15 5.91 -11.48
C GLY A 55 4.80 5.97 -10.12
N LEU A 56 4.62 4.91 -9.33
CA LEU A 56 5.18 4.85 -7.99
C LEU A 56 6.38 3.90 -7.94
N PRO A 57 7.39 4.23 -7.11
CA PRO A 57 8.59 3.41 -6.99
C PRO A 57 8.35 2.17 -6.12
N MET A 58 8.47 1.00 -6.74
CA MET A 58 8.27 -0.26 -6.06
C MET A 58 9.04 -1.38 -6.72
N THR A 59 9.66 -2.23 -5.91
CA THR A 59 10.44 -3.35 -6.42
C THR A 59 9.52 -4.47 -6.92
N GLU A 60 9.95 -5.18 -7.95
CA GLU A 60 9.17 -6.28 -8.52
C GLU A 60 8.48 -7.08 -7.43
N ALA A 61 9.27 -7.49 -6.45
CA ALA A 61 8.75 -8.27 -5.34
C ALA A 61 7.49 -7.64 -4.76
N GLU A 62 7.57 -6.36 -4.43
CA GLU A 62 6.40 -5.65 -3.88
C GLU A 62 5.23 -5.78 -4.83
N ILE A 63 5.40 -5.26 -6.04
CA ILE A 63 4.34 -5.32 -7.06
C ILE A 63 3.96 -6.77 -7.35
N THR A 64 4.92 -7.53 -7.85
CA THR A 64 4.70 -8.93 -8.20
C THR A 64 4.06 -9.69 -7.05
N GLU A 65 4.66 -9.59 -5.87
CA GLU A 65 4.14 -10.27 -4.70
C GLU A 65 2.78 -9.72 -4.33
N PHE A 66 2.50 -8.57 -4.88
CA PHE A 66 1.23 -7.90 -4.65
C PHE A 66 0.24 -8.22 -5.78
N PHE A 67 0.78 -8.54 -6.95
CA PHE A 67 -0.05 -8.87 -8.11
C PHE A 67 -0.64 -10.26 -7.98
N GLU A 68 0.08 -11.14 -7.29
CA GLU A 68 -0.38 -12.51 -7.09
C GLU A 68 -1.14 -12.64 -5.78
N ALA A 69 -0.79 -11.79 -4.80
CA ALA A 69 -1.44 -11.82 -3.50
C ALA A 69 -2.79 -11.12 -3.52
N ALA A 70 -3.03 -10.43 -4.61
CA ALA A 70 -4.27 -9.69 -4.81
C ALA A 70 -5.31 -10.55 -5.52
N ASP A 71 -4.84 -11.42 -6.42
CA ASP A 71 -5.73 -12.30 -7.17
C ASP A 71 -5.39 -13.76 -6.90
N PRO A 72 -6.34 -14.52 -6.30
CA PRO A 72 -6.13 -15.94 -6.00
C PRO A 72 -5.98 -16.78 -7.26
N ASN A 73 -6.61 -16.34 -8.35
CA ASN A 73 -6.55 -17.05 -9.62
C ASN A 73 -5.28 -16.67 -10.38
N ASN A 74 -4.84 -15.43 -10.21
CA ASN A 74 -3.65 -14.94 -10.88
C ASN A 74 -3.94 -14.73 -12.37
N THR A 75 -5.12 -14.22 -12.66
CA THR A 75 -5.54 -13.98 -14.03
C THR A 75 -5.15 -12.56 -14.46
N GLY A 76 -3.96 -12.13 -14.05
CA GLY A 76 -3.49 -10.80 -14.39
C GLY A 76 -4.54 -9.74 -14.18
N PHE A 77 -5.43 -9.99 -13.23
CA PHE A 77 -6.51 -9.06 -12.93
C PHE A 77 -6.61 -8.84 -11.41
N ILE A 78 -6.62 -7.58 -11.01
CA ILE A 78 -6.71 -7.23 -9.59
C ILE A 78 -8.11 -6.78 -9.21
N ASP A 79 -8.48 -7.06 -7.97
CA ASP A 79 -9.75 -6.63 -7.44
C ASP A 79 -9.53 -5.33 -6.68
N TYR A 80 -9.77 -4.20 -7.37
CA TYR A 80 -9.56 -2.87 -6.79
C TYR A 80 -9.72 -2.87 -5.27
N LYS A 81 -10.75 -3.56 -4.79
CA LYS A 81 -11.01 -3.63 -3.36
C LYS A 81 -9.87 -4.33 -2.64
N ALA A 82 -9.55 -5.55 -3.07
CA ALA A 82 -8.47 -6.31 -2.47
C ALA A 82 -7.19 -5.48 -2.45
N PHE A 83 -7.05 -4.61 -3.43
CA PHE A 83 -5.89 -3.74 -3.55
C PHE A 83 -6.08 -2.48 -2.70
N ALA A 84 -7.33 -2.02 -2.59
CA ALA A 84 -7.65 -0.83 -1.82
C ALA A 84 -7.69 -1.14 -0.32
N ALA A 85 -7.94 -2.41 0.01
CA ALA A 85 -8.01 -2.83 1.41
C ALA A 85 -6.64 -2.86 2.06
N MET A 86 -5.63 -2.75 1.23
CA MET A 86 -4.25 -2.75 1.68
C MET A 86 -3.88 -1.41 2.31
N LEU A 87 -4.49 -0.34 1.80
CA LEU A 87 -4.24 1.00 2.31
C LEU A 87 -5.26 1.39 3.36
N TYR A 88 -6.22 0.53 3.51
CA TYR A 88 -7.29 0.71 4.49
C TYR A 88 -7.42 -0.49 5.42
N SER A 89 -6.34 -1.25 5.54
CA SER A 89 -6.33 -2.43 6.40
C SER A 89 -5.71 -2.10 7.76
N VAL A 90 -5.89 -0.86 8.20
CA VAL A 90 -5.35 -0.43 9.49
C VAL A 90 -6.43 -0.38 10.56
N ASP A 91 -7.46 -1.21 10.39
CA ASP A 91 -8.56 -1.26 11.36
C ASP A 91 -9.19 0.11 11.53
N GLU A 92 -9.16 0.92 10.47
CA GLU A 92 -9.73 2.26 10.51
C GLU A 92 -10.22 2.68 9.14
N SER A 93 -9.35 2.55 8.14
CA SER A 93 -9.69 2.92 6.77
C SER A 93 -10.04 4.40 6.68
N MET A 1 9.85 -7.18 22.82
CA MET A 1 10.85 -8.18 22.37
C MET A 1 12.14 -7.50 21.89
N GLY A 2 12.51 -6.43 22.57
CA GLY A 2 13.72 -5.69 22.20
C GLY A 2 14.85 -5.93 23.19
N SER A 3 15.49 -4.85 23.61
CA SER A 3 16.61 -4.94 24.55
C SER A 3 16.11 -4.87 25.98
N SER A 4 15.68 -3.68 26.41
CA SER A 4 15.19 -3.49 27.77
C SER A 4 16.26 -3.82 28.79
N HIS A 5 17.50 -3.47 28.48
CA HIS A 5 18.62 -3.73 29.37
C HIS A 5 18.79 -5.22 29.62
N HIS A 6 19.41 -5.91 28.67
CA HIS A 6 19.63 -7.35 28.80
C HIS A 6 20.98 -7.75 28.21
N HIS A 7 21.27 -7.25 27.01
CA HIS A 7 22.52 -7.56 26.33
C HIS A 7 22.70 -6.68 25.10
N HIS A 8 23.83 -6.85 24.41
CA HIS A 8 24.11 -6.08 23.21
C HIS A 8 25.05 -6.85 22.28
N HIS A 9 24.49 -7.34 21.18
CA HIS A 9 25.27 -8.11 20.21
C HIS A 9 24.85 -7.76 18.78
N HIS A 10 24.41 -6.52 18.59
CA HIS A 10 23.98 -6.06 17.27
C HIS A 10 22.80 -6.88 16.77
N SER A 11 21.59 -6.45 17.09
CA SER A 11 20.39 -7.15 16.66
C SER A 11 19.54 -6.27 15.74
N SER A 12 18.96 -5.21 16.30
CA SER A 12 18.14 -4.30 15.53
C SER A 12 17.90 -3.00 16.29
N GLY A 13 18.90 -2.12 16.27
CA GLY A 13 18.78 -0.85 16.96
C GLY A 13 18.74 0.33 16.02
N LEU A 14 19.36 0.18 14.85
CA LEU A 14 19.39 1.23 13.85
C LEU A 14 17.98 1.60 13.41
N VAL A 15 17.34 0.71 12.65
CA VAL A 15 15.99 0.94 12.17
C VAL A 15 15.15 -0.32 12.28
N PRO A 16 13.82 -0.17 12.47
CA PRO A 16 12.90 -1.30 12.59
C PRO A 16 13.04 -2.28 11.44
N ARG A 17 12.78 -1.80 10.23
CA ARG A 17 12.87 -2.63 9.04
C ARG A 17 12.87 -1.77 7.77
N GLY A 18 11.98 -0.79 7.73
CA GLY A 18 11.91 0.09 6.57
C GLY A 18 10.93 1.23 6.78
N SER A 19 9.65 0.95 6.56
CA SER A 19 8.61 1.97 6.72
C SER A 19 8.59 2.49 8.15
N HIS A 20 8.11 3.72 8.32
CA HIS A 20 8.04 4.34 9.64
C HIS A 20 6.78 3.88 10.38
N MET A 21 5.64 4.47 10.04
CA MET A 21 4.37 4.12 10.67
C MET A 21 3.20 4.46 9.76
N SER A 22 2.83 5.74 9.73
CA SER A 22 1.71 6.19 8.90
C SER A 22 2.20 6.87 7.63
N ASP A 23 3.50 6.84 7.42
CA ASP A 23 4.12 7.45 6.24
C ASP A 23 4.20 6.47 5.09
N GLU A 24 4.01 5.22 5.42
CA GLU A 24 4.06 4.14 4.43
C GLU A 24 2.92 4.27 3.44
N LYS A 25 1.94 5.06 3.81
CA LYS A 25 0.78 5.31 2.98
C LYS A 25 0.99 6.55 2.10
N THR A 26 1.89 7.43 2.54
CA THR A 26 2.19 8.65 1.79
C THR A 26 2.97 8.32 0.52
N GLN A 27 3.73 7.24 0.55
CA GLN A 27 4.49 6.83 -0.62
C GLN A 27 3.53 6.56 -1.79
N LEU A 28 2.29 6.24 -1.43
CA LEU A 28 1.25 5.95 -2.42
C LEU A 28 0.53 7.22 -2.84
N ILE A 29 0.78 8.28 -2.11
CA ILE A 29 0.18 9.58 -2.38
C ILE A 29 0.59 10.14 -3.72
N GLU A 30 1.61 9.53 -4.24
CA GLU A 30 2.16 9.91 -5.54
C GLU A 30 1.33 9.34 -6.68
N ALA A 31 0.26 8.66 -6.32
CA ALA A 31 -0.64 8.05 -7.30
C ALA A 31 -1.79 9.00 -7.63
N PHE A 32 -2.16 9.83 -6.68
CA PHE A 32 -3.27 10.78 -6.88
C PHE A 32 -3.00 11.68 -8.09
N TYR A 33 -1.73 11.83 -8.44
CA TYR A 33 -1.36 12.66 -9.58
C TYR A 33 -1.15 11.82 -10.83
N ASN A 34 -1.93 10.75 -10.96
CA ASN A 34 -1.84 9.86 -12.10
C ASN A 34 -2.90 8.77 -12.03
N PHE A 35 -4.08 9.13 -11.56
CA PHE A 35 -5.19 8.18 -11.45
C PHE A 35 -6.45 8.87 -10.97
N ASP A 36 -6.67 10.10 -11.44
CA ASP A 36 -7.84 10.87 -11.06
C ASP A 36 -8.85 10.94 -12.21
N GLY A 37 -8.98 9.84 -12.94
CA GLY A 37 -9.91 9.79 -14.05
C GLY A 37 -11.35 10.01 -13.62
N ASP A 38 -11.87 9.09 -12.82
CA ASP A 38 -13.24 9.18 -12.34
C ASP A 38 -13.56 8.03 -11.37
N TYR A 39 -12.68 7.83 -10.40
CA TYR A 39 -12.87 6.77 -9.41
C TYR A 39 -12.91 5.41 -10.09
N ASP A 40 -11.79 4.69 -10.02
CA ASP A 40 -11.70 3.35 -10.61
C ASP A 40 -12.29 2.30 -9.69
N GLY A 41 -13.10 1.42 -10.26
CA GLY A 41 -13.72 0.36 -9.48
C GLY A 41 -13.00 -0.97 -9.64
N PHE A 42 -12.29 -1.14 -10.75
CA PHE A 42 -11.57 -2.37 -11.02
C PHE A 42 -10.39 -2.13 -11.95
N VAL A 43 -9.20 -2.50 -11.49
CA VAL A 43 -7.98 -2.32 -12.28
C VAL A 43 -7.25 -3.65 -12.47
N SER A 44 -6.85 -3.93 -13.69
CA SER A 44 -6.13 -5.16 -14.00
C SER A 44 -4.64 -4.99 -13.78
N VAL A 45 -3.98 -6.07 -13.36
CA VAL A 45 -2.54 -6.05 -13.12
C VAL A 45 -1.79 -5.51 -14.34
N GLU A 46 -2.01 -6.14 -15.48
CA GLU A 46 -1.35 -5.74 -16.73
C GLU A 46 -1.43 -4.22 -16.91
N GLU A 47 -2.51 -3.64 -16.43
CA GLU A 47 -2.71 -2.19 -16.53
C GLU A 47 -2.09 -1.48 -15.33
N PHE A 48 -2.06 -2.18 -14.19
CA PHE A 48 -1.49 -1.63 -12.97
C PHE A 48 0.02 -1.49 -13.10
N ARG A 49 0.66 -2.46 -13.76
CA ARG A 49 2.10 -2.43 -13.94
C ARG A 49 2.54 -1.17 -14.67
N GLY A 50 1.89 -0.89 -15.80
CA GLY A 50 2.22 0.29 -16.58
C GLY A 50 2.12 1.55 -15.76
N ILE A 51 1.30 1.53 -14.73
CA ILE A 51 1.11 2.69 -13.87
C ILE A 51 2.19 2.77 -12.80
N ILE A 52 2.50 1.62 -12.19
CA ILE A 52 3.53 1.56 -11.16
C ILE A 52 4.91 1.79 -11.74
N ARG A 53 5.09 1.47 -13.02
CA ARG A 53 6.36 1.66 -13.70
C ARG A 53 6.87 3.09 -13.54
N ASP A 54 6.07 4.05 -13.98
CA ASP A 54 6.44 5.45 -13.89
C ASP A 54 5.54 6.20 -12.91
N GLY A 55 4.81 5.45 -12.09
CA GLY A 55 3.91 6.07 -11.12
C GLY A 55 4.51 6.12 -9.73
N LEU A 56 4.33 5.04 -8.97
CA LEU A 56 4.85 4.96 -7.60
C LEU A 56 6.11 4.09 -7.55
N PRO A 57 7.08 4.47 -6.70
CA PRO A 57 8.33 3.72 -6.56
C PRO A 57 8.14 2.44 -5.75
N MET A 58 7.73 1.38 -6.43
CA MET A 58 7.49 0.10 -5.78
C MET A 58 8.32 -1.01 -6.45
N THR A 59 8.85 -1.91 -5.64
CA THR A 59 9.65 -3.02 -6.15
C THR A 59 8.77 -4.22 -6.45
N GLU A 60 9.10 -4.94 -7.52
CA GLU A 60 8.33 -6.11 -7.93
C GLU A 60 7.94 -6.96 -6.71
N ALA A 61 8.93 -7.30 -5.92
CA ALA A 61 8.73 -8.10 -4.71
C ALA A 61 7.52 -7.61 -3.90
N GLU A 62 7.23 -6.32 -4.00
CA GLU A 62 6.09 -5.76 -3.27
C GLU A 62 4.83 -5.83 -4.12
N ILE A 63 4.91 -5.35 -5.35
CA ILE A 63 3.76 -5.36 -6.27
C ILE A 63 3.50 -6.77 -6.79
N THR A 64 4.56 -7.46 -7.20
CA THR A 64 4.45 -8.80 -7.71
C THR A 64 3.91 -9.73 -6.64
N GLU A 65 4.50 -9.66 -5.46
CA GLU A 65 4.07 -10.47 -4.34
C GLU A 65 2.69 -10.08 -3.89
N PHE A 66 2.30 -8.90 -4.34
CA PHE A 66 1.00 -8.35 -4.02
C PHE A 66 0.02 -8.63 -5.16
N PHE A 67 0.57 -8.84 -6.37
CA PHE A 67 -0.25 -9.11 -7.54
C PHE A 67 -0.80 -10.53 -7.50
N GLU A 68 0.01 -11.45 -6.98
CA GLU A 68 -0.40 -12.85 -6.88
C GLU A 68 -1.37 -13.05 -5.72
N ALA A 69 -1.23 -12.23 -4.69
CA ALA A 69 -2.09 -12.33 -3.51
C ALA A 69 -3.44 -11.66 -3.76
N ALA A 70 -3.50 -10.95 -4.85
CA ALA A 70 -4.71 -10.24 -5.25
C ALA A 70 -5.54 -11.07 -6.24
N ASP A 71 -4.84 -11.89 -7.03
CA ASP A 71 -5.50 -12.74 -8.00
C ASP A 71 -5.05 -14.19 -7.86
N PRO A 72 -5.92 -15.06 -7.32
CA PRO A 72 -5.59 -16.48 -7.12
C PRO A 72 -5.42 -17.22 -8.44
N ASN A 73 -6.16 -16.78 -9.46
CA ASN A 73 -6.09 -17.40 -10.78
C ASN A 73 -4.82 -16.97 -11.52
N ASN A 74 -4.33 -15.77 -11.19
CA ASN A 74 -3.13 -15.23 -11.82
C ASN A 74 -3.44 -14.81 -13.24
N THR A 75 -4.65 -14.27 -13.44
CA THR A 75 -5.08 -13.82 -14.75
C THR A 75 -4.61 -12.39 -15.01
N GLY A 76 -3.70 -11.89 -14.18
CA GLY A 76 -3.19 -10.55 -14.33
C GLY A 76 -4.24 -9.50 -14.01
N PHE A 77 -5.19 -9.87 -13.16
CA PHE A 77 -6.25 -8.95 -12.76
C PHE A 77 -6.18 -8.68 -11.26
N ILE A 78 -7.09 -7.84 -10.78
CA ILE A 78 -7.11 -7.49 -9.36
C ILE A 78 -8.51 -7.07 -8.92
N ASP A 79 -8.78 -7.27 -7.64
CA ASP A 79 -10.04 -6.86 -7.05
C ASP A 79 -9.82 -5.53 -6.34
N TYR A 80 -10.12 -4.43 -7.03
CA TYR A 80 -9.91 -3.09 -6.49
C TYR A 80 -10.01 -3.04 -4.96
N LYS A 81 -10.98 -3.76 -4.42
CA LYS A 81 -11.17 -3.80 -2.97
C LYS A 81 -9.98 -4.48 -2.30
N ALA A 82 -9.69 -5.72 -2.70
CA ALA A 82 -8.58 -6.47 -2.14
C ALA A 82 -7.30 -5.65 -2.20
N PHE A 83 -7.23 -4.75 -3.18
CA PHE A 83 -6.07 -3.89 -3.37
C PHE A 83 -6.22 -2.60 -2.58
N ALA A 84 -7.46 -2.14 -2.43
CA ALA A 84 -7.75 -0.92 -1.70
C ALA A 84 -7.71 -1.15 -0.19
N ALA A 85 -7.81 -2.41 0.22
CA ALA A 85 -7.78 -2.76 1.63
C ALA A 85 -6.40 -2.58 2.24
N MET A 86 -5.44 -2.38 1.37
CA MET A 86 -4.06 -2.19 1.78
C MET A 86 -3.86 -0.80 2.35
N LEU A 87 -4.58 0.17 1.79
CA LEU A 87 -4.49 1.56 2.26
C LEU A 87 -5.52 1.86 3.32
N TYR A 88 -6.38 0.90 3.51
CA TYR A 88 -7.45 1.00 4.50
C TYR A 88 -7.42 -0.18 5.45
N SER A 89 -6.27 -0.82 5.58
CA SER A 89 -6.10 -1.96 6.47
C SER A 89 -6.03 -1.52 7.92
N VAL A 90 -7.17 -1.11 8.47
CA VAL A 90 -7.24 -0.65 9.86
C VAL A 90 -8.66 -0.78 10.40
N ASP A 91 -9.12 -2.02 10.58
CA ASP A 91 -10.45 -2.28 11.09
C ASP A 91 -11.51 -1.69 10.17
N GLU A 92 -11.81 -2.40 9.08
CA GLU A 92 -12.80 -1.94 8.12
C GLU A 92 -13.46 -3.13 7.42
N SER A 93 -12.63 -4.06 6.95
CA SER A 93 -13.13 -5.24 6.26
C SER A 93 -12.51 -6.51 6.83
N MET A 1 5.66 -16.50 33.92
CA MET A 1 5.01 -16.70 32.59
C MET A 1 4.53 -15.38 32.00
N GLY A 2 3.76 -14.63 32.78
CA GLY A 2 3.25 -13.35 32.31
C GLY A 2 2.72 -12.49 33.44
N SER A 3 3.44 -12.46 34.56
CA SER A 3 3.02 -11.67 35.71
C SER A 3 4.21 -10.92 36.30
N SER A 4 5.15 -10.52 35.44
CA SER A 4 6.33 -9.79 35.88
C SER A 4 6.78 -8.79 34.82
N HIS A 5 6.97 -7.55 35.24
CA HIS A 5 7.39 -6.49 34.33
C HIS A 5 8.75 -6.82 33.71
N HIS A 6 9.33 -5.83 33.03
CA HIS A 6 10.63 -6.02 32.39
C HIS A 6 11.35 -4.68 32.22
N HIS A 7 11.12 -3.78 33.16
CA HIS A 7 11.75 -2.45 33.12
C HIS A 7 13.20 -2.53 33.56
N HIS A 8 14.07 -2.97 32.65
CA HIS A 8 15.49 -3.08 32.94
C HIS A 8 16.30 -2.07 32.15
N HIS A 9 16.25 -2.20 30.83
CA HIS A 9 16.97 -1.28 29.94
C HIS A 9 16.18 -1.01 28.67
N HIS A 10 16.79 -0.27 27.74
CA HIS A 10 16.14 0.06 26.48
C HIS A 10 14.85 0.84 26.72
N SER A 11 14.27 1.37 25.64
CA SER A 11 13.05 2.14 25.73
C SER A 11 11.82 1.24 25.55
N SER A 12 11.45 0.53 26.61
CA SER A 12 10.30 -0.37 26.57
C SER A 12 9.12 0.22 27.33
N GLY A 13 9.02 1.55 27.33
CA GLY A 13 7.94 2.21 28.03
C GLY A 13 8.03 3.73 27.95
N LEU A 14 7.11 4.41 28.62
CA LEU A 14 7.09 5.87 28.62
C LEU A 14 6.88 6.42 27.22
N VAL A 15 6.15 5.66 26.40
CA VAL A 15 5.86 6.07 25.02
C VAL A 15 4.55 5.46 24.53
N PRO A 16 3.42 6.10 24.84
CA PRO A 16 2.10 5.62 24.42
C PRO A 16 2.03 5.35 22.92
N ARG A 17 1.38 4.25 22.54
CA ARG A 17 1.24 3.88 21.14
C ARG A 17 2.62 3.62 20.51
N GLY A 18 2.83 2.40 20.04
CA GLY A 18 4.10 2.05 19.43
C GLY A 18 4.40 2.91 18.22
N SER A 19 5.40 2.49 17.43
CA SER A 19 5.80 3.23 16.25
C SER A 19 4.65 3.32 15.25
N HIS A 20 4.37 2.21 14.56
CA HIS A 20 3.29 2.17 13.58
C HIS A 20 3.58 3.08 12.40
N MET A 21 3.42 4.38 12.61
CA MET A 21 3.66 5.36 11.55
C MET A 21 2.71 5.15 10.37
N SER A 22 1.93 6.17 10.06
CA SER A 22 0.97 6.10 8.97
C SER A 22 1.50 6.81 7.72
N ASP A 23 2.74 7.26 7.79
CA ASP A 23 3.37 7.95 6.68
C ASP A 23 3.68 7.00 5.54
N GLU A 24 3.61 5.73 5.84
CA GLU A 24 3.88 4.68 4.86
C GLU A 24 2.82 4.69 3.76
N LYS A 25 1.73 5.36 4.06
CA LYS A 25 0.61 5.47 3.13
C LYS A 25 0.75 6.73 2.29
N THR A 26 1.44 7.74 2.82
CA THR A 26 1.64 8.99 2.11
C THR A 26 2.53 8.79 0.89
N GLN A 27 3.42 7.81 0.97
CA GLN A 27 4.30 7.52 -0.16
C GLN A 27 3.46 7.12 -1.38
N LEU A 28 2.26 6.63 -1.10
CA LEU A 28 1.33 6.21 -2.15
C LEU A 28 0.46 7.36 -2.62
N ILE A 29 0.51 8.44 -1.87
CA ILE A 29 -0.27 9.65 -2.16
C ILE A 29 0.11 10.25 -3.49
N GLU A 30 1.22 9.81 -3.98
CA GLU A 30 1.74 10.25 -5.27
C GLU A 30 1.02 9.58 -6.43
N ALA A 31 0.05 8.76 -6.09
CA ALA A 31 -0.75 8.05 -7.09
C ALA A 31 -2.00 8.82 -7.43
N PHE A 32 -2.50 9.61 -6.48
CA PHE A 32 -3.70 10.40 -6.68
C PHE A 32 -3.55 11.35 -7.88
N TYR A 33 -2.31 11.63 -8.26
CA TYR A 33 -2.05 12.51 -9.38
C TYR A 33 -1.89 11.74 -10.68
N ASN A 34 -2.48 10.54 -10.73
CA ASN A 34 -2.41 9.69 -11.92
C ASN A 34 -3.28 8.45 -11.76
N PHE A 35 -4.39 8.60 -11.05
CA PHE A 35 -5.31 7.49 -10.83
C PHE A 35 -6.48 7.92 -9.96
N ASP A 36 -6.97 9.14 -10.19
CA ASP A 36 -8.10 9.67 -9.42
C ASP A 36 -9.09 10.38 -10.34
N GLY A 37 -9.62 9.64 -11.31
CA GLY A 37 -10.58 10.22 -12.23
C GLY A 37 -10.60 9.50 -13.57
N ASP A 38 -11.09 8.27 -13.59
CA ASP A 38 -11.15 7.48 -14.80
C ASP A 38 -12.30 6.49 -14.77
N TYR A 39 -13.31 6.78 -13.94
CA TYR A 39 -14.47 5.92 -13.81
C TYR A 39 -14.06 4.48 -13.50
N ASP A 40 -15.05 3.60 -13.39
CA ASP A 40 -14.79 2.19 -13.10
C ASP A 40 -14.07 2.03 -11.77
N GLY A 41 -14.14 0.82 -11.21
CA GLY A 41 -13.48 0.56 -9.95
C GLY A 41 -12.72 -0.75 -9.95
N PHE A 42 -12.16 -1.10 -11.09
CA PHE A 42 -11.38 -2.33 -11.22
C PHE A 42 -10.18 -2.14 -12.12
N VAL A 43 -8.99 -2.43 -11.60
CA VAL A 43 -7.76 -2.30 -12.36
C VAL A 43 -7.07 -3.64 -12.53
N SER A 44 -6.81 -4.01 -13.79
CA SER A 44 -6.16 -5.28 -14.10
C SER A 44 -4.68 -5.23 -13.72
N VAL A 45 -4.11 -6.41 -13.47
CA VAL A 45 -2.70 -6.50 -13.10
C VAL A 45 -1.81 -5.94 -14.20
N GLU A 46 -2.26 -6.08 -15.45
CA GLU A 46 -1.50 -5.59 -16.59
C GLU A 46 -1.40 -4.08 -16.57
N GLU A 47 -2.56 -3.41 -16.63
CA GLU A 47 -2.59 -1.95 -16.62
C GLU A 47 -1.92 -1.40 -15.37
N PHE A 48 -1.99 -2.16 -14.28
CA PHE A 48 -1.39 -1.74 -13.02
C PHE A 48 0.12 -1.59 -13.16
N ARG A 49 0.75 -2.51 -13.89
CA ARG A 49 2.19 -2.47 -14.10
C ARG A 49 2.61 -1.17 -14.77
N GLY A 50 1.95 -0.85 -15.88
CA GLY A 50 2.28 0.37 -16.60
C GLY A 50 2.18 1.60 -15.73
N ILE A 51 1.35 1.53 -14.69
CA ILE A 51 1.17 2.65 -13.78
C ILE A 51 2.28 2.69 -12.73
N ILE A 52 2.58 1.53 -12.15
CA ILE A 52 3.62 1.43 -11.14
C ILE A 52 5.01 1.68 -11.74
N ARG A 53 5.16 1.35 -13.01
CA ARG A 53 6.43 1.54 -13.71
C ARG A 53 7.00 2.93 -13.46
N ASP A 54 6.25 3.94 -13.87
CA ASP A 54 6.66 5.33 -13.68
C ASP A 54 5.77 6.05 -12.66
N GLY A 55 5.00 5.28 -11.90
CA GLY A 55 4.12 5.86 -10.91
C GLY A 55 4.73 5.88 -9.52
N LEU A 56 4.56 4.78 -8.80
CA LEU A 56 5.10 4.67 -7.44
C LEU A 56 6.32 3.75 -7.40
N PRO A 57 7.30 4.07 -6.54
CA PRO A 57 8.52 3.27 -6.41
C PRO A 57 8.29 1.99 -5.62
N MET A 58 8.40 0.86 -6.31
CA MET A 58 8.21 -0.44 -5.68
C MET A 58 9.01 -1.52 -6.40
N THR A 59 9.62 -2.41 -5.63
CA THR A 59 10.41 -3.49 -6.20
C THR A 59 9.50 -4.59 -6.74
N GLU A 60 9.95 -5.26 -7.80
CA GLU A 60 9.19 -6.35 -8.42
C GLU A 60 8.49 -7.19 -7.37
N ALA A 61 9.27 -7.65 -6.40
CA ALA A 61 8.76 -8.46 -5.31
C ALA A 61 7.49 -7.86 -4.73
N GLU A 62 7.57 -6.60 -4.31
CA GLU A 62 6.40 -5.92 -3.75
C GLU A 62 5.22 -6.04 -4.70
N ILE A 63 5.39 -5.47 -5.89
CA ILE A 63 4.35 -5.50 -6.91
C ILE A 63 3.98 -6.95 -7.27
N THR A 64 4.95 -7.67 -7.82
CA THR A 64 4.76 -9.05 -8.23
C THR A 64 4.11 -9.87 -7.12
N GLU A 65 4.69 -9.82 -5.93
CA GLU A 65 4.15 -10.58 -4.80
C GLU A 65 2.79 -10.05 -4.42
N PHE A 66 2.51 -8.87 -4.92
CA PHE A 66 1.24 -8.22 -4.66
C PHE A 66 0.27 -8.47 -5.81
N PHE A 67 0.81 -8.76 -7.00
CA PHE A 67 0.00 -9.03 -8.17
C PHE A 67 -0.59 -10.43 -8.12
N GLU A 68 0.14 -11.35 -7.48
CA GLU A 68 -0.31 -12.73 -7.36
C GLU A 68 -1.06 -12.94 -6.04
N ALA A 69 -0.73 -12.14 -5.04
CA ALA A 69 -1.38 -12.25 -3.73
C ALA A 69 -2.71 -11.53 -3.69
N ALA A 70 -2.95 -10.76 -4.72
CA ALA A 70 -4.19 -9.99 -4.85
C ALA A 70 -5.24 -10.76 -5.65
N ASP A 71 -4.78 -11.52 -6.64
CA ASP A 71 -5.68 -12.30 -7.49
C ASP A 71 -5.53 -13.80 -7.20
N PRO A 72 -6.62 -14.48 -6.83
CA PRO A 72 -6.59 -15.92 -6.53
C PRO A 72 -6.35 -16.76 -7.78
N ASN A 73 -7.08 -16.46 -8.85
CA ASN A 73 -6.95 -17.20 -10.10
C ASN A 73 -5.60 -16.92 -10.76
N ASN A 74 -5.08 -15.71 -10.54
CA ASN A 74 -3.80 -15.31 -11.11
C ASN A 74 -3.95 -15.02 -12.59
N THR A 75 -5.18 -14.74 -13.00
CA THR A 75 -5.47 -14.45 -14.40
C THR A 75 -4.81 -13.15 -14.84
N GLY A 76 -4.38 -12.35 -13.87
CA GLY A 76 -3.74 -11.08 -14.17
C GLY A 76 -4.67 -9.91 -13.97
N PHE A 77 -5.70 -10.11 -13.14
CA PHE A 77 -6.66 -9.06 -12.85
C PHE A 77 -6.78 -8.85 -11.35
N ILE A 78 -6.66 -7.60 -10.93
CA ILE A 78 -6.74 -7.26 -9.51
C ILE A 78 -8.12 -6.73 -9.14
N ASP A 79 -8.53 -7.04 -7.91
CA ASP A 79 -9.78 -6.55 -7.38
C ASP A 79 -9.50 -5.24 -6.67
N TYR A 80 -9.70 -4.12 -7.37
CA TYR A 80 -9.42 -2.78 -6.83
C TYR A 80 -9.57 -2.73 -5.31
N LYS A 81 -10.61 -3.40 -4.79
CA LYS A 81 -10.85 -3.42 -3.35
C LYS A 81 -9.72 -4.14 -2.63
N ALA A 82 -9.46 -5.38 -3.04
CA ALA A 82 -8.40 -6.17 -2.43
C ALA A 82 -7.09 -5.40 -2.43
N PHE A 83 -6.94 -4.52 -3.41
CA PHE A 83 -5.74 -3.69 -3.54
C PHE A 83 -5.87 -2.39 -2.75
N ALA A 84 -7.11 -1.90 -2.67
CA ALA A 84 -7.38 -0.66 -1.95
C ALA A 84 -7.47 -0.90 -0.44
N ALA A 85 -7.73 -2.15 -0.06
CA ALA A 85 -7.84 -2.51 1.35
C ALA A 85 -6.49 -2.49 2.05
N MET A 86 -5.45 -2.40 1.25
CA MET A 86 -4.09 -2.37 1.75
C MET A 86 -3.78 -1.01 2.37
N LEU A 87 -4.37 0.04 1.83
CA LEU A 87 -4.16 1.39 2.33
C LEU A 87 -5.24 1.80 3.30
N TYR A 88 -6.22 0.95 3.39
CA TYR A 88 -7.37 1.15 4.26
C TYR A 88 -7.58 -0.03 5.20
N SER A 89 -6.51 -0.80 5.41
CA SER A 89 -6.57 -1.98 6.28
C SER A 89 -6.37 -1.57 7.74
N VAL A 90 -7.42 -1.01 8.33
CA VAL A 90 -7.38 -0.59 9.73
C VAL A 90 -8.77 -0.63 10.36
N ASP A 91 -9.30 -1.84 10.51
CA ASP A 91 -10.63 -2.01 11.10
C ASP A 91 -10.66 -1.46 12.53
N GLU A 92 -11.86 -1.27 13.06
CA GLU A 92 -12.04 -0.75 14.40
C GLU A 92 -11.38 -1.65 15.42
N SER A 93 -10.91 -1.06 16.53
CA SER A 93 -10.26 -1.82 17.58
C SER A 93 -11.28 -2.32 18.61
N MET A 1 34.74 -17.37 13.15
CA MET A 1 33.52 -16.90 12.45
C MET A 1 33.67 -15.45 11.99
N GLY A 2 32.65 -14.95 11.29
CA GLY A 2 32.69 -13.58 10.81
C GLY A 2 32.21 -13.45 9.38
N SER A 3 30.93 -13.74 9.15
CA SER A 3 30.35 -13.66 7.82
C SER A 3 29.45 -12.43 7.68
N SER A 4 30.08 -11.26 7.64
CA SER A 4 29.33 -10.01 7.51
C SER A 4 29.66 -9.31 6.20
N HIS A 5 30.92 -9.38 5.80
CA HIS A 5 31.37 -8.75 4.56
C HIS A 5 31.13 -7.25 4.59
N HIS A 6 31.21 -6.67 5.78
CA HIS A 6 31.00 -5.23 5.96
C HIS A 6 29.62 -4.81 5.47
N HIS A 7 28.66 -4.77 6.39
CA HIS A 7 27.29 -4.38 6.04
C HIS A 7 26.46 -4.18 7.30
N HIS A 8 26.06 -5.28 7.92
CA HIS A 8 25.26 -5.23 9.14
C HIS A 8 23.93 -4.51 8.88
N HIS A 9 23.09 -4.47 9.91
CA HIS A 9 21.79 -3.81 9.79
C HIS A 9 21.28 -3.36 11.15
N HIS A 10 20.99 -2.07 11.27
CA HIS A 10 20.50 -1.50 12.52
C HIS A 10 18.97 -1.45 12.54
N SER A 11 18.41 -1.30 13.73
CA SER A 11 16.96 -1.23 13.87
C SER A 11 16.58 -0.58 15.21
N SER A 12 17.37 0.40 15.63
CA SER A 12 17.11 1.10 16.87
C SER A 12 17.15 0.15 18.06
N GLY A 13 18.24 0.20 18.82
CA GLY A 13 18.39 -0.67 19.97
C GLY A 13 17.99 0.00 21.26
N LEU A 14 16.72 -0.17 21.64
CA LEU A 14 16.20 0.44 22.86
C LEU A 14 15.08 -0.42 23.45
N VAL A 15 14.10 -0.75 22.63
CA VAL A 15 12.96 -1.55 23.07
C VAL A 15 11.99 -1.81 21.92
N PRO A 16 12.22 -2.88 21.13
CA PRO A 16 11.37 -3.23 20.00
C PRO A 16 9.89 -3.31 20.39
N ARG A 17 9.07 -2.52 19.71
CA ARG A 17 7.63 -2.50 19.98
C ARG A 17 6.83 -2.55 18.69
N GLY A 18 5.61 -3.07 18.78
CA GLY A 18 4.76 -3.16 17.61
C GLY A 18 4.38 -1.80 17.06
N SER A 19 3.71 -1.80 15.90
CA SER A 19 3.29 -0.55 15.28
C SER A 19 4.49 0.33 14.94
N HIS A 20 5.12 0.05 13.80
CA HIS A 20 6.29 0.82 13.38
C HIS A 20 5.88 2.20 12.86
N MET A 21 5.29 2.22 11.66
CA MET A 21 4.85 3.48 11.06
C MET A 21 3.85 3.22 9.94
N SER A 22 2.90 4.14 9.77
CA SER A 22 1.88 4.01 8.73
C SER A 22 2.21 4.87 7.53
N ASP A 23 3.37 5.50 7.56
CA ASP A 23 3.82 6.37 6.48
C ASP A 23 4.15 5.58 5.22
N GLU A 24 4.29 4.29 5.42
CA GLU A 24 4.62 3.38 4.32
C GLU A 24 3.49 3.33 3.30
N LYS A 25 2.34 3.81 3.71
CA LYS A 25 1.17 3.86 2.87
C LYS A 25 1.09 5.19 2.13
N THR A 26 1.65 6.23 2.75
CA THR A 26 1.64 7.56 2.15
C THR A 26 2.48 7.60 0.89
N GLN A 27 3.50 6.74 0.82
CA GLN A 27 4.34 6.68 -0.36
C GLN A 27 3.49 6.33 -1.59
N LEU A 28 2.35 5.70 -1.33
CA LEU A 28 1.42 5.31 -2.39
C LEU A 28 0.44 6.43 -2.70
N ILE A 29 0.43 7.41 -1.84
CA ILE A 29 -0.45 8.57 -1.97
C ILE A 29 -0.09 9.43 -3.16
N GLU A 30 1.07 9.15 -3.67
CA GLU A 30 1.61 9.84 -4.84
C GLU A 30 0.96 9.36 -6.12
N ALA A 31 0.03 8.44 -5.98
CA ALA A 31 -0.68 7.87 -7.11
C ALA A 31 -1.98 8.64 -7.38
N PHE A 32 -2.58 9.19 -6.33
CA PHE A 32 -3.81 9.95 -6.45
C PHE A 32 -3.62 11.14 -7.38
N TYR A 33 -2.41 11.66 -7.44
CA TYR A 33 -2.10 12.81 -8.29
C TYR A 33 -1.49 12.36 -9.62
N ASN A 34 -1.84 11.15 -10.04
CA ASN A 34 -1.32 10.60 -11.29
C ASN A 34 -2.04 9.32 -11.67
N PHE A 35 -3.33 9.25 -11.34
CA PHE A 35 -4.14 8.09 -11.66
C PHE A 35 -5.58 8.30 -11.20
N ASP A 36 -6.34 9.08 -11.98
CA ASP A 36 -7.74 9.36 -11.66
C ASP A 36 -8.51 9.71 -12.92
N GLY A 37 -8.69 8.72 -13.80
CA GLY A 37 -9.43 8.94 -15.02
C GLY A 37 -10.83 8.37 -14.97
N ASP A 38 -10.96 7.10 -15.32
CA ASP A 38 -12.27 6.45 -15.32
C ASP A 38 -12.14 4.98 -15.73
N TYR A 39 -11.65 4.15 -14.82
CA TYR A 39 -11.47 2.73 -15.09
C TYR A 39 -12.44 1.90 -14.26
N ASP A 40 -13.54 2.51 -13.83
CA ASP A 40 -14.54 1.82 -13.03
C ASP A 40 -13.92 1.17 -11.80
N GLY A 41 -12.78 1.69 -11.36
CA GLY A 41 -12.10 1.15 -10.20
C GLY A 41 -11.27 -0.07 -10.54
N PHE A 42 -11.91 -1.09 -11.11
CA PHE A 42 -11.22 -2.31 -11.48
C PHE A 42 -10.04 -2.02 -12.39
N VAL A 43 -8.86 -2.48 -11.97
CA VAL A 43 -7.63 -2.26 -12.74
C VAL A 43 -6.80 -3.54 -12.79
N SER A 44 -6.79 -4.20 -13.95
CA SER A 44 -6.03 -5.43 -14.12
C SER A 44 -4.55 -5.20 -13.86
N VAL A 45 -3.85 -6.27 -13.46
CA VAL A 45 -2.43 -6.19 -13.19
C VAL A 45 -1.66 -5.68 -14.41
N GLU A 46 -1.81 -6.38 -15.52
CA GLU A 46 -1.13 -6.01 -16.76
C GLU A 46 -1.28 -4.52 -17.05
N GLU A 47 -2.38 -3.94 -16.58
CA GLU A 47 -2.64 -2.52 -16.78
C GLU A 47 -2.05 -1.70 -15.64
N PHE A 48 -1.99 -2.32 -14.46
CA PHE A 48 -1.44 -1.66 -13.28
C PHE A 48 0.05 -1.36 -13.47
N ARG A 49 0.72 -2.20 -14.24
CA ARG A 49 2.15 -2.03 -14.50
C ARG A 49 2.43 -0.65 -15.08
N GLY A 50 1.70 -0.30 -16.14
CA GLY A 50 1.89 0.99 -16.78
C GLY A 50 1.69 2.15 -15.81
N ILE A 51 0.92 1.91 -14.76
CA ILE A 51 0.66 2.93 -13.76
C ILE A 51 1.78 3.00 -12.74
N ILE A 52 2.46 1.88 -12.52
CA ILE A 52 3.55 1.82 -11.56
C ILE A 52 4.89 2.14 -12.24
N ARG A 53 5.16 1.49 -13.36
CA ARG A 53 6.39 1.71 -14.10
C ARG A 53 6.59 3.18 -14.41
N ASP A 54 5.49 3.88 -14.69
CA ASP A 54 5.56 5.31 -15.00
C ASP A 54 4.93 6.15 -13.90
N GLY A 55 4.70 5.55 -12.74
CA GLY A 55 4.10 6.28 -11.63
C GLY A 55 4.97 6.26 -10.38
N LEU A 56 4.76 5.25 -9.53
CA LEU A 56 5.51 5.13 -8.30
C LEU A 56 6.67 4.15 -8.47
N PRO A 57 7.83 4.44 -7.84
CA PRO A 57 9.01 3.58 -7.93
C PRO A 57 8.91 2.36 -7.01
N MET A 58 7.86 1.57 -7.20
CA MET A 58 7.65 0.37 -6.40
C MET A 58 8.39 -0.82 -6.99
N THR A 59 9.06 -1.60 -6.14
CA THR A 59 9.80 -2.76 -6.59
C THR A 59 8.87 -3.96 -6.78
N GLU A 60 9.13 -4.74 -7.82
CA GLU A 60 8.32 -5.91 -8.12
C GLU A 60 7.94 -6.66 -6.84
N ALA A 61 8.95 -6.99 -6.07
CA ALA A 61 8.76 -7.71 -4.81
C ALA A 61 7.60 -7.14 -4.00
N GLU A 62 7.31 -5.86 -4.19
CA GLU A 62 6.22 -5.21 -3.48
C GLU A 62 4.92 -5.32 -4.28
N ILE A 63 4.98 -4.90 -5.54
CA ILE A 63 3.81 -4.96 -6.42
C ILE A 63 3.49 -6.39 -6.83
N THR A 64 4.53 -7.14 -7.19
CA THR A 64 4.35 -8.53 -7.60
C THR A 64 3.84 -9.35 -6.44
N GLU A 65 4.47 -9.18 -5.28
CA GLU A 65 4.05 -9.90 -4.09
C GLU A 65 2.67 -9.47 -3.67
N PHE A 66 2.28 -8.32 -4.19
CA PHE A 66 0.97 -7.76 -3.91
C PHE A 66 0.00 -8.10 -5.03
N PHE A 67 0.54 -8.32 -6.23
CA PHE A 67 -0.28 -8.67 -7.38
C PHE A 67 -0.89 -10.06 -7.22
N GLU A 68 -0.06 -11.02 -6.83
CA GLU A 68 -0.52 -12.38 -6.64
C GLU A 68 -1.28 -12.53 -5.33
N ALA A 69 -0.97 -11.66 -4.37
CA ALA A 69 -1.64 -11.69 -3.06
C ALA A 69 -3.04 -11.11 -3.13
N ALA A 70 -3.32 -10.49 -4.25
CA ALA A 70 -4.62 -9.86 -4.49
C ALA A 70 -5.53 -10.81 -5.27
N ASP A 71 -4.95 -11.61 -6.13
CA ASP A 71 -5.71 -12.56 -6.94
C ASP A 71 -5.26 -14.00 -6.67
N PRO A 72 -6.18 -14.86 -6.21
CA PRO A 72 -5.85 -16.25 -5.91
C PRO A 72 -5.50 -17.05 -7.16
N ASN A 73 -6.05 -16.63 -8.29
CA ASN A 73 -5.79 -17.29 -9.57
C ASN A 73 -4.50 -16.78 -10.20
N ASN A 74 -4.21 -15.51 -9.96
CA ASN A 74 -3.01 -14.88 -10.52
C ASN A 74 -3.17 -14.68 -12.02
N THR A 75 -4.36 -14.29 -12.42
CA THR A 75 -4.66 -14.06 -13.83
C THR A 75 -4.36 -12.62 -14.21
N GLY A 76 -3.27 -12.08 -13.69
CA GLY A 76 -2.89 -10.71 -13.99
C GLY A 76 -4.03 -9.73 -13.78
N PHE A 77 -4.96 -10.09 -12.91
CA PHE A 77 -6.10 -9.23 -12.61
C PHE A 77 -6.21 -8.96 -11.11
N ILE A 78 -6.72 -7.78 -10.77
CA ILE A 78 -6.87 -7.39 -9.37
C ILE A 78 -8.29 -6.96 -9.07
N ASP A 79 -8.67 -7.12 -7.81
CA ASP A 79 -9.98 -6.68 -7.35
C ASP A 79 -9.81 -5.33 -6.68
N TYR A 80 -10.05 -4.25 -7.43
CA TYR A 80 -9.88 -2.89 -6.94
C TYR A 80 -10.13 -2.78 -5.44
N LYS A 81 -11.14 -3.49 -4.95
CA LYS A 81 -11.45 -3.46 -3.53
C LYS A 81 -10.37 -4.16 -2.72
N ALA A 82 -10.06 -5.40 -3.08
CA ALA A 82 -9.02 -6.17 -2.40
C ALA A 82 -7.72 -5.37 -2.35
N PHE A 83 -7.55 -4.49 -3.32
CA PHE A 83 -6.35 -3.67 -3.41
C PHE A 83 -6.55 -2.34 -2.68
N ALA A 84 -7.78 -1.81 -2.75
CA ALA A 84 -8.10 -0.55 -2.10
C ALA A 84 -8.27 -0.72 -0.59
N ALA A 85 -8.69 -1.91 -0.18
CA ALA A 85 -8.90 -2.21 1.23
C ALA A 85 -7.59 -2.40 1.97
N MET A 86 -6.53 -2.49 1.19
CA MET A 86 -5.19 -2.69 1.74
C MET A 86 -4.57 -1.35 2.13
N LEU A 87 -4.98 -0.29 1.43
CA LEU A 87 -4.46 1.05 1.71
C LEU A 87 -5.42 1.88 2.54
N TYR A 88 -6.58 1.31 2.74
CA TYR A 88 -7.65 1.94 3.50
C TYR A 88 -8.14 1.02 4.62
N SER A 89 -7.31 0.07 5.01
CA SER A 89 -7.66 -0.87 6.07
C SER A 89 -9.08 -1.41 5.89
N VAL A 90 -9.50 -1.56 4.64
CA VAL A 90 -10.84 -2.06 4.34
C VAL A 90 -11.90 -1.07 4.77
N ASP A 91 -11.61 0.22 4.60
CA ASP A 91 -12.55 1.27 4.98
C ASP A 91 -12.86 1.21 6.47
N GLU A 92 -12.41 2.23 7.20
CA GLU A 92 -12.64 2.30 8.64
C GLU A 92 -13.38 3.57 9.01
N SER A 93 -13.90 3.61 10.23
CA SER A 93 -14.65 4.77 10.71
C SER A 93 -15.07 4.59 12.16
N MET A 1 35.36 15.74 27.32
CA MET A 1 35.64 16.75 26.28
C MET A 1 35.11 16.31 24.92
N GLY A 2 33.85 16.62 24.65
CA GLY A 2 33.24 16.24 23.38
C GLY A 2 31.73 16.12 23.49
N SER A 3 31.03 17.23 23.29
CA SER A 3 29.58 17.25 23.35
C SER A 3 28.97 17.05 21.97
N SER A 4 27.75 16.51 21.94
CA SER A 4 27.05 16.28 20.68
C SER A 4 25.58 15.98 20.91
N HIS A 5 25.30 14.85 21.56
CA HIS A 5 23.94 14.44 21.85
C HIS A 5 23.50 14.96 23.21
N HIS A 6 22.23 15.36 23.31
CA HIS A 6 21.68 15.87 24.56
C HIS A 6 20.84 14.82 25.26
N HIS A 7 21.51 13.90 25.96
CA HIS A 7 20.83 12.84 26.68
C HIS A 7 20.54 13.25 28.12
N HIS A 8 21.59 13.44 28.91
CA HIS A 8 21.45 13.83 30.30
C HIS A 8 20.64 12.80 31.08
N HIS A 9 20.27 13.15 32.32
CA HIS A 9 19.50 12.25 33.16
C HIS A 9 18.29 12.98 33.76
N HIS A 10 18.57 14.06 34.48
CA HIS A 10 17.50 14.85 35.10
C HIS A 10 17.32 16.18 34.40
N SER A 11 16.59 16.15 33.28
CA SER A 11 16.34 17.37 32.51
C SER A 11 15.41 17.08 31.34
N SER A 12 15.93 16.37 30.34
CA SER A 12 15.14 16.03 29.16
C SER A 12 14.23 14.84 29.44
N GLY A 13 13.33 14.56 28.50
CA GLY A 13 12.40 13.45 28.67
C GLY A 13 11.34 13.41 27.59
N LEU A 14 11.71 12.91 26.41
CA LEU A 14 10.78 12.82 25.30
C LEU A 14 11.10 11.61 24.42
N VAL A 15 11.33 10.46 25.06
CA VAL A 15 11.65 9.24 24.34
C VAL A 15 10.40 8.57 23.76
N PRO A 16 9.21 8.76 24.38
CA PRO A 16 7.97 8.15 23.89
C PRO A 16 7.71 8.47 22.43
N ARG A 17 7.85 9.74 22.06
CA ARG A 17 7.64 10.17 20.68
C ARG A 17 8.64 9.52 19.74
N GLY A 18 8.17 9.16 18.56
CA GLY A 18 9.04 8.52 17.59
C GLY A 18 8.78 7.03 17.45
N SER A 19 7.82 6.67 16.61
CA SER A 19 7.47 5.27 16.39
C SER A 19 6.40 5.13 15.30
N HIS A 20 5.97 3.90 15.07
CA HIS A 20 4.96 3.63 14.06
C HIS A 20 5.43 4.06 12.67
N MET A 21 5.65 3.08 11.80
CA MET A 21 6.10 3.36 10.44
C MET A 21 4.99 3.13 9.44
N SER A 22 4.07 4.08 9.34
CA SER A 22 2.94 3.98 8.42
C SER A 22 3.17 4.83 7.17
N ASP A 23 4.35 5.41 7.07
CA ASP A 23 4.71 6.25 5.94
C ASP A 23 4.90 5.43 4.68
N GLU A 24 5.03 4.14 4.87
CA GLU A 24 5.22 3.21 3.78
C GLU A 24 4.00 3.18 2.86
N LYS A 25 2.92 3.69 3.38
CA LYS A 25 1.66 3.76 2.65
C LYS A 25 1.54 5.09 1.91
N THR A 26 2.20 6.12 2.44
CA THR A 26 2.16 7.44 1.82
C THR A 26 2.89 7.43 0.48
N GLN A 27 3.87 6.56 0.34
CA GLN A 27 4.61 6.45 -0.91
C GLN A 27 3.65 6.12 -2.05
N LEU A 28 2.52 5.51 -1.68
CA LEU A 28 1.50 5.12 -2.65
C LEU A 28 0.51 6.26 -2.89
N ILE A 29 0.60 7.26 -2.04
CA ILE A 29 -0.27 8.44 -2.11
C ILE A 29 -0.01 9.26 -3.35
N GLU A 30 1.10 8.96 -3.97
CA GLU A 30 1.53 9.62 -5.18
C GLU A 30 0.75 9.15 -6.40
N ALA A 31 -0.20 8.27 -6.14
CA ALA A 31 -1.04 7.72 -7.20
C ALA A 31 -2.32 8.55 -7.37
N PHE A 32 -2.77 9.16 -6.28
CA PHE A 32 -3.98 9.98 -6.30
C PHE A 32 -3.86 11.10 -7.34
N TYR A 33 -2.63 11.53 -7.59
CA TYR A 33 -2.39 12.60 -8.55
C TYR A 33 -1.99 12.02 -9.91
N ASN A 34 -2.61 10.92 -10.28
CA ASN A 34 -2.32 10.27 -11.55
C ASN A 34 -3.28 9.11 -11.81
N PHE A 35 -4.55 9.29 -11.41
CA PHE A 35 -5.56 8.26 -11.59
C PHE A 35 -6.97 8.86 -11.44
N ASP A 36 -7.38 9.65 -12.44
CA ASP A 36 -8.69 10.27 -12.42
C ASP A 36 -9.33 10.25 -13.81
N GLY A 37 -9.19 9.12 -14.50
CA GLY A 37 -9.75 8.99 -15.83
C GLY A 37 -11.25 9.20 -15.84
N ASP A 38 -11.97 8.30 -15.19
CA ASP A 38 -13.43 8.38 -15.13
C ASP A 38 -13.98 7.47 -14.03
N TYR A 39 -13.27 7.42 -12.90
CA TYR A 39 -13.70 6.60 -11.77
C TYR A 39 -13.75 5.12 -12.17
N ASP A 40 -12.63 4.43 -12.01
CA ASP A 40 -12.55 3.01 -12.36
C ASP A 40 -12.91 2.14 -11.16
N GLY A 41 -13.49 0.98 -11.43
CA GLY A 41 -13.88 0.06 -10.38
C GLY A 41 -12.99 -1.16 -10.31
N PHE A 42 -12.37 -1.50 -11.43
CA PHE A 42 -11.49 -2.66 -11.50
C PHE A 42 -10.30 -2.40 -12.41
N VAL A 43 -9.09 -2.56 -11.87
CA VAL A 43 -7.88 -2.34 -12.64
C VAL A 43 -7.06 -3.62 -12.74
N SER A 44 -6.80 -4.05 -13.98
CA SER A 44 -6.02 -5.26 -14.22
C SER A 44 -4.55 -5.03 -13.92
N VAL A 45 -3.83 -6.11 -13.61
CA VAL A 45 -2.41 -6.03 -13.32
C VAL A 45 -1.64 -5.47 -14.51
N GLU A 46 -1.84 -6.08 -15.67
CA GLU A 46 -1.18 -5.65 -16.89
C GLU A 46 -1.31 -4.14 -17.08
N GLU A 47 -2.47 -3.61 -16.72
CA GLU A 47 -2.74 -2.18 -16.84
C GLU A 47 -2.12 -1.43 -15.66
N PHE A 48 -2.03 -2.11 -14.52
CA PHE A 48 -1.46 -1.52 -13.31
C PHE A 48 0.04 -1.34 -13.46
N ARG A 49 0.70 -2.31 -14.07
CA ARG A 49 2.15 -2.26 -14.28
C ARG A 49 2.54 -1.01 -15.06
N GLY A 50 1.88 -0.79 -16.20
CA GLY A 50 2.18 0.37 -17.01
C GLY A 50 2.07 1.67 -16.23
N ILE A 51 1.27 1.64 -15.17
CA ILE A 51 1.08 2.82 -14.33
C ILE A 51 2.11 2.85 -13.20
N ILE A 52 2.33 1.70 -12.58
CA ILE A 52 3.29 1.60 -11.49
C ILE A 52 4.73 1.73 -11.99
N ARG A 53 4.94 1.35 -13.26
CA ARG A 53 6.26 1.43 -13.86
C ARG A 53 6.88 2.81 -13.66
N ASP A 54 6.21 3.83 -14.18
CA ASP A 54 6.70 5.20 -14.07
C ASP A 54 5.80 6.03 -13.17
N GLY A 55 4.93 5.37 -12.40
CA GLY A 55 4.04 6.08 -11.51
C GLY A 55 4.50 6.05 -10.07
N LEU A 56 4.10 5.01 -9.35
CA LEU A 56 4.47 4.88 -7.94
C LEU A 56 5.78 4.09 -7.80
N PRO A 57 6.71 4.60 -6.97
CA PRO A 57 8.00 3.93 -6.74
C PRO A 57 7.88 2.75 -5.79
N MET A 58 7.58 1.58 -6.36
CA MET A 58 7.43 0.37 -5.56
C MET A 58 8.35 -0.74 -6.09
N THR A 59 8.93 -1.50 -5.18
CA THR A 59 9.83 -2.59 -5.55
C THR A 59 9.03 -3.81 -6.01
N GLU A 60 9.60 -4.58 -6.93
CA GLU A 60 8.94 -5.77 -7.47
C GLU A 60 8.20 -6.52 -6.37
N ALA A 61 8.91 -6.80 -5.29
CA ALA A 61 8.34 -7.49 -4.15
C ALA A 61 7.00 -6.90 -3.75
N GLU A 62 6.97 -5.58 -3.54
CA GLU A 62 5.72 -4.91 -3.17
C GLU A 62 4.64 -5.20 -4.20
N ILE A 63 4.90 -4.80 -5.44
CA ILE A 63 3.95 -5.02 -6.53
C ILE A 63 3.67 -6.51 -6.73
N THR A 64 4.71 -7.25 -7.05
CA THR A 64 4.62 -8.69 -7.27
C THR A 64 3.92 -9.38 -6.11
N GLU A 65 4.40 -9.12 -4.89
CA GLU A 65 3.81 -9.72 -3.70
C GLU A 65 2.40 -9.22 -3.50
N PHE A 66 2.10 -8.14 -4.20
CA PHE A 66 0.78 -7.54 -4.14
C PHE A 66 -0.08 -8.03 -5.31
N PHE A 67 0.58 -8.42 -6.40
CA PHE A 67 -0.12 -8.91 -7.58
C PHE A 67 -0.58 -10.35 -7.38
N GLU A 68 0.13 -11.08 -6.53
CA GLU A 68 -0.20 -12.48 -6.24
C GLU A 68 -1.16 -12.57 -5.06
N ALA A 69 -1.08 -11.60 -4.15
CA ALA A 69 -1.94 -11.57 -2.97
C ALA A 69 -3.24 -10.84 -3.23
N ALA A 70 -3.28 -10.18 -4.36
CA ALA A 70 -4.45 -9.42 -4.78
C ALA A 70 -5.37 -10.27 -5.64
N ASP A 71 -4.79 -11.21 -6.37
CA ASP A 71 -5.55 -12.09 -7.24
C ASP A 71 -5.27 -13.55 -6.91
N PRO A 72 -6.30 -14.33 -6.51
CA PRO A 72 -6.14 -15.74 -6.17
C PRO A 72 -5.73 -16.59 -7.38
N ASN A 73 -6.33 -16.28 -8.53
CA ASN A 73 -6.03 -17.01 -9.75
C ASN A 73 -4.71 -16.54 -10.35
N ASN A 74 -4.39 -15.27 -10.14
CA ASN A 74 -3.16 -14.68 -10.66
C ASN A 74 -3.25 -14.50 -12.16
N THR A 75 -4.44 -14.10 -12.62
CA THR A 75 -4.68 -13.89 -14.04
C THR A 75 -4.35 -12.45 -14.43
N GLY A 76 -3.26 -11.93 -13.88
CA GLY A 76 -2.85 -10.57 -14.18
C GLY A 76 -3.97 -9.57 -13.97
N PHE A 77 -4.93 -9.91 -13.12
CA PHE A 77 -6.06 -9.04 -12.85
C PHE A 77 -6.21 -8.79 -11.35
N ILE A 78 -6.30 -7.52 -10.98
CA ILE A 78 -6.44 -7.14 -9.57
C ILE A 78 -7.88 -6.77 -9.23
N ASP A 79 -8.23 -6.95 -7.96
CA ASP A 79 -9.55 -6.57 -7.49
C ASP A 79 -9.42 -5.23 -6.79
N TYR A 80 -9.72 -4.16 -7.53
CA TYR A 80 -9.61 -2.79 -7.01
C TYR A 80 -9.84 -2.72 -5.50
N LYS A 81 -10.83 -3.46 -5.02
CA LYS A 81 -11.13 -3.47 -3.60
C LYS A 81 -9.98 -4.09 -2.81
N ALA A 82 -9.61 -5.31 -3.17
CA ALA A 82 -8.51 -6.00 -2.49
C ALA A 82 -7.26 -5.12 -2.48
N PHE A 83 -7.16 -4.23 -3.46
CA PHE A 83 -6.03 -3.34 -3.58
C PHE A 83 -6.30 -2.02 -2.85
N ALA A 84 -7.57 -1.62 -2.80
CA ALA A 84 -7.97 -0.38 -2.13
C ALA A 84 -8.07 -0.57 -0.63
N ALA A 85 -8.71 -1.66 -0.22
CA ALA A 85 -8.89 -1.96 1.21
C ALA A 85 -7.58 -2.36 1.86
N MET A 86 -6.60 -2.62 1.03
CA MET A 86 -5.29 -3.03 1.49
C MET A 86 -4.58 -1.88 2.20
N LEU A 87 -4.81 -0.66 1.72
CA LEU A 87 -4.20 0.53 2.31
C LEU A 87 -5.17 1.26 3.21
N TYR A 88 -6.39 0.79 3.19
CA TYR A 88 -7.47 1.36 3.98
C TYR A 88 -8.15 0.29 4.83
N SER A 89 -7.43 -0.79 5.09
CA SER A 89 -7.96 -1.89 5.90
C SER A 89 -8.19 -1.44 7.34
N VAL A 90 -9.29 -0.72 7.57
CA VAL A 90 -9.61 -0.23 8.89
C VAL A 90 -11.13 -0.11 9.07
N ASP A 91 -11.87 -0.96 8.38
CA ASP A 91 -13.32 -0.94 8.46
C ASP A 91 -13.89 -2.35 8.61
N GLU A 92 -14.99 -2.46 9.35
CA GLU A 92 -15.62 -3.76 9.58
C GLU A 92 -17.13 -3.68 9.31
N SER A 93 -17.73 -4.83 8.98
CA SER A 93 -19.15 -4.89 8.71
C SER A 93 -19.52 -3.99 7.52
N MET A 1 14.49 26.20 31.95
CA MET A 1 13.39 25.23 32.20
C MET A 1 12.74 24.78 30.90
N GLY A 2 12.03 23.66 30.94
CA GLY A 2 11.37 23.14 29.76
C GLY A 2 11.02 21.68 29.89
N SER A 3 11.95 20.82 29.49
CA SER A 3 11.73 19.38 29.56
C SER A 3 10.55 18.96 28.70
N SER A 4 10.83 18.44 27.51
CA SER A 4 9.79 18.00 26.60
C SER A 4 10.31 16.93 25.65
N HIS A 5 10.02 15.66 25.99
CA HIS A 5 10.46 14.54 25.17
C HIS A 5 9.93 13.23 25.72
N HIS A 6 9.95 13.09 27.05
CA HIS A 6 9.47 11.87 27.69
C HIS A 6 8.52 12.23 28.84
N HIS A 7 7.22 12.09 28.57
CA HIS A 7 6.21 12.38 29.58
C HIS A 7 6.29 13.84 30.03
N HIS A 8 5.27 14.62 29.66
CA HIS A 8 5.23 16.03 30.02
C HIS A 8 3.83 16.60 29.86
N HIS A 9 2.99 16.39 30.88
CA HIS A 9 1.62 16.88 30.85
C HIS A 9 1.56 18.36 31.18
N HIS A 10 0.93 19.14 30.31
CA HIS A 10 0.80 20.58 30.51
C HIS A 10 -0.53 21.09 29.95
N SER A 11 -0.76 22.39 30.10
CA SER A 11 -1.98 23.00 29.61
C SER A 11 -1.87 23.36 28.13
N SER A 12 -0.82 24.11 27.79
CA SER A 12 -0.60 24.52 26.41
C SER A 12 -0.11 23.35 25.56
N GLY A 13 -0.14 23.53 24.25
CA GLY A 13 0.29 22.48 23.35
C GLY A 13 -0.58 22.37 22.12
N LEU A 14 -0.53 21.21 21.46
CA LEU A 14 -1.32 20.97 20.26
C LEU A 14 -1.98 19.60 20.31
N VAL A 15 -1.18 18.56 20.06
CA VAL A 15 -1.68 17.20 20.07
C VAL A 15 -0.59 16.21 20.50
N PRO A 16 -0.99 15.02 21.00
CA PRO A 16 -0.04 14.00 21.44
C PRO A 16 1.00 13.67 20.38
N ARG A 17 0.53 13.18 19.23
CA ARG A 17 1.42 12.82 18.14
C ARG A 17 0.64 12.56 16.86
N GLY A 18 -0.08 11.45 16.82
CA GLY A 18 -0.87 11.10 15.65
C GLY A 18 -0.01 10.61 14.50
N SER A 19 1.00 9.82 14.81
CA SER A 19 1.90 9.29 13.80
C SER A 19 2.94 8.36 14.41
N HIS A 20 3.62 7.59 13.58
CA HIS A 20 4.63 6.66 14.04
C HIS A 20 5.48 6.14 12.87
N MET A 21 4.86 5.34 12.01
CA MET A 21 5.55 4.79 10.86
C MET A 21 4.56 4.41 9.76
N SER A 22 3.45 5.13 9.69
CA SER A 22 2.43 4.88 8.69
C SER A 22 2.62 5.74 7.45
N ASP A 23 3.70 6.50 7.44
CA ASP A 23 4.02 7.38 6.32
C ASP A 23 4.42 6.60 5.09
N GLU A 24 4.72 5.34 5.30
CA GLU A 24 5.13 4.45 4.23
C GLU A 24 4.01 4.23 3.24
N LYS A 25 2.82 4.58 3.66
CA LYS A 25 1.62 4.45 2.85
C LYS A 25 1.36 5.75 2.08
N THR A 26 1.82 6.86 2.64
CA THR A 26 1.63 8.16 2.01
C THR A 26 2.44 8.26 0.72
N GLN A 27 3.55 7.55 0.67
CA GLN A 27 4.38 7.55 -0.53
C GLN A 27 3.57 7.04 -1.72
N LEU A 28 2.54 6.26 -1.41
CA LEU A 28 1.66 5.69 -2.43
C LEU A 28 0.51 6.64 -2.76
N ILE A 29 0.38 7.66 -1.94
CA ILE A 29 -0.67 8.67 -2.10
C ILE A 29 -0.47 9.49 -3.34
N GLU A 30 0.69 9.36 -3.89
CA GLU A 30 1.09 10.06 -5.11
C GLU A 30 0.47 9.44 -6.34
N ALA A 31 -0.33 8.41 -6.12
CA ALA A 31 -1.00 7.70 -7.19
C ALA A 31 -2.39 8.27 -7.46
N PHE A 32 -3.00 8.82 -6.41
CA PHE A 32 -4.34 9.39 -6.52
C PHE A 32 -4.35 10.54 -7.53
N TYR A 33 -3.20 11.20 -7.70
CA TYR A 33 -3.08 12.31 -8.62
C TYR A 33 -2.57 11.85 -9.99
N ASN A 34 -3.09 10.72 -10.46
CA ASN A 34 -2.68 10.17 -11.75
C ASN A 34 -3.47 8.90 -12.07
N PHE A 35 -4.75 8.89 -11.70
CA PHE A 35 -5.61 7.75 -11.96
C PHE A 35 -7.04 8.03 -11.49
N ASP A 36 -7.76 8.81 -12.28
CA ASP A 36 -9.15 9.15 -11.96
C ASP A 36 -9.77 10.01 -13.05
N GLY A 37 -10.17 9.37 -14.14
CA GLY A 37 -10.78 10.08 -15.25
C GLY A 37 -12.10 9.48 -15.67
N ASP A 38 -12.15 8.15 -15.73
CA ASP A 38 -13.37 7.45 -16.13
C ASP A 38 -13.17 5.94 -16.05
N TYR A 39 -13.24 5.40 -14.83
CA TYR A 39 -13.07 3.97 -14.62
C TYR A 39 -14.19 3.41 -13.75
N ASP A 40 -14.31 2.09 -13.73
CA ASP A 40 -15.34 1.43 -12.93
C ASP A 40 -14.76 0.85 -11.65
N GLY A 41 -13.72 1.50 -11.14
CA GLY A 41 -13.08 1.02 -9.92
C GLY A 41 -12.45 -0.34 -10.09
N PHE A 42 -11.79 -0.55 -11.23
CA PHE A 42 -11.13 -1.82 -11.50
C PHE A 42 -9.94 -1.62 -12.44
N VAL A 43 -8.77 -2.07 -12.00
CA VAL A 43 -7.56 -1.95 -12.80
C VAL A 43 -6.85 -3.30 -12.91
N SER A 44 -6.60 -3.72 -14.15
CA SER A 44 -5.94 -4.99 -14.40
C SER A 44 -4.43 -4.88 -14.14
N VAL A 45 -3.83 -5.96 -13.70
CA VAL A 45 -2.39 -5.99 -13.42
C VAL A 45 -1.59 -5.64 -14.67
N GLU A 46 -2.05 -6.14 -15.81
CA GLU A 46 -1.37 -5.88 -17.08
C GLU A 46 -1.24 -4.38 -17.33
N GLU A 47 -2.19 -3.61 -16.82
CA GLU A 47 -2.19 -2.17 -16.99
C GLU A 47 -1.58 -1.48 -15.78
N PHE A 48 -1.75 -2.08 -14.61
CA PHE A 48 -1.22 -1.53 -13.37
C PHE A 48 0.30 -1.38 -13.44
N ARG A 49 0.96 -2.38 -14.02
CA ARG A 49 2.41 -2.35 -14.14
C ARG A 49 2.87 -1.12 -14.91
N GLY A 50 2.24 -0.86 -16.05
CA GLY A 50 2.60 0.29 -16.86
C GLY A 50 2.44 1.59 -16.10
N ILE A 51 1.51 1.61 -15.16
CA ILE A 51 1.26 2.81 -14.37
C ILE A 51 2.20 2.88 -13.16
N ILE A 52 2.27 1.78 -12.42
CA ILE A 52 3.12 1.71 -11.23
C ILE A 52 4.58 2.00 -11.58
N ARG A 53 5.03 1.47 -12.72
CA ARG A 53 6.41 1.68 -13.16
C ARG A 53 6.81 3.14 -13.08
N ASP A 54 6.20 3.97 -13.92
CA ASP A 54 6.49 5.40 -13.93
C ASP A 54 5.52 6.17 -13.04
N GLY A 55 4.80 5.43 -12.20
CA GLY A 55 3.83 6.07 -11.32
C GLY A 55 4.26 6.02 -9.86
N LEU A 56 4.48 4.82 -9.35
CA LEU A 56 4.88 4.64 -7.96
C LEU A 56 6.12 3.74 -7.86
N PRO A 57 7.10 4.12 -7.03
CA PRO A 57 8.33 3.35 -6.85
C PRO A 57 8.13 2.16 -5.91
N MET A 58 7.92 1.00 -6.50
CA MET A 58 7.70 -0.22 -5.73
C MET A 58 8.61 -1.34 -6.23
N THR A 59 9.15 -2.11 -5.29
CA THR A 59 10.04 -3.23 -5.63
C THR A 59 9.23 -4.43 -6.11
N GLU A 60 9.82 -5.20 -7.02
CA GLU A 60 9.17 -6.39 -7.58
C GLU A 60 8.39 -7.14 -6.51
N ALA A 61 9.08 -7.44 -5.42
CA ALA A 61 8.49 -8.16 -4.30
C ALA A 61 7.15 -7.54 -3.91
N GLU A 62 7.14 -6.23 -3.68
CA GLU A 62 5.91 -5.54 -3.32
C GLU A 62 4.84 -5.81 -4.36
N ILE A 63 5.10 -5.36 -5.59
CA ILE A 63 4.16 -5.57 -6.70
C ILE A 63 3.83 -7.04 -6.89
N THR A 64 4.87 -7.82 -7.20
CA THR A 64 4.71 -9.26 -7.42
C THR A 64 3.99 -9.91 -6.24
N GLU A 65 4.47 -9.62 -5.03
CA GLU A 65 3.85 -10.20 -3.84
C GLU A 65 2.44 -9.66 -3.65
N PHE A 66 2.18 -8.59 -4.36
CA PHE A 66 0.89 -7.95 -4.33
C PHE A 66 0.02 -8.43 -5.50
N PHE A 67 0.68 -8.87 -6.56
CA PHE A 67 -0.02 -9.36 -7.75
C PHE A 67 -0.47 -10.80 -7.55
N GLU A 68 0.27 -11.54 -6.75
CA GLU A 68 -0.06 -12.94 -6.48
C GLU A 68 -0.90 -13.06 -5.21
N ALA A 69 -0.71 -12.13 -4.29
CA ALA A 69 -1.47 -12.14 -3.03
C ALA A 69 -2.81 -11.46 -3.16
N ALA A 70 -2.98 -10.78 -4.28
CA ALA A 70 -4.21 -10.07 -4.57
C ALA A 70 -5.06 -10.84 -5.58
N ASP A 71 -4.39 -11.58 -6.45
CA ASP A 71 -5.09 -12.37 -7.46
C ASP A 71 -4.78 -13.86 -7.30
N PRO A 72 -5.66 -14.60 -6.60
CA PRO A 72 -5.48 -16.04 -6.37
C PRO A 72 -5.53 -16.85 -7.67
N ASN A 73 -6.39 -16.42 -8.59
CA ASN A 73 -6.53 -17.09 -9.88
C ASN A 73 -5.39 -16.74 -10.81
N ASN A 74 -4.85 -15.53 -10.66
CA ASN A 74 -3.75 -15.05 -11.48
C ASN A 74 -4.24 -14.70 -12.88
N THR A 75 -5.31 -13.93 -12.94
CA THR A 75 -5.88 -13.52 -14.21
C THR A 75 -5.36 -12.14 -14.62
N GLY A 76 -4.18 -11.79 -14.12
CA GLY A 76 -3.59 -10.51 -14.44
C GLY A 76 -4.53 -9.36 -14.13
N PHE A 77 -5.47 -9.60 -13.22
CA PHE A 77 -6.44 -8.58 -12.84
C PHE A 77 -6.74 -8.67 -11.34
N ILE A 78 -6.65 -7.53 -10.66
CA ILE A 78 -6.91 -7.49 -9.23
C ILE A 78 -8.25 -6.84 -8.92
N ASP A 79 -8.79 -7.17 -7.75
CA ASP A 79 -10.04 -6.58 -7.30
C ASP A 79 -9.70 -5.25 -6.63
N TYR A 80 -9.84 -4.16 -7.39
CA TYR A 80 -9.52 -2.81 -6.90
C TYR A 80 -9.70 -2.68 -5.39
N LYS A 81 -10.74 -3.29 -4.85
CA LYS A 81 -11.01 -3.22 -3.42
C LYS A 81 -9.90 -3.92 -2.64
N ALA A 82 -9.62 -5.18 -3.00
CA ALA A 82 -8.57 -5.94 -2.33
C ALA A 82 -7.25 -5.18 -2.37
N PHE A 83 -7.11 -4.30 -3.35
CA PHE A 83 -5.90 -3.51 -3.52
C PHE A 83 -6.05 -2.14 -2.84
N ALA A 84 -7.27 -1.64 -2.79
CA ALA A 84 -7.54 -0.34 -2.18
C ALA A 84 -7.65 -0.46 -0.66
N ALA A 85 -8.27 -1.55 -0.20
CA ALA A 85 -8.44 -1.77 1.23
C ALA A 85 -7.13 -2.17 1.90
N MET A 86 -6.16 -2.48 1.06
CA MET A 86 -4.84 -2.88 1.53
C MET A 86 -4.13 -1.72 2.22
N LEU A 87 -4.35 -0.51 1.70
CA LEU A 87 -3.73 0.68 2.25
C LEU A 87 -4.69 1.45 3.13
N TYR A 88 -5.91 1.00 3.09
CA TYR A 88 -7.00 1.60 3.87
C TYR A 88 -7.67 0.57 4.77
N SER A 89 -6.95 -0.50 5.08
CA SER A 89 -7.49 -1.56 5.93
C SER A 89 -7.90 -1.02 7.29
N VAL A 90 -9.15 -0.57 7.39
CA VAL A 90 -9.66 -0.03 8.63
C VAL A 90 -11.19 0.07 8.60
N ASP A 91 -11.84 -1.01 8.17
CA ASP A 91 -13.30 -1.04 8.09
C ASP A 91 -13.84 -2.34 8.66
N GLU A 92 -13.96 -2.39 9.99
CA GLU A 92 -14.47 -3.57 10.67
C GLU A 92 -15.07 -3.20 12.03
N SER A 93 -15.53 -4.22 12.75
CA SER A 93 -16.14 -4.00 14.06
C SER A 93 -15.18 -4.40 15.17
N MET A 1 -3.94 11.62 28.13
CA MET A 1 -3.69 10.50 27.19
C MET A 1 -4.53 9.27 27.54
N GLY A 2 -5.46 8.93 26.67
CA GLY A 2 -6.31 7.78 26.91
C GLY A 2 -5.91 6.57 26.09
N SER A 3 -4.62 6.49 25.76
CA SER A 3 -4.11 5.38 24.97
C SER A 3 -4.80 5.30 23.61
N SER A 4 -5.19 6.46 23.09
CA SER A 4 -5.87 6.53 21.80
C SER A 4 -4.95 7.13 20.74
N HIS A 5 -3.97 6.36 20.30
CA HIS A 5 -3.02 6.81 19.28
C HIS A 5 -2.27 8.05 19.76
N HIS A 6 -2.06 8.13 21.07
CA HIS A 6 -1.34 9.26 21.65
C HIS A 6 0.16 9.13 21.43
N HIS A 7 0.67 7.90 21.53
CA HIS A 7 2.08 7.65 21.34
C HIS A 7 2.93 8.42 22.36
N HIS A 8 3.50 7.69 23.31
CA HIS A 8 4.32 8.30 24.34
C HIS A 8 5.35 7.31 24.88
N HIS A 9 4.88 6.14 25.30
CA HIS A 9 5.77 5.11 25.83
C HIS A 9 4.99 3.85 26.18
N HIS A 10 4.56 3.12 25.16
CA HIS A 10 3.80 1.89 25.36
C HIS A 10 3.50 1.21 24.02
N SER A 11 3.70 -0.11 23.98
CA SER A 11 3.46 -0.87 22.76
C SER A 11 4.33 -0.37 21.62
N SER A 12 5.31 -1.19 21.23
CA SER A 12 6.21 -0.84 20.15
C SER A 12 7.04 -2.04 19.71
N GLY A 13 6.96 -2.38 18.42
CA GLY A 13 7.70 -3.51 17.90
C GLY A 13 9.19 -3.23 17.80
N LEU A 14 9.81 -3.74 16.75
CA LEU A 14 11.25 -3.55 16.54
C LEU A 14 11.50 -2.56 15.40
N VAL A 15 10.64 -1.54 15.31
CA VAL A 15 10.78 -0.53 14.27
C VAL A 15 10.88 0.86 14.88
N PRO A 16 11.76 1.72 14.32
CA PRO A 16 11.95 3.09 14.83
C PRO A 16 10.63 3.85 14.92
N ARG A 17 10.54 4.74 15.91
CA ARG A 17 9.34 5.53 16.12
C ARG A 17 9.55 6.98 15.67
N GLY A 18 8.47 7.65 15.32
CA GLY A 18 8.56 9.02 14.87
C GLY A 18 7.81 9.28 13.58
N SER A 19 6.61 8.72 13.48
CA SER A 19 5.79 8.88 12.28
C SER A 19 6.51 8.35 11.05
N HIS A 20 7.34 7.33 11.25
CA HIS A 20 8.09 6.73 10.14
C HIS A 20 7.72 5.26 9.98
N MET A 21 6.47 4.93 10.24
CA MET A 21 5.99 3.56 10.12
C MET A 21 4.81 3.47 9.17
N SER A 22 3.88 4.42 9.28
CA SER A 22 2.70 4.44 8.43
C SER A 22 2.95 5.23 7.15
N ASP A 23 4.18 5.66 6.97
CA ASP A 23 4.57 6.43 5.79
C ASP A 23 4.64 5.55 4.55
N GLU A 24 4.64 4.27 4.79
CA GLU A 24 4.68 3.29 3.70
C GLU A 24 3.43 3.35 2.85
N LYS A 25 2.43 3.99 3.40
CA LYS A 25 1.16 4.17 2.73
C LYS A 25 1.13 5.48 1.94
N THR A 26 1.91 6.45 2.40
CA THR A 26 1.99 7.74 1.75
C THR A 26 2.67 7.63 0.39
N GLN A 27 3.57 6.66 0.27
CA GLN A 27 4.26 6.44 -1.00
C GLN A 27 3.24 6.15 -2.10
N LEU A 28 2.07 5.65 -1.68
CA LEU A 28 0.99 5.32 -2.60
C LEU A 28 0.09 6.52 -2.85
N ILE A 29 0.29 7.53 -2.05
CA ILE A 29 -0.48 8.77 -2.14
C ILE A 29 -0.23 9.51 -3.43
N GLU A 30 0.82 9.10 -4.07
CA GLU A 30 1.23 9.66 -5.34
C GLU A 30 0.40 9.12 -6.49
N ALA A 31 -0.56 8.29 -6.16
CA ALA A 31 -1.45 7.69 -7.14
C ALA A 31 -2.72 8.52 -7.32
N PHE A 32 -3.14 9.19 -6.25
CA PHE A 32 -4.34 10.01 -6.29
C PHE A 32 -4.21 11.11 -7.34
N TYR A 33 -2.98 11.56 -7.58
CA TYR A 33 -2.73 12.61 -8.56
C TYR A 33 -2.26 12.00 -9.88
N ASN A 34 -2.78 10.83 -10.23
CA ASN A 34 -2.42 10.15 -11.45
C ASN A 34 -3.23 8.88 -11.63
N PHE A 35 -4.51 8.94 -11.27
CA PHE A 35 -5.39 7.79 -11.38
C PHE A 35 -6.85 8.19 -11.22
N ASP A 36 -7.40 8.86 -12.23
CA ASP A 36 -8.78 9.31 -12.20
C ASP A 36 -9.23 9.80 -13.56
N GLY A 37 -9.47 8.87 -14.47
CA GLY A 37 -9.90 9.24 -15.81
C GLY A 37 -11.41 9.23 -15.96
N ASP A 38 -12.05 8.20 -15.43
CA ASP A 38 -13.50 8.08 -15.51
C ASP A 38 -14.00 6.97 -14.58
N TYR A 39 -14.00 7.26 -13.28
CA TYR A 39 -14.45 6.29 -12.28
C TYR A 39 -13.61 5.02 -12.32
N ASP A 40 -12.83 4.80 -11.26
CA ASP A 40 -11.97 3.63 -11.18
C ASP A 40 -12.59 2.57 -10.27
N GLY A 41 -13.12 1.52 -10.87
CA GLY A 41 -13.73 0.45 -10.10
C GLY A 41 -12.96 -0.86 -10.18
N PHE A 42 -12.20 -1.02 -11.26
CA PHE A 42 -11.41 -2.23 -11.46
C PHE A 42 -10.19 -1.95 -12.33
N VAL A 43 -9.01 -2.27 -11.80
CA VAL A 43 -7.77 -2.06 -12.53
C VAL A 43 -6.98 -3.36 -12.65
N SER A 44 -6.80 -3.83 -13.88
CA SER A 44 -6.07 -5.06 -14.14
C SER A 44 -4.58 -4.86 -13.88
N VAL A 45 -3.91 -5.93 -13.47
CA VAL A 45 -2.47 -5.88 -13.20
C VAL A 45 -1.71 -5.36 -14.42
N GLU A 46 -1.92 -6.02 -15.55
CA GLU A 46 -1.25 -5.64 -16.80
C GLU A 46 -1.36 -4.13 -17.02
N GLU A 47 -2.44 -3.54 -16.54
CA GLU A 47 -2.66 -2.11 -16.69
C GLU A 47 -2.03 -1.35 -15.53
N PHE A 48 -1.96 -2.02 -14.38
CA PHE A 48 -1.37 -1.42 -13.18
C PHE A 48 0.14 -1.26 -13.34
N ARG A 49 0.76 -2.22 -14.01
CA ARG A 49 2.21 -2.19 -14.23
C ARG A 49 2.63 -0.89 -14.91
N GLY A 50 1.96 -0.56 -16.01
CA GLY A 50 2.28 0.65 -16.73
C GLY A 50 2.17 1.89 -15.87
N ILE A 51 1.40 1.80 -14.79
CA ILE A 51 1.21 2.91 -13.87
C ILE A 51 2.26 2.90 -12.76
N ILE A 52 2.78 1.71 -12.46
CA ILE A 52 3.79 1.57 -11.41
C ILE A 52 5.20 1.64 -12.00
N ARG A 53 5.34 1.23 -13.25
CA ARG A 53 6.64 1.25 -13.92
C ARG A 53 7.26 2.64 -13.91
N ASP A 54 6.50 3.63 -14.41
CA ASP A 54 7.00 5.00 -14.45
C ASP A 54 6.22 5.91 -13.51
N GLY A 55 5.48 5.31 -12.58
CA GLY A 55 4.70 6.10 -11.64
C GLY A 55 5.32 6.12 -10.25
N LEU A 56 4.96 5.13 -9.43
CA LEU A 56 5.47 5.05 -8.06
C LEU A 56 6.62 4.04 -7.98
N PRO A 57 7.67 4.37 -7.20
CA PRO A 57 8.82 3.49 -7.03
C PRO A 57 8.52 2.31 -6.10
N MET A 58 8.61 1.11 -6.65
CA MET A 58 8.35 -0.09 -5.87
C MET A 58 9.12 -1.28 -6.44
N THR A 59 9.68 -2.09 -5.56
CA THR A 59 10.44 -3.26 -5.97
C THR A 59 9.49 -4.38 -6.41
N GLU A 60 9.92 -5.18 -7.39
CA GLU A 60 9.12 -6.28 -7.90
C GLU A 60 8.38 -7.00 -6.77
N ALA A 61 9.15 -7.38 -5.77
CA ALA A 61 8.61 -8.07 -4.60
C ALA A 61 7.34 -7.38 -4.10
N GLU A 62 7.44 -6.08 -3.85
CA GLU A 62 6.29 -5.31 -3.37
C GLU A 62 5.12 -5.47 -4.32
N ILE A 63 5.33 -5.03 -5.56
CA ILE A 63 4.29 -5.12 -6.60
C ILE A 63 3.87 -6.57 -6.83
N THR A 64 4.83 -7.38 -7.24
CA THR A 64 4.58 -8.80 -7.52
C THR A 64 3.89 -9.47 -6.34
N GLU A 65 4.47 -9.30 -5.15
CA GLU A 65 3.90 -9.91 -3.95
C GLU A 65 2.56 -9.29 -3.64
N PHE A 66 2.32 -8.16 -4.27
CA PHE A 66 1.08 -7.44 -4.11
C PHE A 66 0.09 -7.81 -5.22
N PHE A 67 0.63 -8.24 -6.35
CA PHE A 67 -0.19 -8.63 -7.49
C PHE A 67 -0.75 -10.04 -7.30
N GLU A 68 -0.01 -10.87 -6.57
CA GLU A 68 -0.42 -12.24 -6.31
C GLU A 68 -1.33 -12.31 -5.08
N ALA A 69 -1.11 -11.40 -4.14
CA ALA A 69 -1.90 -11.36 -2.92
C ALA A 69 -3.28 -10.75 -3.17
N ALA A 70 -3.42 -10.16 -4.33
CA ALA A 70 -4.67 -9.52 -4.73
C ALA A 70 -5.49 -10.44 -5.63
N ASP A 71 -4.80 -11.29 -6.38
CA ASP A 71 -5.46 -12.24 -7.28
C ASP A 71 -5.03 -13.67 -6.99
N PRO A 72 -5.98 -14.53 -6.57
CA PRO A 72 -5.68 -15.93 -6.25
C PRO A 72 -5.23 -16.73 -7.48
N ASN A 73 -6.00 -16.63 -8.56
CA ASN A 73 -5.68 -17.33 -9.80
C ASN A 73 -4.43 -16.75 -10.44
N ASN A 74 -4.24 -15.44 -10.28
CA ASN A 74 -3.08 -14.75 -10.84
C ASN A 74 -3.26 -14.55 -12.34
N THR A 75 -4.39 -13.97 -12.72
CA THR A 75 -4.67 -13.73 -14.13
C THR A 75 -4.33 -12.29 -14.50
N GLY A 76 -3.35 -11.72 -13.81
CA GLY A 76 -2.95 -10.35 -14.08
C GLY A 76 -4.09 -9.37 -13.90
N PHE A 77 -5.05 -9.74 -13.05
CA PHE A 77 -6.20 -8.89 -12.78
C PHE A 77 -6.38 -8.69 -11.28
N ILE A 78 -6.54 -7.43 -10.87
CA ILE A 78 -6.73 -7.10 -9.46
C ILE A 78 -8.17 -6.75 -9.15
N ASP A 79 -8.55 -6.99 -7.90
CA ASP A 79 -9.87 -6.64 -7.44
C ASP A 79 -9.78 -5.33 -6.69
N TYR A 80 -10.06 -4.23 -7.40
CA TYR A 80 -9.97 -2.88 -6.83
C TYR A 80 -10.23 -2.86 -5.33
N LYS A 81 -11.22 -3.63 -4.89
CA LYS A 81 -11.56 -3.70 -3.47
C LYS A 81 -10.42 -4.33 -2.68
N ALA A 82 -10.03 -5.53 -3.07
CA ALA A 82 -8.95 -6.24 -2.40
C ALA A 82 -7.70 -5.37 -2.34
N PHE A 83 -7.59 -4.45 -3.29
CA PHE A 83 -6.45 -3.55 -3.36
C PHE A 83 -6.74 -2.27 -2.58
N ALA A 84 -8.00 -1.86 -2.55
CA ALA A 84 -8.41 -0.66 -1.84
C ALA A 84 -8.44 -0.89 -0.33
N ALA A 85 -8.95 -2.05 0.07
CA ALA A 85 -9.05 -2.40 1.49
C ALA A 85 -7.68 -2.47 2.14
N MET A 86 -6.66 -2.45 1.32
CA MET A 86 -5.29 -2.51 1.79
C MET A 86 -4.81 -1.14 2.28
N LEU A 87 -5.48 -0.08 1.83
CA LEU A 87 -5.11 1.27 2.23
C LEU A 87 -6.00 1.82 3.32
N TYR A 88 -7.11 1.16 3.49
CA TYR A 88 -8.08 1.54 4.51
C TYR A 88 -8.46 0.34 5.39
N SER A 89 -7.58 -0.66 5.42
CA SER A 89 -7.82 -1.86 6.21
C SER A 89 -7.90 -1.51 7.69
N VAL A 90 -9.08 -1.10 8.14
CA VAL A 90 -9.28 -0.74 9.54
C VAL A 90 -10.73 -0.34 9.79
N ASP A 91 -11.66 -1.13 9.27
CA ASP A 91 -13.09 -0.86 9.44
C ASP A 91 -13.49 -0.97 10.91
N GLU A 92 -14.54 -0.24 11.29
CA GLU A 92 -15.02 -0.26 12.66
C GLU A 92 -16.11 -1.31 12.84
N SER A 93 -16.45 -1.60 14.09
CA SER A 93 -17.47 -2.60 14.39
C SER A 93 -18.87 -1.98 14.32
#